data_2NPH
# 
_entry.id   2NPH 
# 
_audit_conform.dict_name       mmcif_pdbx.dic 
_audit_conform.dict_version    5.383 
_audit_conform.dict_location   http://mmcif.pdb.org/dictionaries/ascii/mmcif_pdbx.dic 
# 
loop_
_database_2.database_id 
_database_2.database_code 
_database_2.pdbx_database_accession 
_database_2.pdbx_DOI 
PDB   2NPH         pdb_00002nph 10.2210/pdb2nph/pdb 
RCSB  RCSB040143   ?            ?                   
WWPDB D_1000040143 ?            ?                   
# 
loop_
_pdbx_audit_revision_history.ordinal 
_pdbx_audit_revision_history.data_content_type 
_pdbx_audit_revision_history.major_revision 
_pdbx_audit_revision_history.minor_revision 
_pdbx_audit_revision_history.revision_date 
1 'Structure model' 1 0 2006-12-19 
2 'Structure model' 1 1 2008-05-01 
3 'Structure model' 1 2 2011-07-13 
4 'Structure model' 1 3 2017-10-18 
5 'Structure model' 1 4 2018-01-31 
6 'Structure model' 1 5 2021-10-20 
7 'Structure model' 1 6 2023-12-27 
# 
_pdbx_audit_revision_details.ordinal             1 
_pdbx_audit_revision_details.revision_ordinal    1 
_pdbx_audit_revision_details.data_content_type   'Structure model' 
_pdbx_audit_revision_details.provider            repository 
_pdbx_audit_revision_details.type                'Initial release' 
_pdbx_audit_revision_details.description         ? 
_pdbx_audit_revision_details.details             ? 
# 
loop_
_pdbx_audit_revision_group.ordinal 
_pdbx_audit_revision_group.revision_ordinal 
_pdbx_audit_revision_group.data_content_type 
_pdbx_audit_revision_group.group 
1 2 'Structure model' 'Version format compliance' 
2 3 'Structure model' 'Version format compliance' 
3 4 'Structure model' 'Refinement description'    
4 5 'Structure model' 'Database references'       
5 6 'Structure model' 'Database references'       
6 7 'Structure model' 'Data collection'           
# 
loop_
_pdbx_audit_revision_category.ordinal 
_pdbx_audit_revision_category.revision_ordinal 
_pdbx_audit_revision_category.data_content_type 
_pdbx_audit_revision_category.category 
1 4 'Structure model' software           
2 5 'Structure model' citation_author    
3 6 'Structure model' database_2         
4 6 'Structure model' struct_ref_seq_dif 
5 7 'Structure model' chem_comp_atom     
6 7 'Structure model' chem_comp_bond     
# 
loop_
_pdbx_audit_revision_item.ordinal 
_pdbx_audit_revision_item.revision_ordinal 
_pdbx_audit_revision_item.data_content_type 
_pdbx_audit_revision_item.item 
1 5 'Structure model' '_citation_author.name'               
2 6 'Structure model' '_database_2.pdbx_DOI'                
3 6 'Structure model' '_database_2.pdbx_database_accession' 
4 6 'Structure model' '_struct_ref_seq_dif.details'         
# 
_pdbx_database_status.entry_id                        2NPH 
_pdbx_database_status.deposit_site                    RCSB 
_pdbx_database_status.process_site                    RCSB 
_pdbx_database_status.recvd_initial_deposition_date   2006-10-27 
_pdbx_database_status.status_code                     REL 
_pdbx_database_status.status_code_sf                  ? 
_pdbx_database_status.status_code_mr                  ? 
_pdbx_database_status.SG_entry                        ? 
_pdbx_database_status.pdb_format_compatible           Y 
_pdbx_database_status.status_code_cs                  ? 
_pdbx_database_status.methods_development_category    ? 
_pdbx_database_status.status_code_nmr_data            ? 
# 
loop_
_pdbx_database_related.db_name 
_pdbx_database_related.db_id 
_pdbx_database_related.details 
_pdbx_database_related.content_type 
PDB 1G6L 'Unliganded closed-flap structure of tethered HIV-1 PR'                  unspecified 
PDB 1LV1 'Unliganded closed-flap structure of C1095A mutant of tethered HIV-1 PR' unspecified 
# 
loop_
_audit_author.name 
_audit_author.pdbx_ordinal 
'Hosur, M.V.' 1 
'Das, A.'     2 
'Prashar, V.' 3 
# 
loop_
_citation.id 
_citation.title 
_citation.journal_abbrev 
_citation.journal_volume 
_citation.page_first 
_citation.page_last 
_citation.year 
_citation.journal_id_ASTM 
_citation.country 
_citation.journal_id_ISSN 
_citation.journal_id_CSD 
_citation.book_publisher 
_citation.pdbx_database_id_PubMed 
_citation.pdbx_database_id_DOI 
primary 
;Crystal structure of HIV-1 protease in situ product complex and observation of a low-barrier hydrogen bond between catalytic aspartates
;
Proc.Natl.Acad.Sci.Usa      103 18464 18469 2006 PNASA6 US 0027-8424 0040 ? 17116869 10.1073/pnas.0605809103 
1       'Observation of a tetrahedral reaction intermediate in HIV-1 protease substrate complex' Biochem.J.                  389 
365   371   2005 BIJOAK UK 0264-6021 0043 ? ?        ?                       
2       'Rapid screening for HIV-1 protease inhibitor leads through X-ray diffraction' 'Acta Crystallogr.,Sect.D'  60  594   596   
2004 ABCRE6 DK 0907-4449 0766 ? ?        ?                       
3       '1.9A X-ray study shows closed flap conformation in crystals of tethered HIV-1 PR' Proteins                    43  57    
64    2001 PSFGEY US 0887-3585 0867 ? ?        ?                       
4       'Effects of remote mutation on the autolysis of HIV-1 PR: X-ray and NMR investigations' Biochem.Biophys.Res.Commun. 294 
395   401   2002 BBRCA9 US 0006-291X 0146 ? ?        ?                       
# 
loop_
_citation_author.citation_id 
_citation_author.name 
_citation_author.ordinal 
_citation_author.identifier_ORCID 
primary 'Das, A.'        1  ? 
primary 'Prashar, V.'    2  ? 
primary 'Mahale, S.'     3  ? 
primary 'Serre, L.'      4  ? 
primary 'Ferrer, J.-L.'  5  ? 
primary 'Hosur, M.V.'    6  ? 
1       'Kumar, M.'      7  ? 
1       'Prashar, V.'    8  ? 
1       'Mahale, S.'     9  ? 
1       'Hosur, M.V.'    10 ? 
2       'Pillai, B.'     11 ? 
2       'Bhat, S.V.'     12 ? 
2       'Kannan, K.K.'   13 ? 
2       'Hosur, M.V.'    14 ? 
3       'Pillai, B.'     15 ? 
3       'Kannan, K.K.'   16 ? 
3       'Hosur, M.V.'    17 ? 
4       'Kumar, M.'      18 ? 
4       'Kannan, K.K.'   19 ? 
4       'Hosur, M.V.'    20 ? 
4       'Bhavesh, N.S.'  21 ? 
4       'Chatterjee, A.' 22 ? 
4       'Mittal, R.'     23 ? 
4       'Hosur, R.V.'    24 ? 
# 
loop_
_entity.id 
_entity.type 
_entity.src_method 
_entity.pdbx_description 
_entity.formula_weight 
_entity.pdbx_number_of_molecules 
_entity.pdbx_ec 
_entity.pdbx_mutation 
_entity.pdbx_fragment 
_entity.details 
1 polymer man 'PROTEASE RETROPEPSIN'  10817.782 2   3.4.23.16 ? ? 
'Observation of a Low Barrier Hydrogen Bond between catalytic aspartates' 
2 polymer syn 'tetrapeptide fragment' 466.484   1   ?         ? ? ? 
3 polymer syn 'pentapeptide fragment' 523.537   1   ?         ? ? ? 
4 water   nat water                   18.015    156 ?         ? ? ? 
# 
_entity_name_com.entity_id   1 
_entity_name_com.name        'HIV-1 PROTEASE' 
# 
_entity_name_sys.entity_id   1 
_entity_name_sys.name        E.C.3.4.23.16 
# 
loop_
_entity_poly.entity_id 
_entity_poly.type 
_entity_poly.nstd_linkage 
_entity_poly.nstd_monomer 
_entity_poly.pdbx_seq_one_letter_code 
_entity_poly.pdbx_seq_one_letter_code_can 
_entity_poly.pdbx_strand_id 
_entity_poly.pdbx_target_identifier 
1 'polypeptide(L)' no no 
;PQVTLWQRPLVTIKIGGQLKEALLDTGADDTVLEEMSLPGRWKPKMIGGIGGFIKVRQYDQILIEICGHKAIGTVLVGPT
PVNIIGRNLLTQIGMTLNF
;
;PQVTLWQRPLVTIKIGGQLKEALLDTGADDTVLEEMSLPGRWKPKMIGGIGGFIKVRQYDQILIEICGHKAIGTVLVGPT
PVNIIGRNLLTQIGMTLNF
;
A,B ? 
2 'polypeptide(L)' no no AETF                                                                                                   
AETF                                                                                                   S   ? 
3 'polypeptide(L)' no no YVDGA                                                                                                  
YVDGA                                                                                                  T   ? 
# 
_pdbx_entity_nonpoly.entity_id   4 
_pdbx_entity_nonpoly.name        water 
_pdbx_entity_nonpoly.comp_id     HOH 
# 
loop_
_entity_poly_seq.entity_id 
_entity_poly_seq.num 
_entity_poly_seq.mon_id 
_entity_poly_seq.hetero 
1 1  PRO n 
1 2  GLN n 
1 3  VAL n 
1 4  THR n 
1 5  LEU n 
1 6  TRP n 
1 7  GLN n 
1 8  ARG n 
1 9  PRO n 
1 10 LEU n 
1 11 VAL n 
1 12 THR n 
1 13 ILE n 
1 14 LYS n 
1 15 ILE n 
1 16 GLY n 
1 17 GLY n 
1 18 GLN n 
1 19 LEU n 
1 20 LYS n 
1 21 GLU n 
1 22 ALA n 
1 23 LEU n 
1 24 LEU n 
1 25 ASP n 
1 26 THR n 
1 27 GLY n 
1 28 ALA n 
1 29 ASP n 
1 30 ASP n 
1 31 THR n 
1 32 VAL n 
1 33 LEU n 
1 34 GLU n 
1 35 GLU n 
1 36 MET n 
1 37 SER n 
1 38 LEU n 
1 39 PRO n 
1 40 GLY n 
1 41 ARG n 
1 42 TRP n 
1 43 LYS n 
1 44 PRO n 
1 45 LYS n 
1 46 MET n 
1 47 ILE n 
1 48 GLY n 
1 49 GLY n 
1 50 ILE n 
1 51 GLY n 
1 52 GLY n 
1 53 PHE n 
1 54 ILE n 
1 55 LYS n 
1 56 VAL n 
1 57 ARG n 
1 58 GLN n 
1 59 TYR n 
1 60 ASP n 
1 61 GLN n 
1 62 ILE n 
1 63 LEU n 
1 64 ILE n 
1 65 GLU n 
1 66 ILE n 
1 67 CYS n 
1 68 GLY n 
1 69 HIS n 
1 70 LYS n 
1 71 ALA n 
1 72 ILE n 
1 73 GLY n 
1 74 THR n 
1 75 VAL n 
1 76 LEU n 
1 77 VAL n 
1 78 GLY n 
1 79 PRO n 
1 80 THR n 
1 81 PRO n 
1 82 VAL n 
1 83 ASN n 
1 84 ILE n 
1 85 ILE n 
1 86 GLY n 
1 87 ARG n 
1 88 ASN n 
1 89 LEU n 
1 90 LEU n 
1 91 THR n 
1 92 GLN n 
1 93 ILE n 
1 94 GLY n 
1 95 MET n 
1 96 THR n 
1 97 LEU n 
1 98 ASN n 
1 99 PHE n 
2 1  ALA n 
2 2  GLU n 
2 3  THR n 
2 4  PHE n 
3 1  TYR n 
3 2  VAL n 
3 3  ASP n 
3 4  GLY n 
3 5  ALA n 
# 
_entity_src_gen.entity_id                          1 
_entity_src_gen.pdbx_src_id                        1 
_entity_src_gen.pdbx_alt_source_flag               sample 
_entity_src_gen.pdbx_seq_type                      ? 
_entity_src_gen.pdbx_beg_seq_num                   ? 
_entity_src_gen.pdbx_end_seq_num                   ? 
_entity_src_gen.gene_src_common_name               ? 
_entity_src_gen.gene_src_genus                     Lentivirus 
_entity_src_gen.pdbx_gene_src_gene                 pol 
_entity_src_gen.gene_src_species                   ? 
_entity_src_gen.gene_src_strain                    ? 
_entity_src_gen.gene_src_tissue                    ? 
_entity_src_gen.gene_src_tissue_fraction           ? 
_entity_src_gen.gene_src_details                   ? 
_entity_src_gen.pdbx_gene_src_fragment             ? 
_entity_src_gen.pdbx_gene_src_scientific_name      'Human immunodeficiency virus 1' 
_entity_src_gen.pdbx_gene_src_ncbi_taxonomy_id     11676 
_entity_src_gen.pdbx_gene_src_variant              ? 
_entity_src_gen.pdbx_gene_src_cell_line            ? 
_entity_src_gen.pdbx_gene_src_atcc                 ? 
_entity_src_gen.pdbx_gene_src_organ                ? 
_entity_src_gen.pdbx_gene_src_organelle            ? 
_entity_src_gen.pdbx_gene_src_cell                 ? 
_entity_src_gen.pdbx_gene_src_cellular_location    ? 
_entity_src_gen.host_org_common_name               ? 
_entity_src_gen.pdbx_host_org_scientific_name      'Escherichia coli BL21(DE3)' 
_entity_src_gen.pdbx_host_org_ncbi_taxonomy_id     469008 
_entity_src_gen.host_org_genus                     Escherichia 
_entity_src_gen.pdbx_host_org_gene                 ? 
_entity_src_gen.pdbx_host_org_organ                ? 
_entity_src_gen.host_org_species                   'Escherichia coli' 
_entity_src_gen.pdbx_host_org_tissue               ? 
_entity_src_gen.pdbx_host_org_tissue_fraction      ? 
_entity_src_gen.pdbx_host_org_strain               BL21DE3 
_entity_src_gen.pdbx_host_org_variant              ? 
_entity_src_gen.pdbx_host_org_cell_line            ? 
_entity_src_gen.pdbx_host_org_atcc                 ? 
_entity_src_gen.pdbx_host_org_culture_collection   ? 
_entity_src_gen.pdbx_host_org_cell                 ? 
_entity_src_gen.pdbx_host_org_organelle            ? 
_entity_src_gen.pdbx_host_org_cellular_location    ? 
_entity_src_gen.pdbx_host_org_vector_type          plasmid 
_entity_src_gen.pdbx_host_org_vector               ? 
_entity_src_gen.host_org_details                   ? 
_entity_src_gen.expression_system_id               ? 
_entity_src_gen.plasmid_name                       PET11A 
_entity_src_gen.plasmid_details                    ? 
_entity_src_gen.pdbx_description                   ? 
# 
loop_
_chem_comp.id 
_chem_comp.type 
_chem_comp.mon_nstd_flag 
_chem_comp.name 
_chem_comp.pdbx_synonyms 
_chem_comp.formula 
_chem_comp.formula_weight 
ALA 'L-peptide linking' y ALANINE         ? 'C3 H7 N O2'     89.093  
ARG 'L-peptide linking' y ARGININE        ? 'C6 H15 N4 O2 1' 175.209 
ASN 'L-peptide linking' y ASPARAGINE      ? 'C4 H8 N2 O3'    132.118 
ASP 'L-peptide linking' y 'ASPARTIC ACID' ? 'C4 H7 N O4'     133.103 
CYS 'L-peptide linking' y CYSTEINE        ? 'C3 H7 N O2 S'   121.158 
GLN 'L-peptide linking' y GLUTAMINE       ? 'C5 H10 N2 O3'   146.144 
GLU 'L-peptide linking' y 'GLUTAMIC ACID' ? 'C5 H9 N O4'     147.129 
GLY 'peptide linking'   y GLYCINE         ? 'C2 H5 N O2'     75.067  
HIS 'L-peptide linking' y HISTIDINE       ? 'C6 H10 N3 O2 1' 156.162 
HOH non-polymer         . WATER           ? 'H2 O'           18.015  
ILE 'L-peptide linking' y ISOLEUCINE      ? 'C6 H13 N O2'    131.173 
LEU 'L-peptide linking' y LEUCINE         ? 'C6 H13 N O2'    131.173 
LYS 'L-peptide linking' y LYSINE          ? 'C6 H15 N2 O2 1' 147.195 
MET 'L-peptide linking' y METHIONINE      ? 'C5 H11 N O2 S'  149.211 
PHE 'L-peptide linking' y PHENYLALANINE   ? 'C9 H11 N O2'    165.189 
PRO 'L-peptide linking' y PROLINE         ? 'C5 H9 N O2'     115.130 
SER 'L-peptide linking' y SERINE          ? 'C3 H7 N O3'     105.093 
THR 'L-peptide linking' y THREONINE       ? 'C4 H9 N O3'     119.119 
TRP 'L-peptide linking' y TRYPTOPHAN      ? 'C11 H12 N2 O2'  204.225 
TYR 'L-peptide linking' y TYROSINE        ? 'C9 H11 N O3'    181.189 
VAL 'L-peptide linking' y VALINE          ? 'C5 H11 N O2'    117.146 
# 
loop_
_pdbx_poly_seq_scheme.asym_id 
_pdbx_poly_seq_scheme.entity_id 
_pdbx_poly_seq_scheme.seq_id 
_pdbx_poly_seq_scheme.mon_id 
_pdbx_poly_seq_scheme.ndb_seq_num 
_pdbx_poly_seq_scheme.pdb_seq_num 
_pdbx_poly_seq_scheme.auth_seq_num 
_pdbx_poly_seq_scheme.pdb_mon_id 
_pdbx_poly_seq_scheme.auth_mon_id 
_pdbx_poly_seq_scheme.pdb_strand_id 
_pdbx_poly_seq_scheme.pdb_ins_code 
_pdbx_poly_seq_scheme.hetero 
A 1 1  PRO 1  1    1    PRO PRO A . n 
A 1 2  GLN 2  2    2    GLN GLN A . n 
A 1 3  VAL 3  3    3    VAL VAL A . n 
A 1 4  THR 4  4    4    THR THR A . n 
A 1 5  LEU 5  5    5    LEU LEU A . n 
A 1 6  TRP 6  6    6    TRP TRP A . n 
A 1 7  GLN 7  7    7    GLN GLN A . n 
A 1 8  ARG 8  8    8    ARG ARG A . n 
A 1 9  PRO 9  9    9    PRO PRO A . n 
A 1 10 LEU 10 10   10   LEU LEU A . n 
A 1 11 VAL 11 11   11   VAL VAL A . n 
A 1 12 THR 12 12   12   THR THR A . n 
A 1 13 ILE 13 13   13   ILE ILE A . n 
A 1 14 LYS 14 14   14   LYS LYS A . n 
A 1 15 ILE 15 15   15   ILE ILE A . n 
A 1 16 GLY 16 16   16   GLY GLY A . n 
A 1 17 GLY 17 17   17   GLY GLY A . n 
A 1 18 GLN 18 18   18   GLN GLN A . n 
A 1 19 LEU 19 19   19   LEU LEU A . n 
A 1 20 LYS 20 20   20   LYS LYS A . n 
A 1 21 GLU 21 21   21   GLU GLU A . n 
A 1 22 ALA 22 22   22   ALA ALA A . n 
A 1 23 LEU 23 23   23   LEU LEU A . n 
A 1 24 LEU 24 24   24   LEU LEU A . n 
A 1 25 ASP 25 25   25   ASP ASP A . n 
A 1 26 THR 26 26   26   THR THR A . n 
A 1 27 GLY 27 27   27   GLY GLY A . n 
A 1 28 ALA 28 28   28   ALA ALA A . n 
A 1 29 ASP 29 29   29   ASP ASP A . n 
A 1 30 ASP 30 30   30   ASP ASP A . n 
A 1 31 THR 31 31   31   THR THR A . n 
A 1 32 VAL 32 32   32   VAL VAL A . n 
A 1 33 LEU 33 33   33   LEU LEU A . n 
A 1 34 GLU 34 34   34   GLU GLU A . n 
A 1 35 GLU 35 35   35   GLU GLU A . n 
A 1 36 MET 36 36   36   MET MET A . n 
A 1 37 SER 37 37   37   SER SER A . n 
A 1 38 LEU 38 38   38   LEU LEU A . n 
A 1 39 PRO 39 39   39   PRO PRO A . n 
A 1 40 GLY 40 40   40   GLY GLY A . n 
A 1 41 ARG 41 41   41   ARG ARG A . n 
A 1 42 TRP 42 42   42   TRP TRP A . n 
A 1 43 LYS 43 43   43   LYS LYS A . n 
A 1 44 PRO 44 44   44   PRO PRO A . n 
A 1 45 LYS 45 45   45   LYS LYS A . n 
A 1 46 MET 46 46   46   MET MET A . n 
A 1 47 ILE 47 47   47   ILE ILE A . n 
A 1 48 GLY 48 48   48   GLY GLY A . n 
A 1 49 GLY 49 49   49   GLY GLY A . n 
A 1 50 ILE 50 50   50   ILE ILE A . n 
A 1 51 GLY 51 51   51   GLY GLY A . n 
A 1 52 GLY 52 52   52   GLY GLY A . n 
A 1 53 PHE 53 53   53   PHE PHE A . n 
A 1 54 ILE 54 54   54   ILE ILE A . n 
A 1 55 LYS 55 55   55   LYS LYS A . n 
A 1 56 VAL 56 56   56   VAL VAL A . n 
A 1 57 ARG 57 57   57   ARG ARG A . n 
A 1 58 GLN 58 58   58   GLN GLN A . n 
A 1 59 TYR 59 59   59   TYR TYR A . n 
A 1 60 ASP 60 60   60   ASP ASP A . n 
A 1 61 GLN 61 61   61   GLN GLN A . n 
A 1 62 ILE 62 62   62   ILE ILE A . n 
A 1 63 LEU 63 63   63   LEU LEU A . n 
A 1 64 ILE 64 64   64   ILE ILE A . n 
A 1 65 GLU 65 65   65   GLU GLU A . n 
A 1 66 ILE 66 66   66   ILE ILE A . n 
A 1 67 CYS 67 67   67   CYS CYS A . n 
A 1 68 GLY 68 68   68   GLY GLY A . n 
A 1 69 HIS 69 69   69   HIS HIS A . n 
A 1 70 LYS 70 70   70   LYS LYS A . n 
A 1 71 ALA 71 71   71   ALA ALA A . n 
A 1 72 ILE 72 72   72   ILE ILE A . n 
A 1 73 GLY 73 73   73   GLY GLY A . n 
A 1 74 THR 74 74   74   THR THR A . n 
A 1 75 VAL 75 75   75   VAL VAL A . n 
A 1 76 LEU 76 76   76   LEU LEU A . n 
A 1 77 VAL 77 77   77   VAL VAL A . n 
A 1 78 GLY 78 78   78   GLY GLY A . n 
A 1 79 PRO 79 79   79   PRO PRO A . n 
A 1 80 THR 80 80   80   THR THR A . n 
A 1 81 PRO 81 81   81   PRO PRO A . n 
A 1 82 VAL 82 82   82   VAL VAL A . n 
A 1 83 ASN 83 83   83   ASN ASN A . n 
A 1 84 ILE 84 84   84   ILE ILE A . n 
A 1 85 ILE 85 85   85   ILE ILE A . n 
A 1 86 GLY 86 86   86   GLY GLY A . n 
A 1 87 ARG 87 87   87   ARG ARG A . n 
A 1 88 ASN 88 88   88   ASN ASN A . n 
A 1 89 LEU 89 89   89   LEU LEU A . n 
A 1 90 LEU 90 90   90   LEU LEU A . n 
A 1 91 THR 91 91   91   THR THR A . n 
A 1 92 GLN 92 92   92   GLN GLN A . n 
A 1 93 ILE 93 93   93   ILE ILE A . n 
A 1 94 GLY 94 94   94   GLY GLY A . n 
A 1 95 MET 95 95   95   MET MET A . n 
A 1 96 THR 96 96   96   THR THR A . n 
A 1 97 LEU 97 97   97   LEU LEU A . n 
A 1 98 ASN 98 98   98   ASN ASN A . n 
A 1 99 PHE 99 99   99   PHE PHE A . n 
B 1 1  PRO 1  1001 1001 PRO PRO B . n 
B 1 2  GLN 2  1002 1002 GLN GLN B . n 
B 1 3  VAL 3  1003 1003 VAL VAL B . n 
B 1 4  THR 4  1004 1004 THR THR B . n 
B 1 5  LEU 5  1005 1005 LEU LEU B . n 
B 1 6  TRP 6  1006 1006 TRP TRP B . n 
B 1 7  GLN 7  1007 1007 GLN GLN B . n 
B 1 8  ARG 8  1008 1008 ARG ARG B . n 
B 1 9  PRO 9  1009 1009 PRO PRO B . n 
B 1 10 LEU 10 1010 1010 LEU LEU B . n 
B 1 11 VAL 11 1011 1011 VAL VAL B . n 
B 1 12 THR 12 1012 1012 THR THR B . n 
B 1 13 ILE 13 1013 1013 ILE ILE B . n 
B 1 14 LYS 14 1014 1014 LYS LYS B . n 
B 1 15 ILE 15 1015 1015 ILE ILE B . n 
B 1 16 GLY 16 1016 1016 GLY GLY B . n 
B 1 17 GLY 17 1017 1017 GLY GLY B . n 
B 1 18 GLN 18 1018 1018 GLN GLN B . n 
B 1 19 LEU 19 1019 1019 LEU LEU B . n 
B 1 20 LYS 20 1020 1020 LYS LYS B . n 
B 1 21 GLU 21 1021 1021 GLU GLU B . n 
B 1 22 ALA 22 1022 1022 ALA ALA B . n 
B 1 23 LEU 23 1023 1023 LEU LEU B . n 
B 1 24 LEU 24 1024 1024 LEU LEU B . n 
B 1 25 ASP 25 1025 1025 ASP ASP B . n 
B 1 26 THR 26 1026 1026 THR THR B . n 
B 1 27 GLY 27 1027 1027 GLY GLY B . n 
B 1 28 ALA 28 1028 1028 ALA ALA B . n 
B 1 29 ASP 29 1029 1029 ASP ASP B . n 
B 1 30 ASP 30 1030 1030 ASP ASP B . n 
B 1 31 THR 31 1031 1031 THR THR B . n 
B 1 32 VAL 32 1032 1032 VAL VAL B . n 
B 1 33 LEU 33 1033 1033 LEU LEU B . n 
B 1 34 GLU 34 1034 1034 GLU GLU B . n 
B 1 35 GLU 35 1035 1035 GLU GLU B . n 
B 1 36 MET 36 1036 1036 MET MET B . n 
B 1 37 SER 37 1037 1037 SER SER B . n 
B 1 38 LEU 38 1038 1038 LEU LEU B . n 
B 1 39 PRO 39 1039 1039 PRO PRO B . n 
B 1 40 GLY 40 1040 1040 GLY GLY B . n 
B 1 41 ARG 41 1041 1041 ARG ARG B . n 
B 1 42 TRP 42 1042 1042 TRP TRP B . n 
B 1 43 LYS 43 1043 1043 LYS LYS B . n 
B 1 44 PRO 44 1044 1044 PRO PRO B . n 
B 1 45 LYS 45 1045 1045 LYS LYS B . n 
B 1 46 MET 46 1046 1046 MET MET B . n 
B 1 47 ILE 47 1047 1047 ILE ILE B . n 
B 1 48 GLY 48 1048 1048 GLY GLY B . n 
B 1 49 GLY 49 1049 1049 GLY GLY B . n 
B 1 50 ILE 50 1050 1050 ILE ILE B . n 
B 1 51 GLY 51 1051 1051 GLY GLY B . n 
B 1 52 GLY 52 1052 1052 GLY GLY B . n 
B 1 53 PHE 53 1053 1053 PHE PHE B . n 
B 1 54 ILE 54 1054 1054 ILE ILE B . n 
B 1 55 LYS 55 1055 1055 LYS LYS B . n 
B 1 56 VAL 56 1056 1056 VAL VAL B . n 
B 1 57 ARG 57 1057 1057 ARG ARG B . n 
B 1 58 GLN 58 1058 1058 GLN GLN B . n 
B 1 59 TYR 59 1059 1059 TYR TYR B . n 
B 1 60 ASP 60 1060 1060 ASP ASP B . n 
B 1 61 GLN 61 1061 1061 GLN GLN B . n 
B 1 62 ILE 62 1062 1062 ILE ILE B . n 
B 1 63 LEU 63 1063 1063 LEU LEU B . n 
B 1 64 ILE 64 1064 1064 ILE ILE B . n 
B 1 65 GLU 65 1065 1065 GLU GLU B . n 
B 1 66 ILE 66 1066 1066 ILE ILE B . n 
B 1 67 CYS 67 1067 1067 CYS CYS B . n 
B 1 68 GLY 68 1068 1068 GLY GLY B . n 
B 1 69 HIS 69 1069 1069 HIS HIS B . n 
B 1 70 LYS 70 1070 1070 LYS LYS B . n 
B 1 71 ALA 71 1071 1071 ALA ALA B . n 
B 1 72 ILE 72 1072 1072 ILE ILE B . n 
B 1 73 GLY 73 1073 1073 GLY GLY B . n 
B 1 74 THR 74 1074 1074 THR THR B . n 
B 1 75 VAL 75 1075 1075 VAL VAL B . n 
B 1 76 LEU 76 1076 1076 LEU LEU B . n 
B 1 77 VAL 77 1077 1077 VAL VAL B . n 
B 1 78 GLY 78 1078 1078 GLY GLY B . n 
B 1 79 PRO 79 1079 1079 PRO PRO B . n 
B 1 80 THR 80 1080 1080 THR THR B . n 
B 1 81 PRO 81 1081 1081 PRO PRO B . n 
B 1 82 VAL 82 1082 1082 VAL VAL B . n 
B 1 83 ASN 83 1083 1083 ASN ASN B . n 
B 1 84 ILE 84 1084 1084 ILE ILE B . n 
B 1 85 ILE 85 1085 1085 ILE ILE B . n 
B 1 86 GLY 86 1086 1086 GLY GLY B . n 
B 1 87 ARG 87 1087 1087 ARG ARG B . n 
B 1 88 ASN 88 1088 1088 ASN ASN B . n 
B 1 89 LEU 89 1089 1089 LEU LEU B . n 
B 1 90 LEU 90 1090 1090 LEU LEU B . n 
B 1 91 THR 91 1091 1091 THR THR B . n 
B 1 92 GLN 92 1092 1092 GLN GLN B . n 
B 1 93 ILE 93 1093 1093 ILE ILE B . n 
B 1 94 GLY 94 1094 1094 GLY GLY B . n 
B 1 95 MET 95 1095 1095 MET MET B . n 
B 1 96 THR 96 1096 1096 THR THR B . n 
B 1 97 LEU 97 1097 1097 LEU LEU B . n 
B 1 98 ASN 98 1098 1098 ASN ASN B . n 
B 1 99 PHE 99 1099 1099 PHE PHE B . n 
C 2 1  ALA 1  1    1    ALA ALA S . n 
C 2 2  GLU 2  2    2    GLU GLU S . n 
C 2 3  THR 3  3    3    THR THR S . n 
C 2 4  PHE 4  4    4    PHE PHE S . n 
D 3 1  TYR 1  5    5    TYR TYR T . n 
D 3 2  VAL 2  6    6    VAL VAL T . n 
D 3 3  ASP 3  7    7    ASP ASP T . n 
D 3 4  GLY 4  8    8    GLY GLY T . n 
D 3 5  ALA 5  9    9    ALA ALA T . n 
# 
loop_
_pdbx_nonpoly_scheme.asym_id 
_pdbx_nonpoly_scheme.entity_id 
_pdbx_nonpoly_scheme.mon_id 
_pdbx_nonpoly_scheme.ndb_seq_num 
_pdbx_nonpoly_scheme.pdb_seq_num 
_pdbx_nonpoly_scheme.auth_seq_num 
_pdbx_nonpoly_scheme.pdb_mon_id 
_pdbx_nonpoly_scheme.auth_mon_id 
_pdbx_nonpoly_scheme.pdb_strand_id 
_pdbx_nonpoly_scheme.pdb_ins_code 
E 4 HOH 1  309 309 HOH HOH A . 
E 4 HOH 2  310 310 HOH HOH A . 
E 4 HOH 3  311 311 HOH HOH A . 
E 4 HOH 4  313 313 HOH HOH A . 
E 4 HOH 5  316 316 HOH HOH A . 
E 4 HOH 6  317 317 HOH HOH A . 
E 4 HOH 7  318 318 HOH HOH A . 
E 4 HOH 8  320 320 HOH HOH A . 
E 4 HOH 9  321 321 HOH HOH A . 
E 4 HOH 10 322 322 HOH HOH A . 
E 4 HOH 11 323 323 HOH HOH A . 
E 4 HOH 12 324 324 HOH HOH A . 
E 4 HOH 13 326 326 HOH HOH A . 
E 4 HOH 14 328 328 HOH HOH A . 
E 4 HOH 15 333 333 HOH HOH A . 
E 4 HOH 16 334 334 HOH HOH A . 
E 4 HOH 17 337 337 HOH HOH A . 
E 4 HOH 18 338 338 HOH HOH A . 
E 4 HOH 19 339 339 HOH HOH A . 
E 4 HOH 20 340 340 HOH HOH A . 
E 4 HOH 21 341 341 HOH HOH A . 
E 4 HOH 22 342 342 HOH HOH A . 
E 4 HOH 23 344 344 HOH HOH A . 
E 4 HOH 24 345 345 HOH HOH A . 
E 4 HOH 25 346 346 HOH HOH A . 
E 4 HOH 26 348 348 HOH HOH A . 
E 4 HOH 27 350 350 HOH HOH A . 
E 4 HOH 28 351 351 HOH HOH A . 
E 4 HOH 29 353 353 HOH HOH A . 
E 4 HOH 30 356 356 HOH HOH A . 
E 4 HOH 31 357 357 HOH HOH A . 
E 4 HOH 32 358 358 HOH HOH A . 
E 4 HOH 33 370 370 HOH HOH A . 
E 4 HOH 34 371 371 HOH HOH A . 
E 4 HOH 35 397 397 HOH HOH A . 
E 4 HOH 36 398 398 HOH HOH A . 
E 4 HOH 37 399 399 HOH HOH A . 
E 4 HOH 38 400 400 HOH HOH A . 
E 4 HOH 39 401 401 HOH HOH A . 
E 4 HOH 40 402 402 HOH HOH A . 
E 4 HOH 41 403 403 HOH HOH A . 
E 4 HOH 42 404 404 HOH HOH A . 
E 4 HOH 43 405 405 HOH HOH A . 
E 4 HOH 44 406 406 HOH HOH A . 
E 4 HOH 45 408 408 HOH HOH A . 
E 4 HOH 46 409 409 HOH HOH A . 
E 4 HOH 47 414 414 HOH HOH A . 
E 4 HOH 48 415 415 HOH HOH A . 
E 4 HOH 49 417 417 HOH HOH A . 
E 4 HOH 50 418 418 HOH HOH A . 
E 4 HOH 51 419 419 HOH HOH A . 
E 4 HOH 52 420 420 HOH HOH A . 
E 4 HOH 53 421 421 HOH HOH A . 
E 4 HOH 54 423 423 HOH HOH A . 
E 4 HOH 55 424 424 HOH HOH A . 
E 4 HOH 56 425 425 HOH HOH A . 
E 4 HOH 57 440 440 HOH HOH A . 
E 4 HOH 58 441 441 HOH HOH A . 
E 4 HOH 59 444 444 HOH HOH A . 
E 4 HOH 60 447 447 HOH HOH A . 
E 4 HOH 61 450 450 HOH HOH A . 
E 4 HOH 62 453 453 HOH HOH A . 
E 4 HOH 63 454 454 HOH HOH A . 
E 4 HOH 64 455 455 HOH HOH A . 
E 4 HOH 65 459 459 HOH HOH A . 
E 4 HOH 66 460 460 HOH HOH A . 
E 4 HOH 67 466 466 HOH HOH A . 
E 4 HOH 68 467 467 HOH HOH A . 
E 4 HOH 69 468 468 HOH HOH A . 
E 4 HOH 70 469 469 HOH HOH A . 
E 4 HOH 71 470 470 HOH HOH A . 
E 4 HOH 72 471 471 HOH HOH A . 
E 4 HOH 73 482 482 HOH HOH A . 
E 4 HOH 74 484 484 HOH HOH A . 
E 4 HOH 75 487 487 HOH HOH A . 
E 4 HOH 76 496 496 HOH HOH A . 
E 4 HOH 77 497 497 HOH HOH A . 
E 4 HOH 78 498 498 HOH HOH A . 
E 4 HOH 79 499 499 HOH HOH A . 
E 4 HOH 80 500 500 HOH HOH A . 
E 4 HOH 81 502 502 HOH HOH A . 
E 4 HOH 82 503 503 HOH HOH A . 
F 4 HOH 1  305 305 HOH HOH B . 
F 4 HOH 2  314 314 HOH HOH B . 
F 4 HOH 3  319 319 HOH HOH B . 
F 4 HOH 4  330 330 HOH HOH B . 
F 4 HOH 5  332 332 HOH HOH B . 
F 4 HOH 6  352 352 HOH HOH B . 
F 4 HOH 7  355 355 HOH HOH B . 
F 4 HOH 8  359 359 HOH HOH B . 
F 4 HOH 9  360 360 HOH HOH B . 
F 4 HOH 10 363 363 HOH HOH B . 
F 4 HOH 11 364 364 HOH HOH B . 
F 4 HOH 12 365 365 HOH HOH B . 
F 4 HOH 13 366 366 HOH HOH B . 
F 4 HOH 14 367 367 HOH HOH B . 
F 4 HOH 15 368 368 HOH HOH B . 
F 4 HOH 16 369 369 HOH HOH B . 
F 4 HOH 17 372 372 HOH HOH B . 
F 4 HOH 18 373 373 HOH HOH B . 
F 4 HOH 19 375 375 HOH HOH B . 
F 4 HOH 20 376 376 HOH HOH B . 
F 4 HOH 21 377 377 HOH HOH B . 
F 4 HOH 22 380 380 HOH HOH B . 
F 4 HOH 23 381 381 HOH HOH B . 
F 4 HOH 24 385 385 HOH HOH B . 
F 4 HOH 25 386 386 HOH HOH B . 
F 4 HOH 26 387 387 HOH HOH B . 
F 4 HOH 27 389 389 HOH HOH B . 
F 4 HOH 28 390 390 HOH HOH B . 
F 4 HOH 29 391 391 HOH HOH B . 
F 4 HOH 30 393 393 HOH HOH B . 
F 4 HOH 31 394 394 HOH HOH B . 
F 4 HOH 32 395 395 HOH HOH B . 
F 4 HOH 33 396 396 HOH HOH B . 
F 4 HOH 34 442 442 HOH HOH B . 
F 4 HOH 35 443 443 HOH HOH B . 
F 4 HOH 36 445 445 HOH HOH B . 
F 4 HOH 37 446 446 HOH HOH B . 
F 4 HOH 38 448 448 HOH HOH B . 
F 4 HOH 39 449 449 HOH HOH B . 
F 4 HOH 40 451 451 HOH HOH B . 
F 4 HOH 41 452 452 HOH HOH B . 
F 4 HOH 42 456 456 HOH HOH B . 
F 4 HOH 43 458 458 HOH HOH B . 
F 4 HOH 44 461 461 HOH HOH B . 
F 4 HOH 45 462 462 HOH HOH B . 
F 4 HOH 46 463 463 HOH HOH B . 
F 4 HOH 47 464 464 HOH HOH B . 
F 4 HOH 48 465 465 HOH HOH B . 
F 4 HOH 49 472 472 HOH HOH B . 
F 4 HOH 50 473 473 HOH HOH B . 
F 4 HOH 51 474 474 HOH HOH B . 
F 4 HOH 52 475 475 HOH HOH B . 
F 4 HOH 53 476 476 HOH HOH B . 
F 4 HOH 54 477 477 HOH HOH B . 
F 4 HOH 55 478 478 HOH HOH B . 
F 4 HOH 56 479 479 HOH HOH B . 
F 4 HOH 57 480 480 HOH HOH B . 
F 4 HOH 58 481 481 HOH HOH B . 
F 4 HOH 59 483 483 HOH HOH B . 
F 4 HOH 60 485 485 HOH HOH B . 
F 4 HOH 61 486 486 HOH HOH B . 
F 4 HOH 62 488 488 HOH HOH B . 
F 4 HOH 63 489 489 HOH HOH B . 
F 4 HOH 64 490 490 HOH HOH B . 
F 4 HOH 65 491 491 HOH HOH B . 
F 4 HOH 66 492 492 HOH HOH B . 
F 4 HOH 67 493 493 HOH HOH B . 
F 4 HOH 68 494 494 HOH HOH B . 
F 4 HOH 69 495 495 HOH HOH B . 
F 4 HOH 70 501 501 HOH HOH B . 
F 4 HOH 71 504 504 HOH HOH B . 
F 4 HOH 72 506 506 HOH HOH B . 
G 4 HOH 1  301 301 HOH HOH T . 
G 4 HOH 2  388 388 HOH HOH T . 
# 
loop_
_pdbx_unobs_or_zero_occ_atoms.id 
_pdbx_unobs_or_zero_occ_atoms.PDB_model_num 
_pdbx_unobs_or_zero_occ_atoms.polymer_flag 
_pdbx_unobs_or_zero_occ_atoms.occupancy_flag 
_pdbx_unobs_or_zero_occ_atoms.auth_asym_id 
_pdbx_unobs_or_zero_occ_atoms.auth_comp_id 
_pdbx_unobs_or_zero_occ_atoms.auth_seq_id 
_pdbx_unobs_or_zero_occ_atoms.PDB_ins_code 
_pdbx_unobs_or_zero_occ_atoms.auth_atom_id 
_pdbx_unobs_or_zero_occ_atoms.label_alt_id 
_pdbx_unobs_or_zero_occ_atoms.label_asym_id 
_pdbx_unobs_or_zero_occ_atoms.label_comp_id 
_pdbx_unobs_or_zero_occ_atoms.label_seq_id 
_pdbx_unobs_or_zero_occ_atoms.label_atom_id 
1 1 Y 1 B MET 1095 ? CG ? B MET 95 CG 
2 1 Y 1 B MET 1095 ? SD ? B MET 95 SD 
3 1 Y 1 B MET 1095 ? CE ? B MET 95 CE 
# 
loop_
_software.name 
_software.version 
_software.date 
_software.type 
_software.contact_author 
_software.contact_author_email 
_software.classification 
_software.location 
_software.language 
_software.citation_id 
_software.pdbx_ordinal 
REFMAC      5.2.0005  ?                program 'Murshudov, G.N.' ccp4@dl.ac.uk            refinement        
http://www.ccp4.ac.uk/main.html  Fortran_77 ? 1 
PDB_EXTRACT 2.000     'April. 3, 2006' package PDB               sw-help@rcsb.rutgers.edu 'data extraction' 
http://pdb.rutgers.edu/software/ C++        ? 2 
MAR345      'CCD 165' ?                ?       ?                 ?                        'data collection' ? ?          ? 3 
XDS         .         ?                ?       ?                 ?                        'data reduction'  ? ?          ? 4 
XDS         .         ?                ?       ?                 ?                        'data scaling'    ? ?          ? 5 
CNS         .         ?                ?       ?                 ?                        phasing           ? ?          ? 6 
# 
_cell.length_a           62.030 
_cell.length_b           62.030 
_cell.length_c           81.780 
_cell.angle_alpha        90.000 
_cell.angle_beta         90.000 
_cell.angle_gamma        120.000 
_cell.entry_id           2NPH 
_cell.Z_PDB              12 
_cell.pdbx_unique_axis   ? 
_cell.length_a_esd       ? 
_cell.length_b_esd       ? 
_cell.length_c_esd       ? 
_cell.angle_alpha_esd    ? 
_cell.angle_beta_esd     ? 
_cell.angle_gamma_esd    ? 
# 
_symmetry.space_group_name_H-M             'P 61' 
_symmetry.entry_id                         2NPH 
_symmetry.pdbx_full_space_group_name_H-M   ? 
_symmetry.Int_Tables_number                169 
_symmetry.cell_setting                     ? 
_symmetry.space_group_name_Hall            ? 
# 
_exptl.crystals_number   1 
_exptl.entry_id          2NPH 
_exptl.method            'X-RAY DIFFRACTION' 
# 
_exptl_crystal.id                    1 
_exptl_crystal.density_meas          ? 
_exptl_crystal.density_Matthews      2.01 
_exptl_crystal.density_percent_sol   38.69 
_exptl_crystal.description           ? 
_exptl_crystal.F_000                 ? 
_exptl_crystal.preparation           ? 
# 
_exptl_crystal_grow.crystal_id      1 
_exptl_crystal_grow.method          'VAPOR DIFFUSION, HANGING DROP' 
_exptl_crystal_grow.pH              6.2 
_exptl_crystal_grow.temp            298 
_exptl_crystal_grow.pdbx_details    'Ammonium Sulfate precipitant, pH 6.2, VAPOR DIFFUSION, HANGING DROP, temperature 298K' 
_exptl_crystal_grow.temp_details    ? 
_exptl_crystal_grow.pdbx_pH_range   . 
# 
_diffrn.id                     1 
_diffrn.ambient_temp           100 
_diffrn.ambient_temp_details   ? 
_diffrn.crystal_id             1 
# 
_diffrn_radiation.diffrn_id                        1 
_diffrn_radiation.wavelength_id                    1 
_diffrn_radiation.pdbx_diffrn_protocol             'SINGLE WAVELENGTH' 
_diffrn_radiation.monochromator                    'Si 111' 
_diffrn_radiation.pdbx_monochromatic_or_laue_m_l   M 
_diffrn_radiation.pdbx_scattering_type             x-ray 
# 
_diffrn_radiation_wavelength.id           1 
_diffrn_radiation_wavelength.wavelength   0.97945 
_diffrn_radiation_wavelength.wt           1.0 
# 
_diffrn_source.diffrn_id                   1 
_diffrn_source.source                      SYNCHROTRON 
_diffrn_source.type                        'ESRF BEAMLINE BM30A' 
_diffrn_source.pdbx_wavelength             ? 
_diffrn_source.pdbx_wavelength_list        0.97945 
_diffrn_source.pdbx_synchrotron_site       ESRF 
_diffrn_source.pdbx_synchrotron_beamline   BM30A 
# 
_reflns.entry_id                     2NPH 
_reflns.observed_criterion_sigma_F   0.0 
_reflns.observed_criterion_sigma_I   0.0 
_reflns.d_resolution_high            1.650 
_reflns.d_resolution_low             32.53 
_reflns.number_all                   20957 
_reflns.number_obs                   20326 
_reflns.percent_possible_obs         97.0 
_reflns.pdbx_Rmerge_I_obs            0.081 
_reflns.pdbx_Rsym_value              0.081 
_reflns.pdbx_netI_over_sigmaI        10.16 
_reflns.B_iso_Wilson_estimate        39.3 
_reflns.pdbx_redundancy              5.53 
_reflns.R_free_details               ? 
_reflns.limit_h_max                  ? 
_reflns.limit_h_min                  ? 
_reflns.limit_k_max                  ? 
_reflns.limit_k_min                  ? 
_reflns.limit_l_max                  ? 
_reflns.limit_l_min                  ? 
_reflns.observed_criterion_F_max     ? 
_reflns.observed_criterion_F_min     ? 
_reflns.pdbx_chi_squared             ? 
_reflns.pdbx_scaling_rejects         ? 
_reflns.pdbx_diffrn_id               1 
_reflns.pdbx_ordinal                 1 
# 
_refine.entry_id                                 2NPH 
_refine.ls_d_res_high                            1.650 
_refine.ls_d_res_low                             32.530 
_refine.pdbx_ls_sigma_F                          0.00 
_refine.ls_percent_reflns_obs                    100.000 
_refine.ls_number_reflns_obs                     20326 
_refine.pdbx_ls_cross_valid_method               THROUGHOUT 
_refine.pdbx_R_Free_selection_details            RANDOM 
_refine.details                                  'HYDROGENS HAVE BEEN ADDED IN THE RIDING POSITIONS' 
_refine.ls_R_factor_obs                          0.216 
_refine.ls_R_factor_R_work                       0.214 
_refine.ls_R_factor_R_free                       0.259 
_refine.ls_percent_reflns_R_free                 5.000 
_refine.ls_number_reflns_R_free                  1069 
_refine.B_iso_mean                               33.426 
_refine.aniso_B[1][1]                            0.360 
_refine.aniso_B[2][2]                            0.360 
_refine.aniso_B[3][3]                            -0.540 
_refine.aniso_B[1][2]                            0.180 
_refine.aniso_B[1][3]                            0.000 
_refine.aniso_B[2][3]                            0.000 
_refine.correlation_coeff_Fo_to_Fc               0.957 
_refine.correlation_coeff_Fo_to_Fc_free          0.935 
_refine.pdbx_overall_ESU_R                       0.130 
_refine.pdbx_overall_ESU_R_Free                  0.127 
_refine.overall_SU_ML                            0.097 
_refine.overall_SU_B                             5.895 
_refine.solvent_model_details                    MASK 
_refine.pdbx_solvent_vdw_probe_radii             1.200 
_refine.pdbx_solvent_ion_probe_radii             0.800 
_refine.pdbx_solvent_shrinkage_radii             0.800 
_refine.pdbx_stereochemistry_target_values       'MAXIMUM LIKELIHOOD' 
_refine.pdbx_ls_sigma_I                          ? 
_refine.ls_number_reflns_all                     20957 
_refine.ls_R_factor_all                          0.216 
_refine.ls_redundancy_reflns_obs                 ? 
_refine.pdbx_data_cutoff_high_absF               ? 
_refine.pdbx_data_cutoff_low_absF                ? 
_refine.ls_number_parameters                     ? 
_refine.ls_number_restraints                     ? 
_refine.ls_R_factor_R_free_error                 ? 
_refine.ls_R_factor_R_free_error_details         ? 
_refine.pdbx_method_to_determine_struct          'MOLECULAR REPLACEMENT' 
_refine.pdbx_starting_model                      ? 
_refine.pdbx_stereochem_target_val_spec_case     ? 
_refine.solvent_model_param_bsol                 ? 
_refine.solvent_model_param_ksol                 ? 
_refine.occupancy_max                            ? 
_refine.occupancy_min                            ? 
_refine.pdbx_isotropic_thermal_model             ? 
_refine.B_iso_min                                ? 
_refine.B_iso_max                                ? 
_refine.overall_SU_R_Cruickshank_DPI             ? 
_refine.overall_SU_R_free                        ? 
_refine.pdbx_data_cutoff_high_rms_absF           ? 
_refine.ls_wR_factor_R_free                      ? 
_refine.ls_wR_factor_R_work                      ? 
_refine.overall_FOM_free_R_set                   ? 
_refine.overall_FOM_work_R_set                   ? 
_refine.pdbx_refine_id                           'X-RAY DIFFRACTION' 
_refine.pdbx_diffrn_id                           1 
_refine.pdbx_TLS_residual_ADP_flag               ? 
_refine.pdbx_overall_phase_error                 ? 
_refine.pdbx_overall_SU_R_free_Cruickshank_DPI   ? 
_refine.pdbx_overall_SU_R_Blow_DPI               ? 
_refine.pdbx_overall_SU_R_free_Blow_DPI          ? 
# 
_refine_hist.pdbx_refine_id                   'X-RAY DIFFRACTION' 
_refine_hist.cycle_id                         LAST 
_refine_hist.pdbx_number_atoms_protein        1585 
_refine_hist.pdbx_number_atoms_nucleic_acid   0 
_refine_hist.pdbx_number_atoms_ligand         0 
_refine_hist.number_atoms_solvent             156 
_refine_hist.number_atoms_total               1741 
_refine_hist.d_res_high                       1.650 
_refine_hist.d_res_low                        32.530 
# 
loop_
_refine_ls_restr.type 
_refine_ls_restr.number 
_refine_ls_restr.dev_ideal 
_refine_ls_restr.dev_ideal_target 
_refine_ls_restr.weight 
_refine_ls_restr.pdbx_refine_id 
_refine_ls_restr.pdbx_restraint_function 
r_bond_refined_d         1611 0.015  0.022  ? 'X-RAY DIFFRACTION' ? 
r_angle_refined_deg      2183 1.546  1.989  ? 'X-RAY DIFFRACTION' ? 
r_dihedral_angle_1_deg   203  5.207  5.000  ? 'X-RAY DIFFRACTION' ? 
r_dihedral_angle_2_deg   58   40.938 24.828 ? 'X-RAY DIFFRACTION' ? 
r_dihedral_angle_3_deg   290  12.526 15.000 ? 'X-RAY DIFFRACTION' ? 
r_dihedral_angle_4_deg   8    14.582 15.000 ? 'X-RAY DIFFRACTION' ? 
r_chiral_restr           260  0.104  0.200  ? 'X-RAY DIFFRACTION' ? 
r_gen_planes_refined     1163 0.007  0.020  ? 'X-RAY DIFFRACTION' ? 
r_nbd_refined            823  0.253  0.300  ? 'X-RAY DIFFRACTION' ? 
r_nbtor_refined          1113 0.331  0.500  ? 'X-RAY DIFFRACTION' ? 
r_xyhbond_nbd_refined    190  0.283  0.700  ? 'X-RAY DIFFRACTION' ? 
r_symmetry_vdw_refined   82   0.288  0.300  ? 'X-RAY DIFFRACTION' ? 
r_symmetry_hbond_refined 38   0.760  0.700  ? 'X-RAY DIFFRACTION' ? 
r_mcbond_it              1041 1.160  1.500  ? 'X-RAY DIFFRACTION' ? 
r_mcangle_it             1652 1.945  2.000  ? 'X-RAY DIFFRACTION' ? 
r_scbond_it              634  2.941  3.000  ? 'X-RAY DIFFRACTION' ? 
r_scangle_it             531  4.892  4.500  ? 'X-RAY DIFFRACTION' ? 
# 
_refine_ls_shell.d_res_high                       1.650 
_refine_ls_shell.d_res_low                        1.693 
_refine_ls_shell.pdbx_total_number_of_bins_used   20 
_refine_ls_shell.percent_reflns_obs               100.000 
_refine_ls_shell.number_reflns_R_work             1501 
_refine_ls_shell.R_factor_all                     ? 
_refine_ls_shell.R_factor_R_work                  0.302 
_refine_ls_shell.R_factor_R_free                  0.315 
_refine_ls_shell.percent_reflns_R_free            ? 
_refine_ls_shell.number_reflns_R_free             79 
_refine_ls_shell.R_factor_R_free_error            ? 
_refine_ls_shell.number_reflns_all                ? 
_refine_ls_shell.number_reflns_obs                1580 
_refine_ls_shell.redundancy_reflns_obs            ? 
_refine_ls_shell.pdbx_refine_id                   'X-RAY DIFFRACTION' 
# 
_struct.entry_id                  2NPH 
_struct.title                     'Crystal structure of HIV1 protease in situ product complex' 
_struct.pdbx_model_details        ? 
_struct.pdbx_CASP_flag            N 
_struct.pdbx_model_type_details   ? 
# 
_struct_keywords.entry_id        2NPH 
_struct_keywords.pdbx_keywords   HYDROLASE 
_struct_keywords.text            'anti-parallel beta sheet, HYDROLASE' 
# 
loop_
_struct_asym.id 
_struct_asym.pdbx_blank_PDB_chainid_flag 
_struct_asym.pdbx_modified 
_struct_asym.entity_id 
_struct_asym.details 
A N N 1 ? 
B N N 1 ? 
C N N 2 ? 
D N N 3 ? 
E N N 4 ? 
F N N 4 ? 
G N N 4 ? 
# 
loop_
_struct_ref.id 
_struct_ref.entity_id 
_struct_ref.db_name 
_struct_ref.db_code 
_struct_ref.pdbx_db_accession 
_struct_ref.pdbx_align_begin 
_struct_ref.pdbx_seq_one_letter_code 
_struct_ref.pdbx_db_isoform 
1 1 UNP Q72874_9HIV1 Q72874 1 
;PQVTLWQRPLVTIKIGGQLKEALLDTGADDTVLEEMSLPGRWKPKMIGGIGGFIKVRQYDQILIEICGHKAIGTVLVGPT
PVNIIGRNLLTQIGCTLNF
;
? 
2 2 PDB 2NPH         2NPH   ? ? ? 
3 3 PDB 2NPH         2NPH   ? ? ? 
# 
loop_
_struct_ref_seq.align_id 
_struct_ref_seq.ref_id 
_struct_ref_seq.pdbx_PDB_id_code 
_struct_ref_seq.pdbx_strand_id 
_struct_ref_seq.seq_align_beg 
_struct_ref_seq.pdbx_seq_align_beg_ins_code 
_struct_ref_seq.seq_align_end 
_struct_ref_seq.pdbx_seq_align_end_ins_code 
_struct_ref_seq.pdbx_db_accession 
_struct_ref_seq.db_align_beg 
_struct_ref_seq.pdbx_db_align_beg_ins_code 
_struct_ref_seq.db_align_end 
_struct_ref_seq.pdbx_db_align_end_ins_code 
_struct_ref_seq.pdbx_auth_seq_align_beg 
_struct_ref_seq.pdbx_auth_seq_align_end 
1 1 2NPH A 1 ? 99 ? Q72874 1 ? 99 ? 1    99   
2 1 2NPH B 1 ? 99 ? Q72874 1 ? 99 ? 1001 1099 
3 2 2NPH S 1 ? 4  ? 2NPH   1 ? 4  ? 1    4    
4 3 2NPH T 1 ? 5  ? 2NPH   5 ? 9  ? 5    9    
# 
loop_
_struct_ref_seq_dif.align_id 
_struct_ref_seq_dif.pdbx_pdb_id_code 
_struct_ref_seq_dif.mon_id 
_struct_ref_seq_dif.pdbx_pdb_strand_id 
_struct_ref_seq_dif.seq_num 
_struct_ref_seq_dif.pdbx_pdb_ins_code 
_struct_ref_seq_dif.pdbx_seq_db_name 
_struct_ref_seq_dif.pdbx_seq_db_accession_code 
_struct_ref_seq_dif.db_mon_id 
_struct_ref_seq_dif.pdbx_seq_db_seq_num 
_struct_ref_seq_dif.details 
_struct_ref_seq_dif.pdbx_auth_seq_num 
_struct_ref_seq_dif.pdbx_ordinal 
1 2NPH MET A 95 ? UNP Q72874 CYS 95 'engineered mutation' 95   1 
2 2NPH MET B 95 ? UNP Q72874 CYS 95 'engineered mutation' 1095 2 
# 
_pdbx_struct_assembly.id                   1 
_pdbx_struct_assembly.details              author_and_software_defined_assembly 
_pdbx_struct_assembly.method_details       PISA 
_pdbx_struct_assembly.oligomeric_details   tetrameric 
_pdbx_struct_assembly.oligomeric_count     4 
# 
loop_
_pdbx_struct_assembly_prop.biol_id 
_pdbx_struct_assembly_prop.type 
_pdbx_struct_assembly_prop.value 
_pdbx_struct_assembly_prop.details 
1 'ABSA (A^2)' 5480 ? 
1 MORE         -26  ? 
1 'SSA (A^2)'  9140 ? 
# 
_pdbx_struct_assembly_gen.assembly_id       1 
_pdbx_struct_assembly_gen.oper_expression   1 
_pdbx_struct_assembly_gen.asym_id_list      A,B,C,D,E,F,G 
# 
_pdbx_struct_oper_list.id                   1 
_pdbx_struct_oper_list.type                 'identity operation' 
_pdbx_struct_oper_list.name                 1_555 
_pdbx_struct_oper_list.symmetry_operation   x,y,z 
_pdbx_struct_oper_list.matrix[1][1]         1.0000000000 
_pdbx_struct_oper_list.matrix[1][2]         0.0000000000 
_pdbx_struct_oper_list.matrix[1][3]         0.0000000000 
_pdbx_struct_oper_list.vector[1]            0.0000000000 
_pdbx_struct_oper_list.matrix[2][1]         0.0000000000 
_pdbx_struct_oper_list.matrix[2][2]         1.0000000000 
_pdbx_struct_oper_list.matrix[2][3]         0.0000000000 
_pdbx_struct_oper_list.vector[2]            0.0000000000 
_pdbx_struct_oper_list.matrix[3][1]         0.0000000000 
_pdbx_struct_oper_list.matrix[3][2]         0.0000000000 
_pdbx_struct_oper_list.matrix[3][3]         1.0000000000 
_pdbx_struct_oper_list.vector[3]            0.0000000000 
# 
_struct_biol.id                    1 
_struct_biol.details               'The functional dimer is in the asymmetric unit.' 
_struct_biol.pdbx_parent_biol_id   ? 
# 
loop_
_struct_conf.conf_type_id 
_struct_conf.id 
_struct_conf.pdbx_PDB_helix_id 
_struct_conf.beg_label_comp_id 
_struct_conf.beg_label_asym_id 
_struct_conf.beg_label_seq_id 
_struct_conf.pdbx_beg_PDB_ins_code 
_struct_conf.end_label_comp_id 
_struct_conf.end_label_asym_id 
_struct_conf.end_label_seq_id 
_struct_conf.pdbx_end_PDB_ins_code 
_struct_conf.beg_auth_comp_id 
_struct_conf.beg_auth_asym_id 
_struct_conf.beg_auth_seq_id 
_struct_conf.end_auth_comp_id 
_struct_conf.end_auth_asym_id 
_struct_conf.end_auth_seq_id 
_struct_conf.pdbx_PDB_helix_class 
_struct_conf.details 
_struct_conf.pdbx_PDB_helix_length 
HELX_P HELX_P1 1 GLY A 86 ? THR A 91 ? GLY A 86   THR A 91   1 ? 6 
HELX_P HELX_P2 2 GLN A 92 ? GLY A 94 ? GLN A 92   GLY A 94   5 ? 3 
HELX_P HELX_P3 3 GLY B 86 ? THR B 91 ? GLY B 1086 THR B 1091 1 ? 6 
HELX_P HELX_P4 4 GLN B 92 ? GLY B 94 ? GLN B 1092 GLY B 1094 5 ? 3 
# 
_struct_conf_type.id          HELX_P 
_struct_conf_type.criteria    ? 
_struct_conf_type.reference   ? 
# 
loop_
_struct_sheet.id 
_struct_sheet.type 
_struct_sheet.number_strands 
_struct_sheet.details 
A ? 4 ? 
B ? 8 ? 
C ? 8 ? 
# 
loop_
_struct_sheet_order.sheet_id 
_struct_sheet_order.range_id_1 
_struct_sheet_order.range_id_2 
_struct_sheet_order.offset 
_struct_sheet_order.sense 
A 1 2 ? anti-parallel 
A 2 3 ? anti-parallel 
A 3 4 ? anti-parallel 
B 1 2 ? anti-parallel 
B 2 3 ? anti-parallel 
B 3 4 ? parallel      
B 4 5 ? anti-parallel 
B 5 6 ? parallel      
B 6 7 ? anti-parallel 
B 7 8 ? anti-parallel 
C 1 2 ? anti-parallel 
C 2 3 ? anti-parallel 
C 3 4 ? parallel      
C 4 5 ? anti-parallel 
C 5 6 ? parallel      
C 6 7 ? anti-parallel 
C 7 8 ? anti-parallel 
# 
loop_
_struct_sheet_range.sheet_id 
_struct_sheet_range.id 
_struct_sheet_range.beg_label_comp_id 
_struct_sheet_range.beg_label_asym_id 
_struct_sheet_range.beg_label_seq_id 
_struct_sheet_range.pdbx_beg_PDB_ins_code 
_struct_sheet_range.end_label_comp_id 
_struct_sheet_range.end_label_asym_id 
_struct_sheet_range.end_label_seq_id 
_struct_sheet_range.pdbx_end_PDB_ins_code 
_struct_sheet_range.beg_auth_comp_id 
_struct_sheet_range.beg_auth_asym_id 
_struct_sheet_range.beg_auth_seq_id 
_struct_sheet_range.end_auth_comp_id 
_struct_sheet_range.end_auth_asym_id 
_struct_sheet_range.end_auth_seq_id 
A 1 VAL A 3  ? THR A 4  ? VAL A 3    THR A 4    
A 2 THR B 96 ? ASN B 98 ? THR B 1096 ASN B 1098 
A 3 THR A 96 ? ASN A 98 ? THR A 96   ASN A 98   
A 4 GLN B 2  ? THR B 4  ? GLN B 1002 THR B 1004 
B 1 LYS A 43 ? GLY A 49 ? LYS A 43   GLY A 49   
B 2 GLY A 52 ? ILE A 66 ? GLY A 52   ILE A 66   
B 3 HIS A 69 ? VAL A 77 ? HIS A 69   VAL A 77   
B 4 VAL A 32 ? LEU A 33 ? VAL A 32   LEU A 33   
B 5 ILE A 84 ? ILE A 85 ? ILE A 84   ILE A 85   
B 6 GLN A 18 ? LEU A 24 ? GLN A 18   LEU A 24   
B 7 LEU A 10 ? ILE A 15 ? LEU A 10   ILE A 15   
B 8 GLY A 52 ? ILE A 66 ? GLY A 52   ILE A 66   
C 1 LYS B 43 ? GLY B 49 ? LYS B 1043 GLY B 1049 
C 2 GLY B 52 ? ILE B 66 ? GLY B 1052 ILE B 1066 
C 3 HIS B 69 ? VAL B 77 ? HIS B 1069 VAL B 1077 
C 4 VAL B 32 ? LEU B 33 ? VAL B 1032 LEU B 1033 
C 5 ILE B 84 ? ILE B 85 ? ILE B 1084 ILE B 1085 
C 6 GLN B 18 ? LEU B 24 ? GLN B 1018 LEU B 1024 
C 7 LEU B 10 ? ILE B 15 ? LEU B 1010 ILE B 1015 
C 8 GLY B 52 ? ILE B 66 ? GLY B 1052 ILE B 1066 
# 
loop_
_pdbx_struct_sheet_hbond.sheet_id 
_pdbx_struct_sheet_hbond.range_id_1 
_pdbx_struct_sheet_hbond.range_id_2 
_pdbx_struct_sheet_hbond.range_1_label_atom_id 
_pdbx_struct_sheet_hbond.range_1_label_comp_id 
_pdbx_struct_sheet_hbond.range_1_label_asym_id 
_pdbx_struct_sheet_hbond.range_1_label_seq_id 
_pdbx_struct_sheet_hbond.range_1_PDB_ins_code 
_pdbx_struct_sheet_hbond.range_1_auth_atom_id 
_pdbx_struct_sheet_hbond.range_1_auth_comp_id 
_pdbx_struct_sheet_hbond.range_1_auth_asym_id 
_pdbx_struct_sheet_hbond.range_1_auth_seq_id 
_pdbx_struct_sheet_hbond.range_2_label_atom_id 
_pdbx_struct_sheet_hbond.range_2_label_comp_id 
_pdbx_struct_sheet_hbond.range_2_label_asym_id 
_pdbx_struct_sheet_hbond.range_2_label_seq_id 
_pdbx_struct_sheet_hbond.range_2_PDB_ins_code 
_pdbx_struct_sheet_hbond.range_2_auth_atom_id 
_pdbx_struct_sheet_hbond.range_2_auth_comp_id 
_pdbx_struct_sheet_hbond.range_2_auth_asym_id 
_pdbx_struct_sheet_hbond.range_2_auth_seq_id 
A 1 2 N VAL A 3  ? N VAL A 3    O LEU B 97 ? O LEU B 1097 
A 2 3 O THR B 96 ? O THR B 1096 N ASN A 98 ? N ASN A 98   
A 3 4 N LEU A 97 ? N LEU A 97   O VAL B 3  ? O VAL B 1003 
B 1 2 N LYS A 45 ? N LYS A 45   O VAL A 56 ? O VAL A 56   
B 2 3 N ILE A 66 ? N ILE A 66   O HIS A 69 ? O HIS A 69   
B 3 4 O LEU A 76 ? O LEU A 76   N LEU A 33 ? N LEU A 33   
B 4 5 N VAL A 32 ? N VAL A 32   O ILE A 84 ? O ILE A 84   
B 5 6 O ILE A 85 ? O ILE A 85   N LEU A 23 ? N LEU A 23   
B 6 7 O ALA A 22 ? O ALA A 22   N VAL A 11 ? N VAL A 11   
B 7 8 N LYS A 14 ? N LYS A 14   O GLU A 65 ? O GLU A 65   
C 1 2 N GLY B 49 ? N GLY B 1049 O GLY B 52 ? O GLY B 1052 
C 2 3 N ARG B 57 ? N ARG B 1057 O VAL B 77 ? O VAL B 1077 
C 3 4 O LEU B 76 ? O LEU B 1076 N LEU B 33 ? N LEU B 1033 
C 4 5 N VAL B 32 ? N VAL B 1032 O ILE B 84 ? O ILE B 1084 
C 5 6 O ILE B 85 ? O ILE B 1085 N LEU B 23 ? N LEU B 1023 
C 6 7 O LYS B 20 ? O LYS B 1020 N ILE B 13 ? N ILE B 1013 
C 7 8 N LYS B 14 ? N LYS B 1014 O GLU B 65 ? O GLU B 1065 
# 
loop_
_pdbx_validate_close_contact.id 
_pdbx_validate_close_contact.PDB_model_num 
_pdbx_validate_close_contact.auth_atom_id_1 
_pdbx_validate_close_contact.auth_asym_id_1 
_pdbx_validate_close_contact.auth_comp_id_1 
_pdbx_validate_close_contact.auth_seq_id_1 
_pdbx_validate_close_contact.PDB_ins_code_1 
_pdbx_validate_close_contact.label_alt_id_1 
_pdbx_validate_close_contact.auth_atom_id_2 
_pdbx_validate_close_contact.auth_asym_id_2 
_pdbx_validate_close_contact.auth_comp_id_2 
_pdbx_validate_close_contact.auth_seq_id_2 
_pdbx_validate_close_contact.PDB_ins_code_2 
_pdbx_validate_close_contact.label_alt_id_2 
_pdbx_validate_close_contact.dist 
1  1 O  B HOH 319  ? ? O B HOH 373 ? ? 1.21 
2  1 O  B HOH 330  ? ? O B HOH 381 ? ? 1.30 
3  1 O  A HOH 468  ? ? O A HOH 469 ? ? 1.37 
4  1 NZ A LYS 20   ? ? O A HOH 399 ? ? 1.56 
5  1 O  A HOH 409  ? ? O A HOH 424 ? ? 1.58 
6  1 O  B HOH 391  ? ? O B HOH 463 ? ? 1.72 
7  1 O  A HOH 310  ? ? O A HOH 370 ? ? 1.87 
8  1 O  A GLU 35   ? ? O A HOH 406 ? ? 1.96 
9  1 SG B CYS 1067 ? ? O B HOH 488 ? ? 1.98 
10 1 O  B MET 1095 ? ? O B HOH 395 ? ? 2.11 
11 1 O  A HOH 455  ? ? O B HOH 458 ? ? 2.11 
12 1 O  A TRP 42   ? ? O A HOH 421 ? ? 2.11 
# 
loop_
_pdbx_validate_symm_contact.id 
_pdbx_validate_symm_contact.PDB_model_num 
_pdbx_validate_symm_contact.auth_atom_id_1 
_pdbx_validate_symm_contact.auth_asym_id_1 
_pdbx_validate_symm_contact.auth_comp_id_1 
_pdbx_validate_symm_contact.auth_seq_id_1 
_pdbx_validate_symm_contact.PDB_ins_code_1 
_pdbx_validate_symm_contact.label_alt_id_1 
_pdbx_validate_symm_contact.site_symmetry_1 
_pdbx_validate_symm_contact.auth_atom_id_2 
_pdbx_validate_symm_contact.auth_asym_id_2 
_pdbx_validate_symm_contact.auth_comp_id_2 
_pdbx_validate_symm_contact.auth_seq_id_2 
_pdbx_validate_symm_contact.PDB_ins_code_2 
_pdbx_validate_symm_contact.label_alt_id_2 
_pdbx_validate_symm_contact.site_symmetry_2 
_pdbx_validate_symm_contact.dist 
1 1 O A HOH 316 ? ? 1_555 O B HOH 475 ? ? 6_665 1.16 
2 1 O A HOH 345 ? ? 1_555 O B HOH 395 ? ? 2_665 1.34 
3 1 O A HOH 447 ? ? 1_555 O B HOH 494 ? ? 2_565 1.44 
4 1 O A HOH 344 ? ? 1_555 O B HOH 393 ? ? 2_665 1.52 
5 1 O A HOH 398 ? ? 1_555 O A HOH 500 ? ? 2_665 1.69 
# 
loop_
_pdbx_validate_torsion.id 
_pdbx_validate_torsion.PDB_model_num 
_pdbx_validate_torsion.auth_comp_id 
_pdbx_validate_torsion.auth_asym_id 
_pdbx_validate_torsion.auth_seq_id 
_pdbx_validate_torsion.PDB_ins_code 
_pdbx_validate_torsion.label_alt_id 
_pdbx_validate_torsion.phi 
_pdbx_validate_torsion.psi 
1 1 PRO A 79   ? ? -71.48  48.73  
2 1 PRO B 1044 ? ? -48.15  155.62 
3 1 PRO B 1079 ? ? -75.07  42.32  
4 1 THR S 3    ? ? -100.00 72.04  
# 
loop_
_pdbx_refine_tls.id 
_pdbx_refine_tls.details 
_pdbx_refine_tls.method 
_pdbx_refine_tls.origin_x 
_pdbx_refine_tls.origin_y 
_pdbx_refine_tls.origin_z 
_pdbx_refine_tls.T[1][1] 
_pdbx_refine_tls.T[2][2] 
_pdbx_refine_tls.T[3][3] 
_pdbx_refine_tls.T[1][2] 
_pdbx_refine_tls.T[1][3] 
_pdbx_refine_tls.T[2][3] 
_pdbx_refine_tls.L[1][1] 
_pdbx_refine_tls.L[2][2] 
_pdbx_refine_tls.L[3][3] 
_pdbx_refine_tls.L[1][2] 
_pdbx_refine_tls.L[1][3] 
_pdbx_refine_tls.L[2][3] 
_pdbx_refine_tls.S[1][1] 
_pdbx_refine_tls.S[2][2] 
_pdbx_refine_tls.S[3][3] 
_pdbx_refine_tls.S[1][2] 
_pdbx_refine_tls.S[1][3] 
_pdbx_refine_tls.S[2][3] 
_pdbx_refine_tls.S[2][1] 
_pdbx_refine_tls.S[3][1] 
_pdbx_refine_tls.S[3][2] 
_pdbx_refine_tls.pdbx_refine_id 
1 ? refined 0.1982   0.0320   -0.0672 0.0059 -0.0415 -0.0606 -0.0164 -0.0286 -0.0153 0.9429 2.7050  2.1383  1.3587  1.1945  2.4046   0.0280 -0.0406 0.0126  -0.0342 0.0009 0.0129 0.0042 -0.0110 -0.0616 'X-RAY DIFFRACTION' 
2 ? refined -23.8449 -22.6695 13.6975 0.0000 0.0000  0.0000  0.0000  0.0000  0.0000  0.0000 0.0000  0.0000  0.0000  0.0000  0.0000   0.0000 0.0000  0.0000  0.0000  0.0000 0.0000 0.0000 0.0000  0.0000  'X-RAY DIFFRACTION' 
3 ? refined -5.0806  0.3862   2.4337  0.0002 -0.0018 -0.0007 -0.0021 -0.0001 -0.0008 6.3740 17.8853 22.0741 -9.3017 11.7555 -18.4577 0.1740 -0.1570 -0.0170 -0.9724 0.0276 0.2373 0.3848 -0.1303 -1.4912 'X-RAY DIFFRACTION' 
4 ? refined -23.8449 -22.6695 13.6975 0.0000 0.0000  0.0000  0.0000  0.0000  0.0000  0.0000 0.0000  0.0000  0.0000  0.0000  0.0000   0.0000 0.0000  0.0000  0.0000  0.0000 0.0000 0.0000 0.0000  0.0000  'X-RAY DIFFRACTION' 
# 
loop_
_pdbx_refine_tls_group.id 
_pdbx_refine_tls_group.refine_tls_id 
_pdbx_refine_tls_group.beg_label_asym_id 
_pdbx_refine_tls_group.beg_label_seq_id 
_pdbx_refine_tls_group.end_label_asym_id 
_pdbx_refine_tls_group.end_label_seq_id 
_pdbx_refine_tls_group.selection 
_pdbx_refine_tls_group.beg_auth_asym_id 
_pdbx_refine_tls_group.beg_auth_seq_id 
_pdbx_refine_tls_group.end_auth_asym_id 
_pdbx_refine_tls_group.end_auth_seq_id 
_pdbx_refine_tls_group.pdbx_refine_id 
_pdbx_refine_tls_group.selection_details 
1 1 A 1 A 99 ALL A 1    A 99   'X-RAY DIFFRACTION' ? 
2 1 B 1 B 99 ALL B 1001 B 1099 'X-RAY DIFFRACTION' ? 
3 3 C 1 C 4  ALL S 1    S 4    'X-RAY DIFFRACTION' ? 
4 3 D 1 D 5  ALL T 5    T 9    'X-RAY DIFFRACTION' ? 
# 
loop_
_chem_comp_atom.comp_id 
_chem_comp_atom.atom_id 
_chem_comp_atom.type_symbol 
_chem_comp_atom.pdbx_aromatic_flag 
_chem_comp_atom.pdbx_stereo_config 
_chem_comp_atom.pdbx_ordinal 
ALA N    N N N 1   
ALA CA   C N S 2   
ALA C    C N N 3   
ALA O    O N N 4   
ALA CB   C N N 5   
ALA OXT  O N N 6   
ALA H    H N N 7   
ALA H2   H N N 8   
ALA HA   H N N 9   
ALA HB1  H N N 10  
ALA HB2  H N N 11  
ALA HB3  H N N 12  
ALA HXT  H N N 13  
ARG N    N N N 14  
ARG CA   C N S 15  
ARG C    C N N 16  
ARG O    O N N 17  
ARG CB   C N N 18  
ARG CG   C N N 19  
ARG CD   C N N 20  
ARG NE   N N N 21  
ARG CZ   C N N 22  
ARG NH1  N N N 23  
ARG NH2  N N N 24  
ARG OXT  O N N 25  
ARG H    H N N 26  
ARG H2   H N N 27  
ARG HA   H N N 28  
ARG HB2  H N N 29  
ARG HB3  H N N 30  
ARG HG2  H N N 31  
ARG HG3  H N N 32  
ARG HD2  H N N 33  
ARG HD3  H N N 34  
ARG HE   H N N 35  
ARG HH11 H N N 36  
ARG HH12 H N N 37  
ARG HH21 H N N 38  
ARG HH22 H N N 39  
ARG HXT  H N N 40  
ASN N    N N N 41  
ASN CA   C N S 42  
ASN C    C N N 43  
ASN O    O N N 44  
ASN CB   C N N 45  
ASN CG   C N N 46  
ASN OD1  O N N 47  
ASN ND2  N N N 48  
ASN OXT  O N N 49  
ASN H    H N N 50  
ASN H2   H N N 51  
ASN HA   H N N 52  
ASN HB2  H N N 53  
ASN HB3  H N N 54  
ASN HD21 H N N 55  
ASN HD22 H N N 56  
ASN HXT  H N N 57  
ASP N    N N N 58  
ASP CA   C N S 59  
ASP C    C N N 60  
ASP O    O N N 61  
ASP CB   C N N 62  
ASP CG   C N N 63  
ASP OD1  O N N 64  
ASP OD2  O N N 65  
ASP OXT  O N N 66  
ASP H    H N N 67  
ASP H2   H N N 68  
ASP HA   H N N 69  
ASP HB2  H N N 70  
ASP HB3  H N N 71  
ASP HD2  H N N 72  
ASP HXT  H N N 73  
CYS N    N N N 74  
CYS CA   C N R 75  
CYS C    C N N 76  
CYS O    O N N 77  
CYS CB   C N N 78  
CYS SG   S N N 79  
CYS OXT  O N N 80  
CYS H    H N N 81  
CYS H2   H N N 82  
CYS HA   H N N 83  
CYS HB2  H N N 84  
CYS HB3  H N N 85  
CYS HG   H N N 86  
CYS HXT  H N N 87  
GLN N    N N N 88  
GLN CA   C N S 89  
GLN C    C N N 90  
GLN O    O N N 91  
GLN CB   C N N 92  
GLN CG   C N N 93  
GLN CD   C N N 94  
GLN OE1  O N N 95  
GLN NE2  N N N 96  
GLN OXT  O N N 97  
GLN H    H N N 98  
GLN H2   H N N 99  
GLN HA   H N N 100 
GLN HB2  H N N 101 
GLN HB3  H N N 102 
GLN HG2  H N N 103 
GLN HG3  H N N 104 
GLN HE21 H N N 105 
GLN HE22 H N N 106 
GLN HXT  H N N 107 
GLU N    N N N 108 
GLU CA   C N S 109 
GLU C    C N N 110 
GLU O    O N N 111 
GLU CB   C N N 112 
GLU CG   C N N 113 
GLU CD   C N N 114 
GLU OE1  O N N 115 
GLU OE2  O N N 116 
GLU OXT  O N N 117 
GLU H    H N N 118 
GLU H2   H N N 119 
GLU HA   H N N 120 
GLU HB2  H N N 121 
GLU HB3  H N N 122 
GLU HG2  H N N 123 
GLU HG3  H N N 124 
GLU HE2  H N N 125 
GLU HXT  H N N 126 
GLY N    N N N 127 
GLY CA   C N N 128 
GLY C    C N N 129 
GLY O    O N N 130 
GLY OXT  O N N 131 
GLY H    H N N 132 
GLY H2   H N N 133 
GLY HA2  H N N 134 
GLY HA3  H N N 135 
GLY HXT  H N N 136 
HIS N    N N N 137 
HIS CA   C N S 138 
HIS C    C N N 139 
HIS O    O N N 140 
HIS CB   C N N 141 
HIS CG   C Y N 142 
HIS ND1  N Y N 143 
HIS CD2  C Y N 144 
HIS CE1  C Y N 145 
HIS NE2  N Y N 146 
HIS OXT  O N N 147 
HIS H    H N N 148 
HIS H2   H N N 149 
HIS HA   H N N 150 
HIS HB2  H N N 151 
HIS HB3  H N N 152 
HIS HD1  H N N 153 
HIS HD2  H N N 154 
HIS HE1  H N N 155 
HIS HE2  H N N 156 
HIS HXT  H N N 157 
HOH O    O N N 158 
HOH H1   H N N 159 
HOH H2   H N N 160 
ILE N    N N N 161 
ILE CA   C N S 162 
ILE C    C N N 163 
ILE O    O N N 164 
ILE CB   C N S 165 
ILE CG1  C N N 166 
ILE CG2  C N N 167 
ILE CD1  C N N 168 
ILE OXT  O N N 169 
ILE H    H N N 170 
ILE H2   H N N 171 
ILE HA   H N N 172 
ILE HB   H N N 173 
ILE HG12 H N N 174 
ILE HG13 H N N 175 
ILE HG21 H N N 176 
ILE HG22 H N N 177 
ILE HG23 H N N 178 
ILE HD11 H N N 179 
ILE HD12 H N N 180 
ILE HD13 H N N 181 
ILE HXT  H N N 182 
LEU N    N N N 183 
LEU CA   C N S 184 
LEU C    C N N 185 
LEU O    O N N 186 
LEU CB   C N N 187 
LEU CG   C N N 188 
LEU CD1  C N N 189 
LEU CD2  C N N 190 
LEU OXT  O N N 191 
LEU H    H N N 192 
LEU H2   H N N 193 
LEU HA   H N N 194 
LEU HB2  H N N 195 
LEU HB3  H N N 196 
LEU HG   H N N 197 
LEU HD11 H N N 198 
LEU HD12 H N N 199 
LEU HD13 H N N 200 
LEU HD21 H N N 201 
LEU HD22 H N N 202 
LEU HD23 H N N 203 
LEU HXT  H N N 204 
LYS N    N N N 205 
LYS CA   C N S 206 
LYS C    C N N 207 
LYS O    O N N 208 
LYS CB   C N N 209 
LYS CG   C N N 210 
LYS CD   C N N 211 
LYS CE   C N N 212 
LYS NZ   N N N 213 
LYS OXT  O N N 214 
LYS H    H N N 215 
LYS H2   H N N 216 
LYS HA   H N N 217 
LYS HB2  H N N 218 
LYS HB3  H N N 219 
LYS HG2  H N N 220 
LYS HG3  H N N 221 
LYS HD2  H N N 222 
LYS HD3  H N N 223 
LYS HE2  H N N 224 
LYS HE3  H N N 225 
LYS HZ1  H N N 226 
LYS HZ2  H N N 227 
LYS HZ3  H N N 228 
LYS HXT  H N N 229 
MET N    N N N 230 
MET CA   C N S 231 
MET C    C N N 232 
MET O    O N N 233 
MET CB   C N N 234 
MET CG   C N N 235 
MET SD   S N N 236 
MET CE   C N N 237 
MET OXT  O N N 238 
MET H    H N N 239 
MET H2   H N N 240 
MET HA   H N N 241 
MET HB2  H N N 242 
MET HB3  H N N 243 
MET HG2  H N N 244 
MET HG3  H N N 245 
MET HE1  H N N 246 
MET HE2  H N N 247 
MET HE3  H N N 248 
MET HXT  H N N 249 
PHE N    N N N 250 
PHE CA   C N S 251 
PHE C    C N N 252 
PHE O    O N N 253 
PHE CB   C N N 254 
PHE CG   C Y N 255 
PHE CD1  C Y N 256 
PHE CD2  C Y N 257 
PHE CE1  C Y N 258 
PHE CE2  C Y N 259 
PHE CZ   C Y N 260 
PHE OXT  O N N 261 
PHE H    H N N 262 
PHE H2   H N N 263 
PHE HA   H N N 264 
PHE HB2  H N N 265 
PHE HB3  H N N 266 
PHE HD1  H N N 267 
PHE HD2  H N N 268 
PHE HE1  H N N 269 
PHE HE2  H N N 270 
PHE HZ   H N N 271 
PHE HXT  H N N 272 
PRO N    N N N 273 
PRO CA   C N S 274 
PRO C    C N N 275 
PRO O    O N N 276 
PRO CB   C N N 277 
PRO CG   C N N 278 
PRO CD   C N N 279 
PRO OXT  O N N 280 
PRO H    H N N 281 
PRO HA   H N N 282 
PRO HB2  H N N 283 
PRO HB3  H N N 284 
PRO HG2  H N N 285 
PRO HG3  H N N 286 
PRO HD2  H N N 287 
PRO HD3  H N N 288 
PRO HXT  H N N 289 
SER N    N N N 290 
SER CA   C N S 291 
SER C    C N N 292 
SER O    O N N 293 
SER CB   C N N 294 
SER OG   O N N 295 
SER OXT  O N N 296 
SER H    H N N 297 
SER H2   H N N 298 
SER HA   H N N 299 
SER HB2  H N N 300 
SER HB3  H N N 301 
SER HG   H N N 302 
SER HXT  H N N 303 
THR N    N N N 304 
THR CA   C N S 305 
THR C    C N N 306 
THR O    O N N 307 
THR CB   C N R 308 
THR OG1  O N N 309 
THR CG2  C N N 310 
THR OXT  O N N 311 
THR H    H N N 312 
THR H2   H N N 313 
THR HA   H N N 314 
THR HB   H N N 315 
THR HG1  H N N 316 
THR HG21 H N N 317 
THR HG22 H N N 318 
THR HG23 H N N 319 
THR HXT  H N N 320 
TRP N    N N N 321 
TRP CA   C N S 322 
TRP C    C N N 323 
TRP O    O N N 324 
TRP CB   C N N 325 
TRP CG   C Y N 326 
TRP CD1  C Y N 327 
TRP CD2  C Y N 328 
TRP NE1  N Y N 329 
TRP CE2  C Y N 330 
TRP CE3  C Y N 331 
TRP CZ2  C Y N 332 
TRP CZ3  C Y N 333 
TRP CH2  C Y N 334 
TRP OXT  O N N 335 
TRP H    H N N 336 
TRP H2   H N N 337 
TRP HA   H N N 338 
TRP HB2  H N N 339 
TRP HB3  H N N 340 
TRP HD1  H N N 341 
TRP HE1  H N N 342 
TRP HE3  H N N 343 
TRP HZ2  H N N 344 
TRP HZ3  H N N 345 
TRP HH2  H N N 346 
TRP HXT  H N N 347 
TYR N    N N N 348 
TYR CA   C N S 349 
TYR C    C N N 350 
TYR O    O N N 351 
TYR CB   C N N 352 
TYR CG   C Y N 353 
TYR CD1  C Y N 354 
TYR CD2  C Y N 355 
TYR CE1  C Y N 356 
TYR CE2  C Y N 357 
TYR CZ   C Y N 358 
TYR OH   O N N 359 
TYR OXT  O N N 360 
TYR H    H N N 361 
TYR H2   H N N 362 
TYR HA   H N N 363 
TYR HB2  H N N 364 
TYR HB3  H N N 365 
TYR HD1  H N N 366 
TYR HD2  H N N 367 
TYR HE1  H N N 368 
TYR HE2  H N N 369 
TYR HH   H N N 370 
TYR HXT  H N N 371 
VAL N    N N N 372 
VAL CA   C N S 373 
VAL C    C N N 374 
VAL O    O N N 375 
VAL CB   C N N 376 
VAL CG1  C N N 377 
VAL CG2  C N N 378 
VAL OXT  O N N 379 
VAL H    H N N 380 
VAL H2   H N N 381 
VAL HA   H N N 382 
VAL HB   H N N 383 
VAL HG11 H N N 384 
VAL HG12 H N N 385 
VAL HG13 H N N 386 
VAL HG21 H N N 387 
VAL HG22 H N N 388 
VAL HG23 H N N 389 
VAL HXT  H N N 390 
# 
loop_
_chem_comp_bond.comp_id 
_chem_comp_bond.atom_id_1 
_chem_comp_bond.atom_id_2 
_chem_comp_bond.value_order 
_chem_comp_bond.pdbx_aromatic_flag 
_chem_comp_bond.pdbx_stereo_config 
_chem_comp_bond.pdbx_ordinal 
ALA N   CA   sing N N 1   
ALA N   H    sing N N 2   
ALA N   H2   sing N N 3   
ALA CA  C    sing N N 4   
ALA CA  CB   sing N N 5   
ALA CA  HA   sing N N 6   
ALA C   O    doub N N 7   
ALA C   OXT  sing N N 8   
ALA CB  HB1  sing N N 9   
ALA CB  HB2  sing N N 10  
ALA CB  HB3  sing N N 11  
ALA OXT HXT  sing N N 12  
ARG N   CA   sing N N 13  
ARG N   H    sing N N 14  
ARG N   H2   sing N N 15  
ARG CA  C    sing N N 16  
ARG CA  CB   sing N N 17  
ARG CA  HA   sing N N 18  
ARG C   O    doub N N 19  
ARG C   OXT  sing N N 20  
ARG CB  CG   sing N N 21  
ARG CB  HB2  sing N N 22  
ARG CB  HB3  sing N N 23  
ARG CG  CD   sing N N 24  
ARG CG  HG2  sing N N 25  
ARG CG  HG3  sing N N 26  
ARG CD  NE   sing N N 27  
ARG CD  HD2  sing N N 28  
ARG CD  HD3  sing N N 29  
ARG NE  CZ   sing N N 30  
ARG NE  HE   sing N N 31  
ARG CZ  NH1  sing N N 32  
ARG CZ  NH2  doub N N 33  
ARG NH1 HH11 sing N N 34  
ARG NH1 HH12 sing N N 35  
ARG NH2 HH21 sing N N 36  
ARG NH2 HH22 sing N N 37  
ARG OXT HXT  sing N N 38  
ASN N   CA   sing N N 39  
ASN N   H    sing N N 40  
ASN N   H2   sing N N 41  
ASN CA  C    sing N N 42  
ASN CA  CB   sing N N 43  
ASN CA  HA   sing N N 44  
ASN C   O    doub N N 45  
ASN C   OXT  sing N N 46  
ASN CB  CG   sing N N 47  
ASN CB  HB2  sing N N 48  
ASN CB  HB3  sing N N 49  
ASN CG  OD1  doub N N 50  
ASN CG  ND2  sing N N 51  
ASN ND2 HD21 sing N N 52  
ASN ND2 HD22 sing N N 53  
ASN OXT HXT  sing N N 54  
ASP N   CA   sing N N 55  
ASP N   H    sing N N 56  
ASP N   H2   sing N N 57  
ASP CA  C    sing N N 58  
ASP CA  CB   sing N N 59  
ASP CA  HA   sing N N 60  
ASP C   O    doub N N 61  
ASP C   OXT  sing N N 62  
ASP CB  CG   sing N N 63  
ASP CB  HB2  sing N N 64  
ASP CB  HB3  sing N N 65  
ASP CG  OD1  doub N N 66  
ASP CG  OD2  sing N N 67  
ASP OD2 HD2  sing N N 68  
ASP OXT HXT  sing N N 69  
CYS N   CA   sing N N 70  
CYS N   H    sing N N 71  
CYS N   H2   sing N N 72  
CYS CA  C    sing N N 73  
CYS CA  CB   sing N N 74  
CYS CA  HA   sing N N 75  
CYS C   O    doub N N 76  
CYS C   OXT  sing N N 77  
CYS CB  SG   sing N N 78  
CYS CB  HB2  sing N N 79  
CYS CB  HB3  sing N N 80  
CYS SG  HG   sing N N 81  
CYS OXT HXT  sing N N 82  
GLN N   CA   sing N N 83  
GLN N   H    sing N N 84  
GLN N   H2   sing N N 85  
GLN CA  C    sing N N 86  
GLN CA  CB   sing N N 87  
GLN CA  HA   sing N N 88  
GLN C   O    doub N N 89  
GLN C   OXT  sing N N 90  
GLN CB  CG   sing N N 91  
GLN CB  HB2  sing N N 92  
GLN CB  HB3  sing N N 93  
GLN CG  CD   sing N N 94  
GLN CG  HG2  sing N N 95  
GLN CG  HG3  sing N N 96  
GLN CD  OE1  doub N N 97  
GLN CD  NE2  sing N N 98  
GLN NE2 HE21 sing N N 99  
GLN NE2 HE22 sing N N 100 
GLN OXT HXT  sing N N 101 
GLU N   CA   sing N N 102 
GLU N   H    sing N N 103 
GLU N   H2   sing N N 104 
GLU CA  C    sing N N 105 
GLU CA  CB   sing N N 106 
GLU CA  HA   sing N N 107 
GLU C   O    doub N N 108 
GLU C   OXT  sing N N 109 
GLU CB  CG   sing N N 110 
GLU CB  HB2  sing N N 111 
GLU CB  HB3  sing N N 112 
GLU CG  CD   sing N N 113 
GLU CG  HG2  sing N N 114 
GLU CG  HG3  sing N N 115 
GLU CD  OE1  doub N N 116 
GLU CD  OE2  sing N N 117 
GLU OE2 HE2  sing N N 118 
GLU OXT HXT  sing N N 119 
GLY N   CA   sing N N 120 
GLY N   H    sing N N 121 
GLY N   H2   sing N N 122 
GLY CA  C    sing N N 123 
GLY CA  HA2  sing N N 124 
GLY CA  HA3  sing N N 125 
GLY C   O    doub N N 126 
GLY C   OXT  sing N N 127 
GLY OXT HXT  sing N N 128 
HIS N   CA   sing N N 129 
HIS N   H    sing N N 130 
HIS N   H2   sing N N 131 
HIS CA  C    sing N N 132 
HIS CA  CB   sing N N 133 
HIS CA  HA   sing N N 134 
HIS C   O    doub N N 135 
HIS C   OXT  sing N N 136 
HIS CB  CG   sing N N 137 
HIS CB  HB2  sing N N 138 
HIS CB  HB3  sing N N 139 
HIS CG  ND1  sing Y N 140 
HIS CG  CD2  doub Y N 141 
HIS ND1 CE1  doub Y N 142 
HIS ND1 HD1  sing N N 143 
HIS CD2 NE2  sing Y N 144 
HIS CD2 HD2  sing N N 145 
HIS CE1 NE2  sing Y N 146 
HIS CE1 HE1  sing N N 147 
HIS NE2 HE2  sing N N 148 
HIS OXT HXT  sing N N 149 
HOH O   H1   sing N N 150 
HOH O   H2   sing N N 151 
ILE N   CA   sing N N 152 
ILE N   H    sing N N 153 
ILE N   H2   sing N N 154 
ILE CA  C    sing N N 155 
ILE CA  CB   sing N N 156 
ILE CA  HA   sing N N 157 
ILE C   O    doub N N 158 
ILE C   OXT  sing N N 159 
ILE CB  CG1  sing N N 160 
ILE CB  CG2  sing N N 161 
ILE CB  HB   sing N N 162 
ILE CG1 CD1  sing N N 163 
ILE CG1 HG12 sing N N 164 
ILE CG1 HG13 sing N N 165 
ILE CG2 HG21 sing N N 166 
ILE CG2 HG22 sing N N 167 
ILE CG2 HG23 sing N N 168 
ILE CD1 HD11 sing N N 169 
ILE CD1 HD12 sing N N 170 
ILE CD1 HD13 sing N N 171 
ILE OXT HXT  sing N N 172 
LEU N   CA   sing N N 173 
LEU N   H    sing N N 174 
LEU N   H2   sing N N 175 
LEU CA  C    sing N N 176 
LEU CA  CB   sing N N 177 
LEU CA  HA   sing N N 178 
LEU C   O    doub N N 179 
LEU C   OXT  sing N N 180 
LEU CB  CG   sing N N 181 
LEU CB  HB2  sing N N 182 
LEU CB  HB3  sing N N 183 
LEU CG  CD1  sing N N 184 
LEU CG  CD2  sing N N 185 
LEU CG  HG   sing N N 186 
LEU CD1 HD11 sing N N 187 
LEU CD1 HD12 sing N N 188 
LEU CD1 HD13 sing N N 189 
LEU CD2 HD21 sing N N 190 
LEU CD2 HD22 sing N N 191 
LEU CD2 HD23 sing N N 192 
LEU OXT HXT  sing N N 193 
LYS N   CA   sing N N 194 
LYS N   H    sing N N 195 
LYS N   H2   sing N N 196 
LYS CA  C    sing N N 197 
LYS CA  CB   sing N N 198 
LYS CA  HA   sing N N 199 
LYS C   O    doub N N 200 
LYS C   OXT  sing N N 201 
LYS CB  CG   sing N N 202 
LYS CB  HB2  sing N N 203 
LYS CB  HB3  sing N N 204 
LYS CG  CD   sing N N 205 
LYS CG  HG2  sing N N 206 
LYS CG  HG3  sing N N 207 
LYS CD  CE   sing N N 208 
LYS CD  HD2  sing N N 209 
LYS CD  HD3  sing N N 210 
LYS CE  NZ   sing N N 211 
LYS CE  HE2  sing N N 212 
LYS CE  HE3  sing N N 213 
LYS NZ  HZ1  sing N N 214 
LYS NZ  HZ2  sing N N 215 
LYS NZ  HZ3  sing N N 216 
LYS OXT HXT  sing N N 217 
MET N   CA   sing N N 218 
MET N   H    sing N N 219 
MET N   H2   sing N N 220 
MET CA  C    sing N N 221 
MET CA  CB   sing N N 222 
MET CA  HA   sing N N 223 
MET C   O    doub N N 224 
MET C   OXT  sing N N 225 
MET CB  CG   sing N N 226 
MET CB  HB2  sing N N 227 
MET CB  HB3  sing N N 228 
MET CG  SD   sing N N 229 
MET CG  HG2  sing N N 230 
MET CG  HG3  sing N N 231 
MET SD  CE   sing N N 232 
MET CE  HE1  sing N N 233 
MET CE  HE2  sing N N 234 
MET CE  HE3  sing N N 235 
MET OXT HXT  sing N N 236 
PHE N   CA   sing N N 237 
PHE N   H    sing N N 238 
PHE N   H2   sing N N 239 
PHE CA  C    sing N N 240 
PHE CA  CB   sing N N 241 
PHE CA  HA   sing N N 242 
PHE C   O    doub N N 243 
PHE C   OXT  sing N N 244 
PHE CB  CG   sing N N 245 
PHE CB  HB2  sing N N 246 
PHE CB  HB3  sing N N 247 
PHE CG  CD1  doub Y N 248 
PHE CG  CD2  sing Y N 249 
PHE CD1 CE1  sing Y N 250 
PHE CD1 HD1  sing N N 251 
PHE CD2 CE2  doub Y N 252 
PHE CD2 HD2  sing N N 253 
PHE CE1 CZ   doub Y N 254 
PHE CE1 HE1  sing N N 255 
PHE CE2 CZ   sing Y N 256 
PHE CE2 HE2  sing N N 257 
PHE CZ  HZ   sing N N 258 
PHE OXT HXT  sing N N 259 
PRO N   CA   sing N N 260 
PRO N   CD   sing N N 261 
PRO N   H    sing N N 262 
PRO CA  C    sing N N 263 
PRO CA  CB   sing N N 264 
PRO CA  HA   sing N N 265 
PRO C   O    doub N N 266 
PRO C   OXT  sing N N 267 
PRO CB  CG   sing N N 268 
PRO CB  HB2  sing N N 269 
PRO CB  HB3  sing N N 270 
PRO CG  CD   sing N N 271 
PRO CG  HG2  sing N N 272 
PRO CG  HG3  sing N N 273 
PRO CD  HD2  sing N N 274 
PRO CD  HD3  sing N N 275 
PRO OXT HXT  sing N N 276 
SER N   CA   sing N N 277 
SER N   H    sing N N 278 
SER N   H2   sing N N 279 
SER CA  C    sing N N 280 
SER CA  CB   sing N N 281 
SER CA  HA   sing N N 282 
SER C   O    doub N N 283 
SER C   OXT  sing N N 284 
SER CB  OG   sing N N 285 
SER CB  HB2  sing N N 286 
SER CB  HB3  sing N N 287 
SER OG  HG   sing N N 288 
SER OXT HXT  sing N N 289 
THR N   CA   sing N N 290 
THR N   H    sing N N 291 
THR N   H2   sing N N 292 
THR CA  C    sing N N 293 
THR CA  CB   sing N N 294 
THR CA  HA   sing N N 295 
THR C   O    doub N N 296 
THR C   OXT  sing N N 297 
THR CB  OG1  sing N N 298 
THR CB  CG2  sing N N 299 
THR CB  HB   sing N N 300 
THR OG1 HG1  sing N N 301 
THR CG2 HG21 sing N N 302 
THR CG2 HG22 sing N N 303 
THR CG2 HG23 sing N N 304 
THR OXT HXT  sing N N 305 
TRP N   CA   sing N N 306 
TRP N   H    sing N N 307 
TRP N   H2   sing N N 308 
TRP CA  C    sing N N 309 
TRP CA  CB   sing N N 310 
TRP CA  HA   sing N N 311 
TRP C   O    doub N N 312 
TRP C   OXT  sing N N 313 
TRP CB  CG   sing N N 314 
TRP CB  HB2  sing N N 315 
TRP CB  HB3  sing N N 316 
TRP CG  CD1  doub Y N 317 
TRP CG  CD2  sing Y N 318 
TRP CD1 NE1  sing Y N 319 
TRP CD1 HD1  sing N N 320 
TRP CD2 CE2  doub Y N 321 
TRP CD2 CE3  sing Y N 322 
TRP NE1 CE2  sing Y N 323 
TRP NE1 HE1  sing N N 324 
TRP CE2 CZ2  sing Y N 325 
TRP CE3 CZ3  doub Y N 326 
TRP CE3 HE3  sing N N 327 
TRP CZ2 CH2  doub Y N 328 
TRP CZ2 HZ2  sing N N 329 
TRP CZ3 CH2  sing Y N 330 
TRP CZ3 HZ3  sing N N 331 
TRP CH2 HH2  sing N N 332 
TRP OXT HXT  sing N N 333 
TYR N   CA   sing N N 334 
TYR N   H    sing N N 335 
TYR N   H2   sing N N 336 
TYR CA  C    sing N N 337 
TYR CA  CB   sing N N 338 
TYR CA  HA   sing N N 339 
TYR C   O    doub N N 340 
TYR C   OXT  sing N N 341 
TYR CB  CG   sing N N 342 
TYR CB  HB2  sing N N 343 
TYR CB  HB3  sing N N 344 
TYR CG  CD1  doub Y N 345 
TYR CG  CD2  sing Y N 346 
TYR CD1 CE1  sing Y N 347 
TYR CD1 HD1  sing N N 348 
TYR CD2 CE2  doub Y N 349 
TYR CD2 HD2  sing N N 350 
TYR CE1 CZ   doub Y N 351 
TYR CE1 HE1  sing N N 352 
TYR CE2 CZ   sing Y N 353 
TYR CE2 HE2  sing N N 354 
TYR CZ  OH   sing N N 355 
TYR OH  HH   sing N N 356 
TYR OXT HXT  sing N N 357 
VAL N   CA   sing N N 358 
VAL N   H    sing N N 359 
VAL N   H2   sing N N 360 
VAL CA  C    sing N N 361 
VAL CA  CB   sing N N 362 
VAL CA  HA   sing N N 363 
VAL C   O    doub N N 364 
VAL C   OXT  sing N N 365 
VAL CB  CG1  sing N N 366 
VAL CB  CG2  sing N N 367 
VAL CB  HB   sing N N 368 
VAL CG1 HG11 sing N N 369 
VAL CG1 HG12 sing N N 370 
VAL CG1 HG13 sing N N 371 
VAL CG2 HG21 sing N N 372 
VAL CG2 HG22 sing N N 373 
VAL CG2 HG23 sing N N 374 
VAL OXT HXT  sing N N 375 
# 
_atom_sites.entry_id                    2NPH 
_atom_sites.fract_transf_matrix[1][1]   0.00684575 
_atom_sites.fract_transf_matrix[1][2]   0.00310934 
_atom_sites.fract_transf_matrix[1][3]   0.01702919 
_atom_sites.fract_transf_matrix[2][1]   0.01831318 
_atom_sites.fract_transf_matrix[2][2]   -0.00134042 
_atom_sites.fract_transf_matrix[2][3]   0.00305762 
_atom_sites.fract_transf_matrix[3][1]   0.00131751 
_atom_sites.fract_transf_matrix[3][2]   0.01185452 
_atom_sites.fract_transf_matrix[3][3]   -0.00269414 
_atom_sites.fract_transf_vector[1]      0.000466 
_atom_sites.fract_transf_vector[2]      0.364408 
_atom_sites.fract_transf_vector[3]      0.337055 
# 
loop_
_atom_type.symbol 
C 
N 
O 
S 
# 
loop_
_atom_site.group_PDB 
_atom_site.id 
_atom_site.type_symbol 
_atom_site.label_atom_id 
_atom_site.label_alt_id 
_atom_site.label_comp_id 
_atom_site.label_asym_id 
_atom_site.label_entity_id 
_atom_site.label_seq_id 
_atom_site.pdbx_PDB_ins_code 
_atom_site.Cartn_x 
_atom_site.Cartn_y 
_atom_site.Cartn_z 
_atom_site.occupancy 
_atom_site.B_iso_or_equiv 
_atom_site.pdbx_formal_charge 
_atom_site.auth_seq_id 
_atom_site.auth_comp_id 
_atom_site.auth_asym_id 
_atom_site.auth_atom_id 
_atom_site.pdbx_PDB_model_num 
ATOM   1    N N   . PRO A 1 1  ? 18.982  1.751   1.383   1.00 51.21  ? 1    PRO A N   1 
ATOM   2    C CA  . PRO A 1 1  ? 19.670  0.913   0.374   1.00 49.97  ? 1    PRO A CA  1 
ATOM   3    C C   . PRO A 1 1  ? 18.733  -0.105  -0.296  1.00 48.82  ? 1    PRO A C   1 
ATOM   4    O O   . PRO A 1 1  ? 18.530  -0.093  -1.518  1.00 48.76  ? 1    PRO A O   1 
ATOM   5    C CB  . PRO A 1 1  ? 20.782  0.187   1.104   1.00 49.31  ? 1    PRO A CB  1 
ATOM   6    C CG  . PRO A 1 1  ? 20.167  0.055   2.485   1.00 51.89  ? 1    PRO A CG  1 
ATOM   7    C CD  . PRO A 1 1  ? 19.415  1.366   2.737   1.00 50.49  ? 1    PRO A CD  1 
ATOM   8    N N   . GLN A 1 2  ? 18.160  -0.978  0.520   1.00 46.73  ? 2    GLN A N   1 
ATOM   9    C CA  . GLN A 1 2  ? 17.307  -2.031  0.022   1.00 45.16  ? 2    GLN A CA  1 
ATOM   10   C C   . GLN A 1 2  ? 16.566  -2.607  1.213   1.00 42.94  ? 2    GLN A C   1 
ATOM   11   O O   . GLN A 1 2  ? 17.074  -2.604  2.319   1.00 41.02  ? 2    GLN A O   1 
ATOM   12   C CB  . GLN A 1 2  ? 18.144  -3.161  -0.631  1.00 47.09  ? 2    GLN A CB  1 
ATOM   13   C CG  . GLN A 1 2  ? 17.246  -4.290  -1.213  1.00 49.01  ? 2    GLN A CG  1 
ATOM   14   C CD  . GLN A 1 2  ? 18.019  -5.519  -1.723  1.00 51.11  ? 2    GLN A CD  1 
ATOM   15   O OE1 . GLN A 1 2  ? 18.663  -6.220  -0.944  1.00 53.61  ? 2    GLN A OE1 1 
ATOM   16   N NE2 . GLN A 1 2  ? 17.933  -5.790  -3.035  1.00 50.17  ? 2    GLN A NE2 1 
ATOM   17   N N   . VAL A 1 3  ? 15.371  -3.108  0.973   1.00 41.86  ? 3    VAL A N   1 
ATOM   18   C CA  . VAL A 1 3  ? 14.585  -3.702  2.044   1.00 40.57  ? 3    VAL A CA  1 
ATOM   19   C C   . VAL A 1 3  ? 13.668  -4.806  1.502   1.00 39.55  ? 3    VAL A C   1 
ATOM   20   O O   . VAL A 1 3  ? 13.046  -4.626  0.441   1.00 38.34  ? 3    VAL A O   1 
ATOM   21   C CB  . VAL A 1 3  ? 13.727  -2.648  2.740   1.00 42.74  ? 3    VAL A CB  1 
ATOM   22   C CG1 . VAL A 1 3  ? 12.903  -1.897  1.719   1.00 45.78  ? 3    VAL A CG1 1 
ATOM   23   C CG2 . VAL A 1 3  ? 12.822  -3.309  3.755   1.00 43.76  ? 3    VAL A CG2 1 
ATOM   24   N N   . THR A 1 4  ? 13.619  -5.947  2.194   1.00 37.24  ? 4    THR A N   1 
ATOM   25   C CA  . THR A 1 4  ? 12.738  -7.074  1.814   1.00 35.74  ? 4    THR A CA  1 
ATOM   26   C C   . THR A 1 4  ? 11.385  -6.863  2.520   1.00 32.56  ? 4    THR A C   1 
ATOM   27   O O   . THR A 1 4  ? 11.289  -6.045  3.403   1.00 31.62  ? 4    THR A O   1 
ATOM   28   C CB  . THR A 1 4  ? 13.286  -8.443  2.283   1.00 36.41  ? 4    THR A CB  1 
ATOM   29   O OG1 . THR A 1 4  ? 13.779  -8.317  3.620   1.00 40.78  ? 4    THR A OG1 1 
ATOM   30   C CG2 . THR A 1 4  ? 14.403  -8.936  1.372   1.00 37.80  ? 4    THR A CG2 1 
ATOM   31   N N   . LEU A 1 5  ? 10.389  -7.667  2.160   1.00 28.84  ? 5    LEU A N   1 
ATOM   32   C CA  . LEU A 1 5  ? 9.023   -7.498  2.641   1.00 26.71  ? 5    LEU A CA  1 
ATOM   33   C C   . LEU A 1 5  ? 8.458   -8.551  3.552   1.00 25.43  ? 5    LEU A C   1 
ATOM   34   O O   . LEU A 1 5  ? 7.220   -8.725  3.732   1.00 23.80  ? 5    LEU A O   1 
ATOM   35   C CB  . LEU A 1 5  ? 8.119   -7.344  1.415   1.00 26.06  ? 5    LEU A CB  1 
ATOM   36   C CG  . LEU A 1 5  ? 8.570   -6.146  0.600   1.00 23.93  ? 5    LEU A CG  1 
ATOM   37   C CD1 . LEU A 1 5  ? 7.980   -6.225  -0.829  1.00 24.73  ? 5    LEU A CD1 1 
ATOM   38   C CD2 . LEU A 1 5  ? 8.112   -4.839  1.299   1.00 24.95  ? 5    LEU A CD2 1 
ATOM   39   N N   . TRP A 1 6  ? 9.383   -9.247  4.213   1.00 26.17  ? 6    TRP A N   1 
ATOM   40   C CA  . TRP A 1 6  ? 8.965   -10.264 5.114   1.00 25.13  ? 6    TRP A CA  1 
ATOM   41   C C   . TRP A 1 6  ? 8.257   -9.648  6.320   1.00 26.06  ? 6    TRP A C   1 
ATOM   42   O O   . TRP A 1 6  ? 7.535   -10.325 7.052   1.00 27.09  ? 6    TRP A O   1 
ATOM   43   C CB  . TRP A 1 6  ? 10.214  -11.091 5.519   1.00 25.96  ? 6    TRP A CB  1 
ATOM   44   C CG  . TRP A 1 6  ? 10.878  -11.767 4.293   1.00 22.15  ? 6    TRP A CG  1 
ATOM   45   C CD1 . TRP A 1 6  ? 11.910  -11.301 3.550   1.00 28.61  ? 6    TRP A CD1 1 
ATOM   46   C CD2 . TRP A 1 6  ? 10.454  -12.972 3.671   1.00 26.54  ? 6    TRP A CD2 1 
ATOM   47   N NE1 . TRP A 1 6  ? 12.171  -12.157 2.481   1.00 28.10  ? 6    TRP A NE1 1 
ATOM   48   C CE2 . TRP A 1 6  ? 11.264  -13.190 2.527   1.00 31.28  ? 6    TRP A CE2 1 
ATOM   49   C CE3 . TRP A 1 6  ? 9.440   -13.893 3.946   1.00 27.20  ? 6    TRP A CE3 1 
ATOM   50   C CZ2 . TRP A 1 6  ? 11.108  -14.296 1.667   1.00 32.12  ? 6    TRP A CZ2 1 
ATOM   51   C CZ3 . TRP A 1 6  ? 9.279   -15.007 3.103   1.00 31.13  ? 6    TRP A CZ3 1 
ATOM   52   C CH2 . TRP A 1 6  ? 10.104  -15.189 1.975   1.00 34.87  ? 6    TRP A CH2 1 
ATOM   53   N N   . GLN A 1 7  ? 8.506   -8.361  6.560   1.00 25.65  ? 7    GLN A N   1 
ATOM   54   C CA  . GLN A 1 7  ? 7.896   -7.659  7.673   1.00 24.59  ? 7    GLN A CA  1 
ATOM   55   C C   . GLN A 1 7  ? 7.413   -6.350  7.065   1.00 21.25  ? 7    GLN A C   1 
ATOM   56   O O   . GLN A 1 7  ? 7.837   -6.017  5.975   1.00 22.87  ? 7    GLN A O   1 
ATOM   57   C CB  . GLN A 1 7  ? 8.949   -7.306  8.774   1.00 27.66  ? 7    GLN A CB  1 
ATOM   58   C CG  . GLN A 1 7  ? 9.599   -8.485  9.504   1.00 31.27  ? 7    GLN A CG  1 
ATOM   59   C CD  . GLN A 1 7  ? 8.674   -9.342  10.314  1.00 37.10  ? 7    GLN A CD  1 
ATOM   60   O OE1 . GLN A 1 7  ? 8.937   -10.550 10.520  1.00 36.65  ? 7    GLN A OE1 1 
ATOM   61   N NE2 . GLN A 1 7  ? 7.581   -8.754  10.786  1.00 40.08  ? 7    GLN A NE2 1 
ATOM   62   N N   . ARG A 1 8  ? 6.534   -5.647  7.764   1.00 22.18  ? 8    ARG A N   1 
ATOM   63   C CA  . ARG A 1 8  ? 6.086   -4.307  7.265   1.00 24.62  ? 8    ARG A CA  1 
ATOM   64   C C   . ARG A 1 8  ? 7.296   -3.389  7.129   1.00 24.83  ? 8    ARG A C   1 
ATOM   65   O O   . ARG A 1 8  ? 8.133   -3.299  8.082   1.00 22.32  ? 8    ARG A O   1 
ATOM   66   C CB  . ARG A 1 8  ? 5.136   -3.650  8.231   1.00 23.80  ? 8    ARG A CB  1 
ATOM   67   C CG  . ARG A 1 8  ? 3.854   -4.385  8.470   1.00 34.18  ? 8    ARG A CG  1 
ATOM   68   C CD  . ARG A 1 8  ? 2.788   -3.440  9.009   1.00 35.66  ? 8    ARG A CD  1 
ATOM   69   N NE  . ARG A 1 8  ? 1.533   -4.154  9.221   1.00 40.97  ? 8    ARG A NE  1 
ATOM   70   C CZ  . ARG A 1 8  ? 0.344   -3.572  9.406   1.00 42.56  ? 8    ARG A CZ  1 
ATOM   71   N NH1 . ARG A 1 8  ? 0.204   -2.234  9.401   1.00 44.25  ? 8    ARG A NH1 1 
ATOM   72   N NH2 . ARG A 1 8  ? -0.709  -4.341  9.612   1.00 41.33  ? 8    ARG A NH2 1 
ATOM   73   N N   . PRO A 1 9  ? 7.423   -2.692  5.978   1.00 23.57  ? 9    PRO A N   1 
ATOM   74   C CA  . PRO A 1 9  ? 8.490   -1.766  5.617   1.00 22.46  ? 9    PRO A CA  1 
ATOM   75   C C   . PRO A 1 9  ? 8.300   -0.461  6.337   1.00 23.97  ? 9    PRO A C   1 
ATOM   76   O O   . PRO A 1 9  ? 7.827   0.533   5.780   1.00 21.02  ? 9    PRO A O   1 
ATOM   77   C CB  . PRO A 1 9  ? 8.345   -1.631  4.091   1.00 23.62  ? 9    PRO A CB  1 
ATOM   78   C CG  . PRO A 1 9  ? 6.899   -1.801  3.909   1.00 24.72  ? 9    PRO A CG  1 
ATOM   79   C CD  . PRO A 1 9  ? 6.629   -3.007  4.769   1.00 26.93  ? 9    PRO A CD  1 
ATOM   80   N N   . LEU A 1 10 ? 8.656   -0.502  7.618   1.00 23.12  ? 10   LEU A N   1 
ATOM   81   C CA  . LEU A 1 10 ? 8.525   0.673   8.494   1.00 25.08  ? 10   LEU A CA  1 
ATOM   82   C C   . LEU A 1 10 ? 9.790   1.464   8.458   1.00 24.88  ? 10   LEU A C   1 
ATOM   83   O O   . LEU A 1 10 ? 10.893  0.897   8.386   1.00 27.23  ? 10   LEU A O   1 
ATOM   84   C CB  . LEU A 1 10 ? 8.215   0.227   9.925   1.00 28.61  ? 10   LEU A CB  1 
ATOM   85   C CG  . LEU A 1 10 ? 6.786   -0.254  10.187  1.00 33.23  ? 10   LEU A CG  1 
ATOM   86   C CD1 . LEU A 1 10 ? 6.601   -0.557  11.654  1.00 39.38  ? 10   LEU A CD1 1 
ATOM   87   C CD2 . LEU A 1 10 ? 5.794   0.808   9.776   1.00 37.14  ? 10   LEU A CD2 1 
ATOM   88   N N   . VAL A 1 11 ? 9.644   2.785   8.435   1.00 22.24  ? 11   VAL A N   1 
ATOM   89   C CA  . VAL A 1 11 ? 10.819  3.633   8.435   1.00 22.41  ? 11   VAL A CA  1 
ATOM   90   C C   . VAL A 1 11 ? 10.526  4.766   9.422   1.00 21.14  ? 11   VAL A C   1 
ATOM   91   O O   . VAL A 1 11 ? 9.367   5.028   9.852   1.00 20.69  ? 11   VAL A O   1 
ATOM   92   C CB  . VAL A 1 11 ? 11.158  4.272   7.074   1.00 23.91  ? 11   VAL A CB  1 
ATOM   93   C CG1 . VAL A 1 11 ? 11.489  3.165   6.055   1.00 27.60  ? 11   VAL A CG1 1 
ATOM   94   C CG2 . VAL A 1 11 ? 9.999   5.105   6.571   1.00 22.52  ? 11   VAL A CG2 1 
ATOM   95   N N   . THR A 1 12 ? 11.615  5.376   9.841   1.00 21.90  ? 12   THR A N   1 
ATOM   96   C CA  . THR A 1 12 ? 11.536  6.503   10.728  1.00 20.62  ? 12   THR A CA  1 
ATOM   97   C C   . THR A 1 12 ? 11.502  7.777   9.871   1.00 21.41  ? 12   THR A C   1 
ATOM   98   O O   . THR A 1 12 ? 12.277  7.945   8.914   1.00 22.11  ? 12   THR A O   1 
ATOM   99   C CB  . THR A 1 12 ? 12.812  6.469   11.732  1.00 19.46  ? 12   THR A CB  1 
ATOM   100  O OG1 . THR A 1 12 ? 12.754  5.329   12.581  1.00 25.26  ? 12   THR A OG1 1 
ATOM   101  C CG2 . THR A 1 12 ? 12.838  7.723   12.626  1.00 25.69  ? 12   THR A CG2 1 
ATOM   102  N N   . ILE A 1 13 ? 10.576  8.686   10.160  1.00 18.78  ? 13   ILE A N   1 
ATOM   103  C CA  . ILE A 1 13 ? 10.526  9.969   9.459   1.00 19.57  ? 13   ILE A CA  1 
ATOM   104  C C   . ILE A 1 13 ? 10.592  11.120  10.412  1.00 19.78  ? 13   ILE A C   1 
ATOM   105  O O   . ILE A 1 13 ? 10.245  10.973  11.610  1.00 18.95  ? 13   ILE A O   1 
ATOM   106  C CB  . ILE A 1 13 ? 9.267   10.150  8.654   1.00 18.71  ? 13   ILE A CB  1 
ATOM   107  C CG1 . ILE A 1 13 ? 8.054   10.117  9.573   1.00 20.58  ? 13   ILE A CG1 1 
ATOM   108  C CG2 . ILE A 1 13 ? 9.201   9.010   7.675   1.00 20.11  ? 13   ILE A CG2 1 
ATOM   109  C CD1 . ILE A 1 13 ? 6.707   10.405  8.834   1.00 21.94  ? 13   ILE A CD1 1 
ATOM   110  N N   . LYS A 1 14 ? 11.091  12.234  9.905   1.00 18.44  ? 14   LYS A N   1 
ATOM   111  C CA  . LYS A 1 14 ? 11.127  13.455  10.731  1.00 18.91  ? 14   LYS A CA  1 
ATOM   112  C C   . LYS A 1 14 ? 10.318  14.429  9.907   1.00 20.84  ? 14   LYS A C   1 
ATOM   113  O O   . LYS A 1 14 ? 10.588  14.632  8.702   1.00 21.36  ? 14   LYS A O   1 
ATOM   114  C CB  . LYS A 1 14 ? 12.563  13.981  10.919  1.00 22.03  ? 14   LYS A CB  1 
ATOM   115  C CG  . LYS A 1 14 ? 12.581  15.246  11.872  1.00 21.94  ? 14   LYS A CG  1 
ATOM   116  C CD  . LYS A 1 14 ? 13.981  15.812  12.035  1.00 26.04  ? 14   LYS A CD  1 
ATOM   117  C CE  . LYS A 1 14 ? 14.037  16.880  13.132  1.00 30.20  ? 14   LYS A CE  1 
ATOM   118  N NZ  . LYS A 1 14 ? 15.429  17.480  13.098  1.00 31.23  ? 14   LYS A NZ  1 
ATOM   119  N N   . ILE A 1 15 ? 9.328   15.032  10.546  1.00 16.91  ? 15   ILE A N   1 
ATOM   120  C CA  . ILE A 1 15 ? 8.463   15.963  9.880   1.00 21.13  ? 15   ILE A CA  1 
ATOM   121  C C   . ILE A 1 15 ? 7.904   16.942  10.894  1.00 22.58  ? 15   ILE A C   1 
ATOM   122  O O   . ILE A 1 15 ? 7.518   16.555  12.025  1.00 22.73  ? 15   ILE A O   1 
ATOM   123  C CB  . ILE A 1 15 ? 7.307   15.195  9.136   1.00 22.64  ? 15   ILE A CB  1 
ATOM   124  C CG1 . ILE A 1 15 ? 6.436   16.238  8.398   1.00 28.40  ? 15   ILE A CG1 1 
ATOM   125  C CG2 . ILE A 1 15 ? 6.517   14.314  10.171  1.00 24.39  ? 15   ILE A CG2 1 
ATOM   126  C CD1 . ILE A 1 15 ? 5.210   15.697  7.644   1.00 27.71  ? 15   ILE A CD1 1 
ATOM   127  N N   . GLY A 1 16 ? 7.898   18.231  10.539  1.00 23.38  ? 16   GLY A N   1 
ATOM   128  C CA  . GLY A 1 16 ? 7.412   19.240  11.488  1.00 23.71  ? 16   GLY A CA  1 
ATOM   129  C C   . GLY A 1 16 ? 8.158   19.206  12.819  1.00 22.53  ? 16   GLY A C   1 
ATOM   130  O O   . GLY A 1 16 ? 7.559   19.537  13.865  1.00 22.60  ? 16   GLY A O   1 
ATOM   131  N N   . GLY A 1 17 ? 9.442   18.854  12.760  1.00 20.17  ? 17   GLY A N   1 
ATOM   132  C CA  . GLY A 1 17 ? 10.296  18.730  13.947  1.00 20.77  ? 17   GLY A CA  1 
ATOM   133  C C   . GLY A 1 17 ? 10.065  17.480  14.812  1.00 18.69  ? 17   GLY A C   1 
ATOM   134  O O   . GLY A 1 17 ? 10.707  17.296  15.849  1.00 18.07  ? 17   GLY A O   1 
ATOM   135  N N   . GLN A 1 18 ? 9.152   16.627  14.384  1.00 17.99  ? 18   GLN A N   1 
ATOM   136  C CA  . GLN A 1 18 ? 8.766   15.420  15.186  1.00 16.86  ? 18   GLN A CA  1 
ATOM   137  C C   . GLN A 1 18 ? 9.217   14.140  14.563  1.00 17.54  ? 18   GLN A C   1 
ATOM   138  O O   . GLN A 1 18 ? 9.305   14.081  13.310  1.00 20.16  ? 18   GLN A O   1 
ATOM   139  C CB  . GLN A 1 18 ? 7.265   15.355  15.324  1.00 22.71  ? 18   GLN A CB  1 
ATOM   140  C CG  . GLN A 1 18 ? 6.740   16.625  15.970  1.00 23.46  ? 18   GLN A CG  1 
ATOM   141  C CD  . GLN A 1 18 ? 5.265   16.803  15.697  1.00 24.80  ? 18   GLN A CD  1 
ATOM   142  O OE1 . GLN A 1 18 ? 4.442   15.995  16.113  1.00 28.79  ? 18   GLN A OE1 1 
ATOM   143  N NE2 . GLN A 1 18 ? 4.935   17.857  14.979  1.00 27.00  ? 18   GLN A NE2 1 
ATOM   144  N N   . LEU A 1 19 ? 9.507   13.162  15.400  1.00 16.02  ? 19   LEU A N   1 
ATOM   145  C CA  . LEU A 1 19 ? 9.943   11.865  14.881  1.00 16.27  ? 19   LEU A CA  1 
ATOM   146  C C   . LEU A 1 19 ? 8.760   10.941  14.877  1.00 18.54  ? 19   LEU A C   1 
ATOM   147  O O   . LEU A 1 19 ? 8.013   10.826  15.862  1.00 17.61  ? 19   LEU A O   1 
ATOM   148  C CB  . LEU A 1 19 ? 11.032  11.268  15.736  1.00 18.16  ? 19   LEU A CB  1 
ATOM   149  C CG  . LEU A 1 19 ? 12.188  12.259  15.819  1.00 21.22  ? 19   LEU A CG  1 
ATOM   150  C CD1 . LEU A 1 19 ? 13.224  11.601  16.795  1.00 25.60  ? 19   LEU A CD1 1 
ATOM   151  C CD2 . LEU A 1 19 ? 12.827  12.539  14.502  1.00 22.64  ? 19   LEU A CD2 1 
ATOM   152  N N   . LYS A 1 20 ? 8.556   10.261  13.751  1.00 16.07  ? 20   LYS A N   1 
ATOM   153  C CA  . LYS A 1 20 ? 7.441   9.326   13.692  1.00 17.59  ? 20   LYS A CA  1 
ATOM   154  C C   . LYS A 1 20 ? 7.825   8.080   12.914  1.00 16.30  ? 20   LYS A C   1 
ATOM   155  O O   . LYS A 1 20 ? 8.885   8.040   12.327  1.00 18.25  ? 20   LYS A O   1 
ATOM   156  C CB  . LYS A 1 20 ? 6.206   9.962   13.023  1.00 15.39  ? 20   LYS A CB  1 
ATOM   157  C CG  . LYS A 1 20 ? 5.689   11.182  13.776  1.00 25.04  ? 20   LYS A CG  1 
ATOM   158  C CD  . LYS A 1 20 ? 4.458   11.828  13.154  1.00 29.62  ? 20   LYS A CD  1 
ATOM   159  C CE  . LYS A 1 20 ? 3.875   12.854  14.171  1.00 32.27  ? 20   LYS A CE  1 
ATOM   160  N NZ  . LYS A 1 20 ? 3.543   12.143  15.484  1.00 37.11  ? 20   LYS A NZ  1 
ATOM   161  N N   . GLU A 1 21 ? 7.032   7.010   13.025  1.00 17.97  ? 21   GLU A N   1 
ATOM   162  C CA  . GLU A 1 21 ? 7.304   5.814   12.248  1.00 19.84  ? 21   GLU A CA  1 
ATOM   163  C C   . GLU A 1 21 ? 6.232   5.809   11.130  1.00 16.43  ? 21   GLU A C   1 
ATOM   164  O O   . GLU A 1 21 ? 5.108   6.162   11.361  1.00 19.99  ? 21   GLU A O   1 
ATOM   165  C CB  . GLU A 1 21 ? 7.139   4.510   13.053  1.00 24.73  ? 21   GLU A CB  1 
ATOM   166  C CG  . GLU A 1 21 ? 8.149   4.347   14.125  1.00 35.68  ? 21   GLU A CG  1 
ATOM   167  C CD  . GLU A 1 21 ? 9.183   3.264   13.738  1.00 45.41  ? 21   GLU A CD  1 
ATOM   168  O OE1 . GLU A 1 21 ? 8.865   2.056   13.887  1.00 47.42  ? 21   GLU A OE1 1 
ATOM   169  O OE2 . GLU A 1 21 ? 10.299  3.627   13.266  1.00 48.46  ? 21   GLU A OE2 1 
ATOM   170  N N   . ALA A 1 22 ? 6.629   5.345   9.949   1.00 17.47  ? 22   ALA A N   1 
ATOM   171  C CA  . ALA A 1 22 ? 5.675   5.333   8.816   1.00 16.89  ? 22   ALA A CA  1 
ATOM   172  C C   . ALA A 1 22 ? 5.937   4.131   7.975   1.00 17.98  ? 22   ALA A C   1 
ATOM   173  O O   . ALA A 1 22 ? 7.060   3.583   7.891   1.00 17.08  ? 22   ALA A O   1 
ATOM   174  C CB  . ALA A 1 22 ? 5.839   6.569   7.971   1.00 17.23  ? 22   ALA A CB  1 
ATOM   175  N N   . LEU A 1 23 ? 4.862   3.756   7.269   1.00 19.26  ? 23   LEU A N   1 
ATOM   176  C CA  . LEU A 1 23 ? 4.917   2.600   6.389   1.00 19.18  ? 23   LEU A CA  1 
ATOM   177  C C   . LEU A 1 23 ? 5.249   3.022   4.949   1.00 19.19  ? 23   LEU A C   1 
ATOM   178  O O   . LEU A 1 23 ? 4.612   3.948   4.449   1.00 19.14  ? 23   LEU A O   1 
ATOM   179  C CB  . LEU A 1 23 ? 3.513   2.010   6.423   1.00 19.34  ? 23   LEU A CB  1 
ATOM   180  C CG  . LEU A 1 23 ? 3.205   0.731   5.646   1.00 24.02  ? 23   LEU A CG  1 
ATOM   181  C CD1 . LEU A 1 23 ? 3.935   -0.401  6.349   1.00 27.13  ? 23   LEU A CD1 1 
ATOM   182  C CD2 . LEU A 1 23 ? 1.723   0.397   5.694   1.00 27.16  ? 23   LEU A CD2 1 
ATOM   183  N N   . LEU A 1 24 ? 6.236   2.377   4.300   1.00 16.59  ? 24   LEU A N   1 
ATOM   184  C CA  . LEU A 1 24 ? 6.502   2.670   2.878   1.00 18.85  ? 24   LEU A CA  1 
ATOM   185  C C   . LEU A 1 24 ? 5.427   1.901   2.126   1.00 22.18  ? 24   LEU A C   1 
ATOM   186  O O   . LEU A 1 24 ? 5.387   0.623   2.193   1.00 21.21  ? 24   LEU A O   1 
ATOM   187  C CB  . LEU A 1 24 ? 7.849   2.149   2.506   1.00 20.26  ? 24   LEU A CB  1 
ATOM   188  C CG  . LEU A 1 24 ? 9.049   2.830   3.190   1.00 21.97  ? 24   LEU A CG  1 
ATOM   189  C CD1 . LEU A 1 24 ? 10.284  2.163   2.650   1.00 25.16  ? 24   LEU A CD1 1 
ATOM   190  C CD2 . LEU A 1 24 ? 9.101   4.315   2.970   1.00 24.95  ? 24   LEU A CD2 1 
ATOM   191  N N   . ASP A 1 25 ? 4.583   2.623   1.370   1.00 19.83  ? 25   ASP A N   1 
ATOM   192  C CA  . ASP A 1 25 ? 3.422   1.950   0.755   1.00 19.29  ? 25   ASP A CA  1 
ATOM   193  C C   . ASP A 1 25 ? 3.329   2.241   -0.737  1.00 18.33  ? 25   ASP A C   1 
ATOM   194  O O   . ASP A 1 25 ? 2.876   3.322   -1.134  1.00 18.56  ? 25   ASP A O   1 
ATOM   195  C CB  . ASP A 1 25 ? 2.169   2.492   1.391   1.00 23.29  ? 25   ASP A CB  1 
ATOM   196  C CG  . ASP A 1 25 ? 0.912   1.798   0.892   1.00 35.30  ? 25   ASP A CG  1 
ATOM   197  O OD1 . ASP A 1 25 ? -0.208  2.151   1.353   1.00 36.35  ? 25   ASP A OD1 1 
ATOM   198  O OD2 . ASP A 1 25 ? 1.071   0.888   0.050   1.00 34.64  ? 25   ASP A OD2 1 
ATOM   199  N N   . THR A 1 26 ? 3.797   1.287   -1.534  1.00 17.74  ? 26   THR A N   1 
ATOM   200  C CA  . THR A 1 26 ? 3.836   1.459   -2.987  1.00 17.58  ? 26   THR A CA  1 
ATOM   201  C C   . THR A 1 26 ? 2.455   1.471   -3.534  1.00 19.13  ? 26   THR A C   1 
ATOM   202  O O   . THR A 1 26 ? 2.289   1.918   -4.681  1.00 20.01  ? 26   THR A O   1 
ATOM   203  C CB  . THR A 1 26 ? 4.621   0.314   -3.684  1.00 17.25  ? 26   THR A CB  1 
ATOM   204  O OG1 . THR A 1 26 ? 4.009   -0.945  -3.275  1.00 17.45  ? 26   THR A OG1 1 
ATOM   205  C CG2 . THR A 1 26 ? 6.135   0.300   -3.213  1.00 20.32  ? 26   THR A CG2 1 
ATOM   206  N N   . GLY A 1 27 ? 1.468   1.043   -2.724  1.00 17.67  ? 27   GLY A N   1 
ATOM   207  C CA  . GLY A 1 27 ? 0.085   1.076   -3.201  1.00 21.66  ? 27   GLY A CA  1 
ATOM   208  C C   . GLY A 1 27 ? -0.626  2.417   -2.941  1.00 23.50  ? 27   GLY A C   1 
ATOM   209  O O   . GLY A 1 27 ? -1.788  2.626   -3.339  1.00 25.90  ? 27   GLY A O   1 
ATOM   210  N N   . ALA A 1 28 ? 0.079   3.340   -2.288  1.00 19.44  ? 28   ALA A N   1 
ATOM   211  C CA  . ALA A 1 28 ? -0.493  4.637   -1.973  1.00 19.67  ? 28   ALA A CA  1 
ATOM   212  C C   . ALA A 1 28 ? -0.012  5.719   -2.922  1.00 20.00  ? 28   ALA A C   1 
ATOM   213  O O   . ALA A 1 28 ? 1.201   5.935   -3.115  1.00 19.32  ? 28   ALA A O   1 
ATOM   214  C CB  . ALA A 1 28 ? -0.110  5.053   -0.491  1.00 19.15  ? 28   ALA A CB  1 
ATOM   215  N N   . ASP A 1 29 ? -0.955  6.426   -3.523  1.00 21.63  ? 29   ASP A N   1 
ATOM   216  C CA  . ASP A 1 29 ? -0.557  7.470   -4.456  1.00 22.79  ? 29   ASP A CA  1 
ATOM   217  C C   . ASP A 1 29 ? 0.042   8.612   -3.637  1.00 23.51  ? 29   ASP A C   1 
ATOM   218  O O   . ASP A 1 29 ? 0.998   9.245   -4.035  1.00 25.49  ? 29   ASP A O   1 
ATOM   219  C CB  . ASP A 1 29 ? -1.783  8.069   -5.143  1.00 25.06  ? 29   ASP A CB  1 
ATOM   220  C CG  . ASP A 1 29 ? -2.509  7.059   -6.048  1.00 29.06  ? 29   ASP A CG  1 
ATOM   221  O OD1 . ASP A 1 29 ? -1.794  6.199   -6.586  1.00 28.13  ? 29   ASP A OD1 1 
ATOM   222  O OD2 . ASP A 1 29 ? -3.734  7.160   -6.189  1.00 30.63  ? 29   ASP A OD2 1 
ATOM   223  N N   . ASP A 1 30 ? -0.595  8.833   -2.512  1.00 24.16  ? 30   ASP A N   1 
ATOM   224  C CA  . ASP A 1 30 ? -0.239  9.915   -1.619  1.00 25.41  ? 30   ASP A CA  1 
ATOM   225  C C   . ASP A 1 30 ? 0.230   9.521   -0.237  1.00 24.11  ? 30   ASP A C   1 
ATOM   226  O O   . ASP A 1 30 ? -0.049  8.421   0.272   1.00 24.59  ? 30   ASP A O   1 
ATOM   227  C CB  . ASP A 1 30 ? -1.424  10.853  -1.433  1.00 29.43  ? 30   ASP A CB  1 
ATOM   228  C CG  . ASP A 1 30 ? -1.999  11.372  -2.769  1.00 34.15  ? 30   ASP A CG  1 
ATOM   229  O OD1 . ASP A 1 30 ? -1.226  11.718  -3.680  1.00 39.55  ? 30   ASP A OD1 1 
ATOM   230  O OD2 . ASP A 1 30 ? -3.231  11.433  -2.856  1.00 40.50  ? 30   ASP A OD2 1 
ATOM   231  N N   . THR A 1 31 ? 0.877   10.509  0.402   1.00 23.81  ? 31   THR A N   1 
ATOM   232  C CA  . THR A 1 31 ? 1.385   10.350  1.761   1.00 20.09  ? 31   THR A CA  1 
ATOM   233  C C   . THR A 1 31 ? 0.333   10.879  2.774   1.00 21.09  ? 31   THR A C   1 
ATOM   234  O O   . THR A 1 31 ? -0.188  11.989  2.634   1.00 19.64  ? 31   THR A O   1 
ATOM   235  C CB  . THR A 1 31 ? 2.705   11.108  1.834   1.00 19.12  ? 31   THR A CB  1 
ATOM   236  O OG1 . THR A 1 31 ? 3.687   10.405  1.070   1.00 21.04  ? 31   THR A OG1 1 
ATOM   237  C CG2 . THR A 1 31 ? 3.210   11.241  3.300   1.00 19.58  ? 31   THR A CG2 1 
ATOM   238  N N   . VAL A 1 32 ? -0.003  10.078  3.754   1.00 18.68  ? 32   VAL A N   1 
ATOM   239  C CA  . VAL A 1 32 ? -1.003  10.477  4.749   1.00 22.55  ? 32   VAL A CA  1 
ATOM   240  C C   . VAL A 1 32 ? -0.565  10.135  6.165   1.00 23.37  ? 32   VAL A C   1 
ATOM   241  O O   . VAL A 1 32 ? -0.214  9.021   6.466   1.00 23.18  ? 32   VAL A O   1 
ATOM   242  C CB  . VAL A 1 32 ? -2.365  9.825   4.446   1.00 26.32  ? 32   VAL A CB  1 
ATOM   243  C CG1 . VAL A 1 32 ? -2.261  8.344   4.482   1.00 30.93  ? 32   VAL A CG1 1 
ATOM   244  C CG2 . VAL A 1 32 ? -3.379  10.296  5.465   1.00 25.31  ? 32   VAL A CG2 1 
ATOM   245  N N   . LEU A 1 33 ? -0.532  11.156  7.019   1.00 25.12  ? 33   LEU A N   1 
ATOM   246  C CA  . LEU A 1 33 ? -0.121  10.960  8.378   1.00 25.45  ? 33   LEU A CA  1 
ATOM   247  C C   . LEU A 1 33 ? -1.246  11.137  9.358   1.00 27.27  ? 33   LEU A C   1 
ATOM   248  O O   . LEU A 1 33 ? -2.174  11.953  9.120   1.00 26.92  ? 33   LEU A O   1 
ATOM   249  C CB  . LEU A 1 33 ? 0.976   11.978  8.732   1.00 25.65  ? 33   LEU A CB  1 
ATOM   250  C CG  . LEU A 1 33 ? 2.139   11.988  7.714   1.00 28.61  ? 33   LEU A CG  1 
ATOM   251  C CD1 . LEU A 1 33 ? 3.172   13.091  8.021   1.00 29.58  ? 33   LEU A CD1 1 
ATOM   252  C CD2 . LEU A 1 33 ? 2.768   10.597  7.774   1.00 29.03  ? 33   LEU A CD2 1 
ATOM   253  N N   . GLU A 1 34 ? -1.126  10.405  10.464  1.00 27.91  ? 34   GLU A N   1 
ATOM   254  C CA  . GLU A 1 34 ? -2.084  10.500  11.524  1.00 31.97  ? 34   GLU A CA  1 
ATOM   255  C C   . GLU A 1 34 ? -2.051  11.938  11.995  1.00 33.50  ? 34   GLU A C   1 
ATOM   256  O O   . GLU A 1 34 ? -1.149  12.741  11.658  1.00 33.05  ? 34   GLU A O   1 
ATOM   257  C CB  . GLU A 1 34 ? -1.735  9.572   12.696  1.00 32.72  ? 34   GLU A CB  1 
ATOM   258  C CG  . GLU A 1 34 ? -1.337  8.136   12.337  1.00 42.37  ? 34   GLU A CG  1 
ATOM   259  C CD  . GLU A 1 34 ? -0.897  7.355   13.583  1.00 48.92  ? 34   GLU A CD  1 
ATOM   260  O OE1 . GLU A 1 34 ? -0.117  7.930   14.379  1.00 53.25  ? 34   GLU A OE1 1 
ATOM   261  O OE2 . GLU A 1 34 ? -1.315  6.187   13.769  1.00 53.91  ? 34   GLU A OE2 1 
ATOM   262  N N   . GLU A 1 35 ? -3.054  12.280  12.784  1.00 34.25  ? 35   GLU A N   1 
ATOM   263  C CA  . GLU A 1 35 ? -3.152  13.640  13.277  1.00 37.32  ? 35   GLU A CA  1 
ATOM   264  C C   . GLU A 1 35 ? -1.868  14.128  13.964  1.00 36.30  ? 35   GLU A C   1 
ATOM   265  O O   . GLU A 1 35 ? -1.287  13.442  14.818  1.00 37.37  ? 35   GLU A O   1 
ATOM   266  C CB  . GLU A 1 35 ? -4.345  13.743  14.220  1.00 39.38  ? 35   GLU A CB  1 
ATOM   267  C CG  . GLU A 1 35 ? -4.774  15.172  14.471  1.00 48.05  ? 35   GLU A CG  1 
ATOM   268  C CD  . GLU A 1 35 ? -5.401  15.792  13.241  1.00 52.98  ? 35   GLU A CD  1 
ATOM   269  O OE1 . GLU A 1 35 ? -6.308  15.161  12.645  1.00 56.78  ? 35   GLU A OE1 1 
ATOM   270  O OE2 . GLU A 1 35 ? -4.991  16.914  12.872  1.00 56.88  ? 35   GLU A OE2 1 
ATOM   271  N N   . MET A 1 36 ? -1.429  15.306  13.556  1.00 36.26  ? 36   MET A N   1 
ATOM   272  C CA  . MET A 1 36 ? -0.227  15.890  14.104  1.00 37.46  ? 36   MET A CA  1 
ATOM   273  C C   . MET A 1 36 ? -0.260  17.378  13.871  1.00 37.74  ? 36   MET A C   1 
ATOM   274  O O   . MET A 1 36 ? -1.055  17.877  13.084  1.00 37.91  ? 36   MET A O   1 
ATOM   275  C CB  . MET A 1 36 ? 1.007   15.347  13.392  1.00 37.04  ? 36   MET A CB  1 
ATOM   276  C CG  . MET A 1 36 ? 1.084   15.836  11.976  1.00 39.52  ? 36   MET A CG  1 
ATOM   277  S SD  . MET A 1 36 ? 2.563   15.253  11.168  1.00 34.83  ? 36   MET A SD  1 
ATOM   278  C CE  . MET A 1 36 ? 2.289   13.509  11.289  1.00 49.24  ? 36   MET A CE  1 
ATOM   279  N N   . SER A 1 37 ? 0.673   18.050  14.536  1.00 39.23  ? 37   SER A N   1 
ATOM   280  C CA  . SER A 1 37 ? 0.848   19.474  14.466  1.00 40.77  ? 37   SER A CA  1 
ATOM   281  C C   . SER A 1 37 ? 1.807   19.774  13.331  1.00 41.64  ? 37   SER A C   1 
ATOM   282  O O   . SER A 1 37 ? 2.976   19.374  13.390  1.00 40.37  ? 37   SER A O   1 
ATOM   283  C CB  . SER A 1 37 ? 1.438   19.963  15.784  1.00 41.26  ? 37   SER A CB  1 
ATOM   284  O OG  . SER A 1 37 ? 1.587   21.371  15.757  1.00 47.49  ? 37   SER A OG  1 
ATOM   285  N N   . LEU A 1 38 ? 1.308   20.478  12.317  1.00 42.26  ? 38   LEU A N   1 
ATOM   286  C CA  . LEU A 1 38 ? 2.074   20.857  11.148  1.00 44.52  ? 38   LEU A CA  1 
ATOM   287  C C   . LEU A 1 38 ? 1.770   22.328  10.866  1.00 46.83  ? 38   LEU A C   1 
ATOM   288  O O   . LEU A 1 38 ? 0.631   22.689  10.597  1.00 48.05  ? 38   LEU A O   1 
ATOM   289  C CB  . LEU A 1 38 ? 1.644   19.994  9.937   1.00 45.64  ? 38   LEU A CB  1 
ATOM   290  C CG  . LEU A 1 38 ? 2.726   19.647  8.906   1.00 47.37  ? 38   LEU A CG  1 
ATOM   291  C CD1 . LEU A 1 38 ? 3.900   19.016  9.622   1.00 46.91  ? 38   LEU A CD1 1 
ATOM   292  C CD2 . LEU A 1 38 ? 2.183   18.687  7.856   1.00 47.10  ? 38   LEU A CD2 1 
ATOM   293  N N   . PRO A 1 39 ? 2.786   23.194  10.922  1.00 48.47  ? 39   PRO A N   1 
ATOM   294  C CA  . PRO A 1 39 ? 2.589   24.630  10.669  1.00 50.47  ? 39   PRO A CA  1 
ATOM   295  C C   . PRO A 1 39 ? 2.107   24.892  9.226   1.00 51.60  ? 39   PRO A C   1 
ATOM   296  O O   . PRO A 1 39 ? 2.057   23.975  8.431   1.00 50.24  ? 39   PRO A O   1 
ATOM   297  C CB  . PRO A 1 39 ? 3.978   25.200  10.925  1.00 50.55  ? 39   PRO A CB  1 
ATOM   298  C CG  . PRO A 1 39 ? 4.863   24.090  10.373  1.00 49.94  ? 39   PRO A CG  1 
ATOM   299  C CD  . PRO A 1 39 ? 4.221   22.868  10.997  1.00 48.85  ? 39   PRO A CD  1 
ATOM   300  N N   . GLY A 1 40 ? 1.765   26.144  8.920   1.00 53.64  ? 40   GLY A N   1 
ATOM   301  C CA  . GLY A 1 40 ? 1.325   26.510  7.578   1.00 55.71  ? 40   GLY A CA  1 
ATOM   302  C C   . GLY A 1 40 ? -0.175  26.440  7.337   1.00 57.73  ? 40   GLY A C   1 
ATOM   303  O O   . GLY A 1 40 ? -0.961  26.064  8.221   1.00 57.09  ? 40   GLY A O   1 
ATOM   304  N N   . ARG A 1 41 ? -0.600  26.813  6.134   1.00 59.33  ? 41   ARG A N   1 
ATOM   305  C CA  . ARG A 1 41 ? -2.023  26.740  5.816   1.00 61.54  ? 41   ARG A CA  1 
ATOM   306  C C   . ARG A 1 41 ? -2.305  25.433  5.048   1.00 60.49  ? 41   ARG A C   1 
ATOM   307  O O   . ARG A 1 41 ? -1.386  24.762  4.586   1.00 60.00  ? 41   ARG A O   1 
ATOM   308  C CB  . ARG A 1 41 ? -2.433  27.959  4.981   1.00 67.09  ? 41   ARG A CB  1 
ATOM   309  C CG  . ARG A 1 41 ? -3.947  28.134  4.827   1.00 77.45  ? 41   ARG A CG  1 
ATOM   310  C CD  . ARG A 1 41 ? -4.304  29.389  4.016   1.00 86.37  ? 41   ARG A CD  1 
ATOM   311  N NE  . ARG A 1 41 ? -5.741  29.472  3.725   1.00 93.91  ? 41   ARG A NE  1 
ATOM   312  C CZ  . ARG A 1 41 ? -6.683  29.743  4.627   1.00 97.07  ? 41   ARG A CZ  1 
ATOM   313  N NH1 . ARG A 1 41 ? -6.348  29.964  5.893   1.00 99.63  ? 41   ARG A NH1 1 
ATOM   314  N NH2 . ARG A 1 41 ? -7.960  29.784  4.266   1.00 98.06  ? 41   ARG A NH2 1 
ATOM   315  N N   . TRP A 1 42 ? -3.570  25.064  4.917   1.00 59.95  ? 42   TRP A N   1 
ATOM   316  C CA  . TRP A 1 42 ? -3.906  23.838  4.200   1.00 60.29  ? 42   TRP A CA  1 
ATOM   317  C C   . TRP A 1 42 ? -5.200  23.969  3.423   1.00 60.64  ? 42   TRP A C   1 
ATOM   318  O O   . TRP A 1 42 ? -5.911  24.957  3.562   1.00 60.97  ? 42   TRP A O   1 
ATOM   319  C CB  . TRP A 1 42 ? -4.056  22.689  5.175   1.00 60.02  ? 42   TRP A CB  1 
ATOM   320  C CG  . TRP A 1 42 ? -4.983  23.014  6.273   1.00 61.40  ? 42   TRP A CG  1 
ATOM   321  C CD1 . TRP A 1 42 ? -4.668  23.616  7.458   1.00 60.99  ? 42   TRP A CD1 1 
ATOM   322  C CD2 . TRP A 1 42 ? -6.384  22.733  6.322   1.00 62.21  ? 42   TRP A CD2 1 
ATOM   323  N NE1 . TRP A 1 42 ? -5.778  23.716  8.246   1.00 61.42  ? 42   TRP A NE1 1 
ATOM   324  C CE2 . TRP A 1 42 ? -6.848  23.184  7.580   1.00 62.57  ? 42   TRP A CE2 1 
ATOM   325  C CE3 . TRP A 1 42 ? -7.286  22.140  5.436   1.00 63.98  ? 42   TRP A CE3 1 
ATOM   326  C CZ2 . TRP A 1 42 ? -8.184  23.063  7.969   1.00 62.84  ? 42   TRP A CZ2 1 
ATOM   327  C CZ3 . TRP A 1 42 ? -8.615  22.018  5.825   1.00 65.32  ? 42   TRP A CZ3 1 
ATOM   328  C CH2 . TRP A 1 42 ? -9.049  22.478  7.085   1.00 64.79  ? 42   TRP A CH2 1 
ATOM   329  N N   . LYS A 1 43 ? -5.505  22.954  2.616   1.00 61.13  ? 43   LYS A N   1 
ATOM   330  C CA  . LYS A 1 43 ? -6.724  22.928  1.809   1.00 61.14  ? 43   LYS A CA  1 
ATOM   331  C C   . LYS A 1 43 ? -7.418  21.583  1.998   1.00 60.67  ? 43   LYS A C   1 
ATOM   332  O O   . LYS A 1 43 ? -6.770  20.528  2.017   1.00 59.88  ? 43   LYS A O   1 
ATOM   333  C CB  . LYS A 1 43 ? -6.387  23.151  0.329   1.00 64.10  ? 43   LYS A CB  1 
ATOM   334  C CG  . LYS A 1 43 ? -5.773  24.532  0.036   1.00 67.97  ? 43   LYS A CG  1 
ATOM   335  C CD  . LYS A 1 43 ? -5.369  24.676  -1.420  1.00 71.91  ? 43   LYS A CD  1 
ATOM   336  C CE  . LYS A 1 43 ? -4.846  26.071  -1.719  1.00 73.81  ? 43   LYS A CE  1 
ATOM   337  N NZ  . LYS A 1 43 ? -3.703  26.434  -0.838  1.00 77.28  ? 43   LYS A NZ  1 
ATOM   338  N N   . PRO A 1 44 ? -8.749  21.596  2.161   1.00 59.74  ? 44   PRO A N   1 
ATOM   339  C CA  . PRO A 1 44 ? -9.523  20.362  2.355   1.00 58.75  ? 44   PRO A CA  1 
ATOM   340  C C   . PRO A 1 44 ? -9.343  19.355  1.222   1.00 57.64  ? 44   PRO A C   1 
ATOM   341  O O   . PRO A 1 44 ? -8.992  19.721  0.096   1.00 57.43  ? 44   PRO A O   1 
ATOM   342  C CB  . PRO A 1 44 ? -10.957 20.872  2.451   1.00 58.34  ? 44   PRO A CB  1 
ATOM   343  C CG  . PRO A 1 44 ? -10.772 22.202  3.099   1.00 58.90  ? 44   PRO A CG  1 
ATOM   344  C CD  . PRO A 1 44 ? -9.614  22.778  2.313   1.00 59.50  ? 44   PRO A CD  1 
ATOM   345  N N   . LYS A 1 45 ? -9.566  18.080  1.514   1.00 56.26  ? 45   LYS A N   1 
ATOM   346  C CA  . LYS A 1 45 ? -9.414  17.074  0.468   1.00 55.18  ? 45   LYS A CA  1 
ATOM   347  C C   . LYS A 1 45 ? -9.914  15.758  1.004   1.00 53.75  ? 45   LYS A C   1 
ATOM   348  O O   . LYS A 1 45 ? -10.063 15.607  2.209   1.00 54.02  ? 45   LYS A O   1 
ATOM   349  C CB  . LYS A 1 45 ? -7.943  16.966  0.031   1.00 55.98  ? 45   LYS A CB  1 
ATOM   350  C CG  . LYS A 1 45 ? -7.723  16.132  -1.233  1.00 57.83  ? 45   LYS A CG  1 
ATOM   351  C CD  . LYS A 1 45 ? -6.313  16.276  -1.763  1.00 60.53  ? 45   LYS A CD  1 
ATOM   352  C CE  . LYS A 1 45 ? -6.125  15.555  -3.091  1.00 61.79  ? 45   LYS A CE  1 
ATOM   353  N NZ  . LYS A 1 45 ? -6.361  14.083  -2.991  1.00 64.56  ? 45   LYS A NZ  1 
ATOM   354  N N   . MET A 1 46 ? -10.222 14.819  0.115   1.00 52.32  ? 46   MET A N   1 
ATOM   355  C CA  . MET A 1 46 ? -10.709 13.515  0.546   1.00 50.85  ? 46   MET A CA  1 
ATOM   356  C C   . MET A 1 46 ? -9.989  12.428  -0.222  1.00 47.97  ? 46   MET A C   1 
ATOM   357  O O   . MET A 1 46 ? -9.786  12.544  -1.425  1.00 49.79  ? 46   MET A O   1 
ATOM   358  C CB  . MET A 1 46 ? -12.223 13.397  0.328   1.00 54.31  ? 46   MET A CB  1 
ATOM   359  C CG  . MET A 1 46 ? -13.042 14.474  1.046   1.00 60.28  ? 46   MET A CG  1 
ATOM   360  S SD  . MET A 1 46 ? -14.760 13.946  1.264   1.00 67.69  ? 46   MET A SD  1 
ATOM   361  C CE  . MET A 1 46 ? -14.663 13.280  2.922   1.00 69.35  ? 46   MET A CE  1 
ATOM   362  N N   . ILE A 1 47 ? -9.595  11.369  0.468   1.00 46.56  ? 47   ILE A N   1 
ATOM   363  C CA  . ILE A 1 47 ? -8.862  10.271  -0.159  1.00 43.33  ? 47   ILE A CA  1 
ATOM   364  C C   . ILE A 1 47 ? -9.574  8.960   0.134   1.00 42.48  ? 47   ILE A C   1 
ATOM   365  O O   . ILE A 1 47 ? -10.265 8.847   1.131   1.00 42.57  ? 47   ILE A O   1 
ATOM   366  C CB  . ILE A 1 47 ? -7.404  10.171  0.381   1.00 42.97  ? 47   ILE A CB  1 
ATOM   367  C CG1 . ILE A 1 47 ? -7.409  10.025  1.899   1.00 40.37  ? 47   ILE A CG1 1 
ATOM   368  C CG2 . ILE A 1 47 ? -6.619  11.385  -0.010  1.00 43.33  ? 47   ILE A CG2 1 
ATOM   369  C CD1 . ILE A 1 47 ? -6.082  9.554   2.448   1.00 43.46  ? 47   ILE A CD1 1 
ATOM   370  N N   . GLY A 1 48 ? -9.398  7.958   -0.722  1.00 42.25  ? 48   GLY A N   1 
ATOM   371  C CA  . GLY A 1 48 ? -10.067 6.700   -0.459  1.00 41.53  ? 48   GLY A CA  1 
ATOM   372  C C   . GLY A 1 48 ? -9.145  5.509   -0.278  1.00 41.47  ? 48   GLY A C   1 
ATOM   373  O O   . GLY A 1 48 ? -7.930  5.609   -0.451  1.00 40.05  ? 48   GLY A O   1 
ATOM   374  N N   . GLY A 1 49 ? -9.734  4.381   0.099   1.00 41.14  ? 49   GLY A N   1 
ATOM   375  C CA  . GLY A 1 49 ? -8.966  3.156   0.257   1.00 41.78  ? 49   GLY A CA  1 
ATOM   376  C C   . GLY A 1 49 ? -9.948  2.039   0.517   1.00 41.79  ? 49   GLY A C   1 
ATOM   377  O O   . GLY A 1 49 ? -11.116 2.165   0.207   1.00 42.22  ? 49   GLY A O   1 
ATOM   378  N N   . ILE A 1 50 ? -9.472  0.936   1.063   1.00 42.57  ? 50   ILE A N   1 
ATOM   379  C CA  . ILE A 1 50 ? -10.321 -0.182  1.399   1.00 44.71  ? 50   ILE A CA  1 
ATOM   380  C C   . ILE A 1 50 ? -11.097 0.207   2.659   1.00 45.16  ? 50   ILE A C   1 
ATOM   381  O O   . ILE A 1 50 ? -10.508 0.687   3.619   1.00 45.43  ? 50   ILE A O   1 
ATOM   382  C CB  . ILE A 1 50 ? -9.453  -1.419  1.689   1.00 47.24  ? 50   ILE A CB  1 
ATOM   383  C CG1 . ILE A 1 50 ? -8.977  -2.005  0.365   1.00 48.64  ? 50   ILE A CG1 1 
ATOM   384  C CG2 . ILE A 1 50 ? -10.204 -2.429  2.532   1.00 48.80  ? 50   ILE A CG2 1 
ATOM   385  C CD1 . ILE A 1 50 ? -8.339  -3.363  0.501   1.00 48.49  ? 50   ILE A CD1 1 
ATOM   386  N N   . GLY A 1 51 ? -12.410 0.022   2.656   1.00 44.90  ? 51   GLY A N   1 
ATOM   387  C CA  . GLY A 1 51 ? -13.180 0.355   3.840   1.00 45.04  ? 51   GLY A CA  1 
ATOM   388  C C   . GLY A 1 51 ? -13.989 1.626   3.737   1.00 45.64  ? 51   GLY A C   1 
ATOM   389  O O   . GLY A 1 51 ? -14.937 1.845   4.516   1.00 46.59  ? 51   GLY A O   1 
ATOM   390  N N   . GLY A 1 52 ? -13.616 2.466   2.781   1.00 44.58  ? 52   GLY A N   1 
ATOM   391  C CA  . GLY A 1 52 ? -14.311 3.719   2.598   1.00 44.86  ? 52   GLY A CA  1 
ATOM   392  C C   . GLY A 1 52 ? -13.385 4.896   2.334   1.00 45.78  ? 52   GLY A C   1 
ATOM   393  O O   . GLY A 1 52 ? -12.332 4.788   1.684   1.00 45.27  ? 52   GLY A O   1 
ATOM   394  N N   . PHE A 1 53 ? -13.756 6.048   2.863   1.00 47.14  ? 53   PHE A N   1 
ATOM   395  C CA  . PHE A 1 53 ? -12.953 7.227   2.614   1.00 47.66  ? 53   PHE A CA  1 
ATOM   396  C C   . PHE A 1 53 ? -12.773 8.035   3.891   1.00 47.12  ? 53   PHE A C   1 
ATOM   397  O O   . PHE A 1 53 ? -13.533 7.864   4.859   1.00 46.83  ? 53   PHE A O   1 
ATOM   398  C CB  . PHE A 1 53 ? -13.660 8.069   1.575   1.00 51.78  ? 53   PHE A CB  1 
ATOM   399  C CG  . PHE A 1 53 ? -14.974 8.616   2.049   1.00 58.18  ? 53   PHE A CG  1 
ATOM   400  C CD1 . PHE A 1 53 ? -15.034 9.843   2.700   1.00 61.30  ? 53   PHE A CD1 1 
ATOM   401  C CD2 . PHE A 1 53 ? -16.162 7.926   1.814   1.00 60.75  ? 53   PHE A CD2 1 
ATOM   402  C CE1 . PHE A 1 53 ? -16.266 10.383  3.107   1.00 64.26  ? 53   PHE A CE1 1 
ATOM   403  C CE2 . PHE A 1 53 ? -17.403 8.465   2.219   1.00 63.82  ? 53   PHE A CE2 1 
ATOM   404  C CZ  . PHE A 1 53 ? -17.451 9.691   2.859   1.00 63.12  ? 53   PHE A CZ  1 
ATOM   405  N N   . ILE A 1 54 ? -11.765 8.907   3.900   1.00 45.28  ? 54   ILE A N   1 
ATOM   406  C CA  . ILE A 1 54 ? -11.552 9.769   5.067   1.00 44.63  ? 54   ILE A CA  1 
ATOM   407  C C   . ILE A 1 54 ? -11.325 11.180  4.601   1.00 43.98  ? 54   ILE A C   1 
ATOM   408  O O   . ILE A 1 54 ? -10.902 11.383  3.485   1.00 46.28  ? 54   ILE A O   1 
ATOM   409  C CB  . ILE A 1 54 ? -10.345 9.360   5.883   1.00 43.20  ? 54   ILE A CB  1 
ATOM   410  C CG1 . ILE A 1 54 ? -9.079  9.438   5.008   1.00 43.25  ? 54   ILE A CG1 1 
ATOM   411  C CG2 . ILE A 1 54 ? -10.559 7.963   6.456   1.00 43.38  ? 54   ILE A CG2 1 
ATOM   412  C CD1 . ILE A 1 54 ? -7.797  9.472   5.819   1.00 38.66  ? 54   ILE A CD1 1 
ATOM   413  N N   . LYS A 1 55 ? -11.618 12.156  5.451   1.00 44.77  ? 55   LYS A N   1 
ATOM   414  C CA  . LYS A 1 55 ? -11.404 13.546  5.102   1.00 44.90  ? 55   LYS A CA  1 
ATOM   415  C C   . LYS A 1 55 ? -10.037 13.894  5.659   1.00 43.80  ? 55   LYS A C   1 
ATOM   416  O O   . LYS A 1 55 ? -9.720  13.493  6.781   1.00 42.73  ? 55   LYS A O   1 
ATOM   417  C CB  . LYS A 1 55 ? -12.468 14.432  5.761   1.00 49.26  ? 55   LYS A CB  1 
ATOM   418  C CG  . LYS A 1 55 ? -12.749 15.774  5.046   1.00 55.79  ? 55   LYS A CG  1 
ATOM   419  C CD  . LYS A 1 55 ? -11.606 16.795  5.175   1.00 63.15  ? 55   LYS A CD  1 
ATOM   420  C CE  . LYS A 1 55 ? -12.013 18.182  4.651   1.00 67.10  ? 55   LYS A CE  1 
ATOM   421  N NZ  . LYS A 1 55 ? -10.993 19.242  4.908   1.00 70.75  ? 55   LYS A NZ  1 
ATOM   422  N N   . VAL A 1 56 ? -9.237  14.623  4.874   1.00 42.77  ? 56   VAL A N   1 
ATOM   423  C CA  . VAL A 1 56 ? -7.904  15.031  5.310   1.00 42.00  ? 56   VAL A CA  1 
ATOM   424  C C   . VAL A 1 56 ? -7.538  16.473  5.003   1.00 41.59  ? 56   VAL A C   1 
ATOM   425  O O   . VAL A 1 56 ? -8.193  17.155  4.207   1.00 41.00  ? 56   VAL A O   1 
ATOM   426  C CB  . VAL A 1 56 ? -6.804  14.151  4.691   1.00 40.04  ? 56   VAL A CB  1 
ATOM   427  C CG1 . VAL A 1 56 ? -6.985  12.700  5.156   1.00 40.81  ? 56   VAL A CG1 1 
ATOM   428  C CG2 . VAL A 1 56 ? -6.798  14.291  3.191   1.00 39.10  ? 56   VAL A CG2 1 
ATOM   429  N N   . ARG A 1 57 ? -6.478  16.941  5.655   1.00 42.10  ? 57   ARG A N   1 
ATOM   430  C CA  . ARG A 1 57 ? -5.983  18.300  5.440   1.00 40.83  ? 57   ARG A CA  1 
ATOM   431  C C   . ARG A 1 57 ? -4.815  18.140  4.506   1.00 39.96  ? 57   ARG A C   1 
ATOM   432  O O   . ARG A 1 57 ? -3.955  17.279  4.727   1.00 38.49  ? 57   ARG A O   1 
ATOM   433  C CB  . ARG A 1 57 ? -5.520  18.913  6.767   1.00 44.21  ? 57   ARG A CB  1 
ATOM   434  C CG  . ARG A 1 57 ? -6.636  19.062  7.793   1.00 51.02  ? 57   ARG A CG  1 
ATOM   435  C CD  . ARG A 1 57 ? -6.197  19.855  9.056   1.00 55.60  ? 57   ARG A CD  1 
ATOM   436  N NE  . ARG A 1 57 ? -5.263  19.107  9.897   1.00 60.08  ? 57   ARG A NE  1 
ATOM   437  C CZ  . ARG A 1 57 ? -4.504  19.639  10.852  1.00 63.93  ? 57   ARG A CZ  1 
ATOM   438  N NH1 . ARG A 1 57 ? -4.560  20.949  11.106  1.00 65.90  ? 57   ARG A NH1 1 
ATOM   439  N NH2 . ARG A 1 57 ? -3.687  18.859  11.552  1.00 63.60  ? 57   ARG A NH2 1 
ATOM   440  N N   . GLN A 1 58 ? -4.779  18.948  3.460   1.00 39.38  ? 58   GLN A N   1 
ATOM   441  C CA  . GLN A 1 58 ? -3.696  18.870  2.496   1.00 39.63  ? 58   GLN A CA  1 
ATOM   442  C C   . GLN A 1 58 ? -2.633  19.960  2.690   1.00 39.92  ? 58   GLN A C   1 
ATOM   443  O O   . GLN A 1 58 ? -2.927  21.149  2.586   1.00 40.23  ? 58   GLN A O   1 
ATOM   444  C CB  . GLN A 1 58 ? -4.250  18.966  1.084   1.00 41.14  ? 58   GLN A CB  1 
ATOM   445  C CG  . GLN A 1 58 ? -3.197  18.719  0.068   1.00 46.34  ? 58   GLN A CG  1 
ATOM   446  C CD  . GLN A 1 58 ? -3.663  18.883  -1.345  1.00 51.52  ? 58   GLN A CD  1 
ATOM   447  O OE1 . GLN A 1 58 ? -4.849  18.763  -1.645  1.00 55.09  ? 58   GLN A OE1 1 
ATOM   448  N NE2 . GLN A 1 58 ? -2.713  19.146  -2.245  1.00 53.65  ? 58   GLN A NE2 1 
ATOM   449  N N   . TYR A 1 59 ? -1.395  19.557  2.962   1.00 40.34  ? 59   TYR A N   1 
ATOM   450  C CA  . TYR A 1 59 ? -0.304  20.509  3.154   1.00 40.50  ? 59   TYR A CA  1 
ATOM   451  C C   . TYR A 1 59 ? 0.704   20.349  2.036   1.00 41.34  ? 59   TYR A C   1 
ATOM   452  O O   . TYR A 1 59 ? 1.212   19.246  1.781   1.00 39.83  ? 59   TYR A O   1 
ATOM   453  C CB  . TYR A 1 59 ? 0.409   20.267  4.501   1.00 41.56  ? 59   TYR A CB  1 
ATOM   454  C CG  . TYR A 1 59 ? -0.388  20.537  5.742   1.00 42.01  ? 59   TYR A CG  1 
ATOM   455  C CD1 . TYR A 1 59 ? -1.380  19.647  6.198   1.00 44.75  ? 59   TYR A CD1 1 
ATOM   456  C CD2 . TYR A 1 59 ? -0.158  21.696  6.474   1.00 45.91  ? 59   TYR A CD2 1 
ATOM   457  C CE1 . TYR A 1 59 ? -2.117  19.924  7.350   1.00 44.80  ? 59   TYR A CE1 1 
ATOM   458  C CE2 . TYR A 1 59 ? -0.884  21.978  7.614   1.00 43.82  ? 59   TYR A CE2 1 
ATOM   459  C CZ  . TYR A 1 59 ? -1.853  21.109  8.053   1.00 47.22  ? 59   TYR A CZ  1 
ATOM   460  O OH  . TYR A 1 59 ? -2.547  21.454  9.191   1.00 47.47  ? 59   TYR A OH  1 
ATOM   461  N N   . ASP A 1 60 ? 1.020   21.444  1.358   1.00 41.46  ? 60   ASP A N   1 
ATOM   462  C CA  . ASP A 1 60 ? 1.973   21.348  0.269   1.00 42.90  ? 60   ASP A CA  1 
ATOM   463  C C   . ASP A 1 60 ? 3.366   21.832  0.660   1.00 42.04  ? 60   ASP A C   1 
ATOM   464  O O   . ASP A 1 60 ? 3.551   22.454  1.714   1.00 41.25  ? 60   ASP A O   1 
ATOM   465  C CB  . ASP A 1 60 ? 1.435   22.107  -0.959  1.00 46.64  ? 60   ASP A CB  1 
ATOM   466  C CG  . ASP A 1 60 ? 0.033   21.622  -1.382  1.00 51.79  ? 60   ASP A CG  1 
ATOM   467  O OD1 . ASP A 1 60 ? -0.188  20.386  -1.472  1.00 50.89  ? 60   ASP A OD1 1 
ATOM   468  O OD2 . ASP A 1 60 ? -0.857  22.476  -1.632  1.00 56.20  ? 60   ASP A OD2 1 
ATOM   469  N N   . GLN A 1 61 ? 4.352   21.499  -0.157  1.00 40.82  ? 61   GLN A N   1 
ATOM   470  C CA  . GLN A 1 61 ? 5.700   21.924  0.099   1.00 41.33  ? 61   GLN A CA  1 
ATOM   471  C C   . GLN A 1 61 ? 6.112   21.615  1.531   1.00 39.16  ? 61   GLN A C   1 
ATOM   472  O O   . GLN A 1 61 ? 6.685   22.475  2.224   1.00 37.90  ? 61   GLN A O   1 
ATOM   473  C CB  . GLN A 1 61 ? 5.829   23.439  -0.132  1.00 47.63  ? 61   GLN A CB  1 
ATOM   474  C CG  . GLN A 1 61 ? 5.116   23.971  -1.389  1.00 58.97  ? 61   GLN A CG  1 
ATOM   475  C CD  . GLN A 1 61 ? 5.117   25.512  -1.469  1.00 66.27  ? 61   GLN A CD  1 
ATOM   476  O OE1 . GLN A 1 61 ? 6.179   26.156  -1.463  1.00 71.19  ? 61   GLN A OE1 1 
ATOM   477  N NE2 . GLN A 1 61 ? 3.924   26.099  -1.544  1.00 70.67  ? 61   GLN A NE2 1 
ATOM   478  N N   . ILE A 1 62 ? 5.802   20.412  2.004   1.00 37.14  ? 62   ILE A N   1 
ATOM   479  C CA  . ILE A 1 62 ? 6.188   20.035  3.374   1.00 33.95  ? 62   ILE A CA  1 
ATOM   480  C C   . ILE A 1 62 ? 7.492   19.273  3.316   1.00 31.94  ? 62   ILE A C   1 
ATOM   481  O O   . ILE A 1 62 ? 7.624   18.311  2.548   1.00 29.48  ? 62   ILE A O   1 
ATOM   482  C CB  . ILE A 1 62 ? 5.150   19.143  4.026   1.00 34.20  ? 62   ILE A CB  1 
ATOM   483  C CG1 . ILE A 1 62 ? 3.864   19.919  4.250   1.00 37.22  ? 62   ILE A CG1 1 
ATOM   484  C CG2 . ILE A 1 62 ? 5.723   18.538  5.312   1.00 33.47  ? 62   ILE A CG2 1 
ATOM   485  C CD1 . ILE A 1 62 ? 3.999   21.070  5.264   1.00 42.62  ? 62   ILE A CD1 1 
ATOM   486  N N   . LEU A 1 63 ? 8.456   19.657  4.156   1.00 30.54  ? 63   LEU A N   1 
ATOM   487  C CA  . LEU A 1 63 ? 9.752   18.955  4.197   1.00 29.64  ? 63   LEU A CA  1 
ATOM   488  C C   . LEU A 1 63 ? 9.646   17.717  5.079   1.00 30.27  ? 63   LEU A C   1 
ATOM   489  O O   . LEU A 1 63 ? 9.116   17.770  6.196   1.00 31.93  ? 63   LEU A O   1 
ATOM   490  C CB  . LEU A 1 63 ? 10.889  19.850  4.799   1.00 30.79  ? 63   LEU A CB  1 
ATOM   491  C CG  . LEU A 1 63 ? 12.290  19.193  4.889   1.00 29.14  ? 63   LEU A CG  1 
ATOM   492  C CD1 . LEU A 1 63 ? 12.785  18.883  3.517   1.00 32.81  ? 63   LEU A CD1 1 
ATOM   493  C CD2 . LEU A 1 63 ? 13.336  20.092  5.618   1.00 32.15  ? 63   LEU A CD2 1 
ATOM   494  N N   . ILE A 1 64 ? 10.163  16.615  4.588   1.00 28.39  ? 64   ILE A N   1 
ATOM   495  C CA  . ILE A 1 64 ? 10.158  15.377  5.372   1.00 28.63  ? 64   ILE A CA  1 
ATOM   496  C C   . ILE A 1 64 ? 11.465  14.616  5.174   1.00 27.99  ? 64   ILE A C   1 
ATOM   497  O O   . ILE A 1 64 ? 12.052  14.669  4.090   1.00 29.95  ? 64   ILE A O   1 
ATOM   498  C CB  . ILE A 1 64 ? 8.935   14.505  4.954   1.00 28.45  ? 64   ILE A CB  1 
ATOM   499  C CG1 . ILE A 1 64 ? 8.874   13.222  5.755   1.00 28.29  ? 64   ILE A CG1 1 
ATOM   500  C CG2 . ILE A 1 64 ? 9.061   14.150  3.491   1.00 32.82  ? 64   ILE A CG2 1 
ATOM   501  C CD1 . ILE A 1 64 ? 7.491   12.525  5.560   1.00 30.59  ? 64   ILE A CD1 1 
ATOM   502  N N   . GLU A 1 65 ? 12.005  13.999  6.215   1.00 26.53  ? 65   GLU A N   1 
ATOM   503  C CA  . GLU A 1 65 ? 13.201  13.209  6.024   1.00 29.72  ? 65   GLU A CA  1 
ATOM   504  C C   . GLU A 1 65 ? 12.785  11.786  6.219   1.00 31.47  ? 65   GLU A C   1 
ATOM   505  O O   . GLU A 1 65 ? 12.207  11.419  7.266   1.00 29.62  ? 65   GLU A O   1 
ATOM   506  C CB  . GLU A 1 65 ? 14.330  13.533  6.991   1.00 35.74  ? 65   GLU A CB  1 
ATOM   507  C CG  . GLU A 1 65 ? 14.999  14.849  6.750   1.00 43.05  ? 65   GLU A CG  1 
ATOM   508  C CD  . GLU A 1 65 ? 16.213  15.015  7.669   1.00 50.55  ? 65   GLU A CD  1 
ATOM   509  O OE1 . GLU A 1 65 ? 17.154  14.202  7.541   1.00 55.91  ? 65   GLU A OE1 1 
ATOM   510  O OE2 . GLU A 1 65 ? 16.213  15.933  8.523   1.00 54.50  ? 65   GLU A OE2 1 
ATOM   511  N N   . ILE A 1 66 ? 13.054  10.965  5.207   1.00 32.51  ? 66   ILE A N   1 
ATOM   512  C CA  . ILE A 1 66 ? 12.666  9.549   5.294   1.00 35.11  ? 66   ILE A CA  1 
ATOM   513  C C   . ILE A 1 66 ? 13.888  8.694   5.413   1.00 37.61  ? 66   ILE A C   1 
ATOM   514  O O   . ILE A 1 66 ? 14.701  8.651   4.489   1.00 37.81  ? 66   ILE A O   1 
ATOM   515  C CB  . ILE A 1 66 ? 11.852  9.162   4.051   1.00 37.48  ? 66   ILE A CB  1 
ATOM   516  C CG1 . ILE A 1 66 ? 10.620  10.062  3.965   1.00 37.61  ? 66   ILE A CG1 1 
ATOM   517  C CG2 . ILE A 1 66 ? 11.431  7.679   4.122   1.00 35.09  ? 66   ILE A CG2 1 
ATOM   518  C CD1 . ILE A 1 66 ? 9.920   10.018  2.629   1.00 46.04  ? 66   ILE A CD1 1 
ATOM   519  N N   . CYS A 1 67 ? 14.035  8.038   6.561   1.00 40.03  ? 67   CYS A N   1 
ATOM   520  C CA  . CYS A 1 67 ? 15.178  7.176   6.809   1.00 42.76  ? 67   CYS A CA  1 
ATOM   521  C C   . CYS A 1 67 ? 16.449  7.913   6.317   1.00 42.69  ? 67   CYS A C   1 
ATOM   522  O O   . CYS A 1 67 ? 17.299  7.321   5.647   1.00 43.17  ? 67   CYS A O   1 
ATOM   523  C CB  . CYS A 1 67 ? 14.962  5.838   6.051   1.00 45.01  ? 67   CYS A CB  1 
ATOM   524  S SG  . CYS A 1 67 ? 15.908  4.365   6.610   1.00 54.86  ? 67   CYS A SG  1 
ATOM   525  N N   . GLY A 1 68 ? 16.554  9.208   6.630   1.00 42.03  ? 68   GLY A N   1 
ATOM   526  C CA  . GLY A 1 68 ? 17.732  10.006  6.239   1.00 41.21  ? 68   GLY A CA  1 
ATOM   527  C C   . GLY A 1 68 ? 17.721  10.813  4.948   1.00 40.70  ? 68   GLY A C   1 
ATOM   528  O O   . GLY A 1 68 ? 18.545  11.720  4.762   1.00 40.96  ? 68   GLY A O   1 
ATOM   529  N N   . HIS A 1 69 ? 16.801  10.493  4.040   1.00 39.94  ? 69   HIS A N   1 
ATOM   530  C CA  . HIS A 1 69 ? 16.692  11.191  2.767   1.00 38.45  ? 69   HIS A CA  1 
ATOM   531  C C   . HIS A 1 69 ? 15.612  12.271  2.842   1.00 37.47  ? 69   HIS A C   1 
ATOM   532  O O   . HIS A 1 69 ? 14.454  12.004  3.220   1.00 36.44  ? 69   HIS A O   1 
ATOM   533  C CB  . HIS A 1 69 ? 16.328  10.197  1.654   1.00 43.48  ? 69   HIS A CB  1 
ATOM   534  C CG  . HIS A 1 69 ? 17.373  9.139   1.405   1.00 47.53  ? 69   HIS A CG  1 
ATOM   535  N ND1 . HIS A 1 69 ? 17.784  8.249   2.358   1.00 49.72  ? 69   HIS A ND1 1 
ATOM   536  C CD2 . HIS A 1 69 ? 18.053  8.831   0.266   1.00 48.64  ? 69   HIS A CD2 1 
ATOM   537  C CE1 . HIS A 1 69 ? 18.687  7.421   1.833   1.00 50.42  ? 69   HIS A CE1 1 
ATOM   538  N NE2 . HIS A 1 69 ? 18.857  7.759   0.573   1.00 52.15  ? 69   HIS A NE2 1 
ATOM   539  N N   . LYS A 1 70 ? 15.974  13.481  2.446   1.00 34.68  ? 70   LYS A N   1 
ATOM   540  C CA  . LYS A 1 70 ? 15.065  14.605  2.456   1.00 35.00  ? 70   LYS A CA  1 
ATOM   541  C C   . LYS A 1 70 ? 14.152  14.635  1.222   1.00 35.33  ? 70   LYS A C   1 
ATOM   542  O O   . LYS A 1 70 ? 14.545  14.202  0.141   1.00 36.03  ? 70   LYS A O   1 
ATOM   543  C CB  . LYS A 1 70 ? 15.870  15.900  2.541   1.00 36.42  ? 70   LYS A CB  1 
ATOM   544  C CG  . LYS A 1 70 ? 16.501  16.095  3.924   1.00 36.97  ? 70   LYS A CG  1 
ATOM   545  C CD  . LYS A 1 70 ? 17.351  17.338  4.015   1.00 43.07  ? 70   LYS A CD  1 
ATOM   546  C CE  . LYS A 1 70 ? 18.104  17.379  5.353   1.00 42.13  ? 70   LYS A CE  1 
ATOM   547  N NZ  . LYS A 1 70 ? 19.003  16.185  5.502   1.00 51.17  ? 70   LYS A NZ  1 
ATOM   548  N N   . ALA A 1 71 ? 12.930  15.116  1.405   1.00 34.53  ? 71   ALA A N   1 
ATOM   549  C CA  . ALA A 1 71 ? 11.978  15.245  0.315   1.00 33.40  ? 71   ALA A CA  1 
ATOM   550  C C   . ALA A 1 71 ? 11.011  16.324  0.676   1.00 33.39  ? 71   ALA A C   1 
ATOM   551  O O   . ALA A 1 71 ? 10.744  16.586  1.854   1.00 31.84  ? 71   ALA A O   1 
ATOM   552  C CB  . ALA A 1 71 ? 11.226  13.924  0.076   1.00 34.67  ? 71   ALA A CB  1 
ATOM   553  N N   . ILE A 1 72 ? 10.492  16.992  -0.337  1.00 31.90  ? 72   ILE A N   1 
ATOM   554  C CA  . ILE A 1 72 ? 9.548   18.028  -0.125  1.00 32.19  ? 72   ILE A CA  1 
ATOM   555  C C   . ILE A 1 72 ? 8.368   17.678  -0.952  1.00 32.52  ? 72   ILE A C   1 
ATOM   556  O O   . ILE A 1 72 ? 8.511   17.420  -2.163  1.00 35.48  ? 72   ILE A O   1 
ATOM   557  C CB  . ILE A 1 72 ? 10.059  19.387  -0.569  1.00 35.42  ? 72   ILE A CB  1 
ATOM   558  C CG1 . ILE A 1 72 ? 10.975  19.987  0.496   1.00 35.58  ? 72   ILE A CG1 1 
ATOM   559  C CG2 . ILE A 1 72 ? 8.895   20.331  -0.702  1.00 32.08  ? 72   ILE A CG2 1 
ATOM   560  C CD1 . ILE A 1 72 ? 11.342  21.413  0.166   1.00 40.63  ? 72   ILE A CD1 1 
ATOM   561  N N   . GLY A 1 73 ? 7.197   17.654  -0.335  1.00 30.62  ? 73   GLY A N   1 
ATOM   562  C CA  . GLY A 1 73 ? 6.020   17.327  -1.109  1.00 28.65  ? 73   GLY A CA  1 
ATOM   563  C C   . GLY A 1 73 ? 4.758   17.524  -0.343  1.00 29.11  ? 73   GLY A C   1 
ATOM   564  O O   . GLY A 1 73 ? 4.716   18.061  0.781   1.00 28.70  ? 73   GLY A O   1 
ATOM   565  N N   . THR A 1 74 ? 3.676   17.073  -0.948  1.00 26.14  ? 74   THR A N   1 
ATOM   566  C CA  . THR A 1 74 ? 2.422   17.226  -0.296  1.00 26.00  ? 74   THR A CA  1 
ATOM   567  C C   . THR A 1 74 ? 2.254   16.147  0.713   1.00 25.72  ? 74   THR A C   1 
ATOM   568  O O   . THR A 1 74 ? 2.563   15.001  0.439   1.00 24.57  ? 74   THR A O   1 
ATOM   569  C CB  . THR A 1 74 ? 1.310   17.097  -1.305  1.00 29.04  ? 74   THR A CB  1 
ATOM   570  O OG1 . THR A 1 74 ? 1.370   18.207  -2.224  1.00 34.39  ? 74   THR A OG1 1 
ATOM   571  C CG2 . THR A 1 74 ? -0.029  17.043  -0.609  1.00 32.40  ? 74   THR A CG2 1 
ATOM   572  N N   . VAL A 1 75 ? 1.675   16.503  1.838   1.00 26.29  ? 75   VAL A N   1 
ATOM   573  C CA  . VAL A 1 75 ? 1.435   15.582  2.915   1.00 24.95  ? 75   VAL A CA  1 
ATOM   574  C C   . VAL A 1 75 ? -0.012  15.770  3.353   1.00 26.82  ? 75   VAL A C   1 
ATOM   575  O O   . VAL A 1 75 ? -0.462  16.911  3.526   1.00 28.93  ? 75   VAL A O   1 
ATOM   576  C CB  . VAL A 1 75 ? 2.435   15.898  4.105   1.00 24.79  ? 75   VAL A CB  1 
ATOM   577  C CG1 . VAL A 1 75 ? 1.926   15.284  5.384   1.00 28.53  ? 75   VAL A CG1 1 
ATOM   578  C CG2 . VAL A 1 75 ? 3.872   15.364  3.762   1.00 26.50  ? 75   VAL A CG2 1 
ATOM   579  N N   . LEU A 1 76 ? -0.755  14.673  3.503   1.00 26.46  ? 76   LEU A N   1 
ATOM   580  C CA  . LEU A 1 76 ? -2.137  14.748  3.965   1.00 26.10  ? 76   LEU A CA  1 
ATOM   581  C C   . LEU A 1 76 ? -2.151  14.375  5.434   1.00 26.72  ? 76   LEU A C   1 
ATOM   582  O O   . LEU A 1 76 ? -1.383  13.529  5.904   1.00 25.91  ? 76   LEU A O   1 
ATOM   583  C CB  . LEU A 1 76 ? -3.038  13.775  3.192   1.00 25.66  ? 76   LEU A CB  1 
ATOM   584  C CG  . LEU A 1 76 ? -2.779  13.965  1.705   1.00 25.68  ? 76   LEU A CG  1 
ATOM   585  C CD1 . LEU A 1 76 ? -3.707  12.981  0.919   1.00 30.90  ? 76   LEU A CD1 1 
ATOM   586  C CD2 . LEU A 1 76 ? -3.076  15.396  1.322   1.00 26.85  ? 76   LEU A CD2 1 
ATOM   587  N N   . VAL A 1 77 ? -3.062  14.979  6.174   1.00 27.60  ? 77   VAL A N   1 
ATOM   588  C CA  . VAL A 1 77 ? -3.123  14.719  7.596   1.00 28.85  ? 77   VAL A CA  1 
ATOM   589  C C   . VAL A 1 77 ? -4.549  14.449  7.978   1.00 31.34  ? 77   VAL A C   1 
ATOM   590  O O   . VAL A 1 77 ? -5.420  15.262  7.708   1.00 33.69  ? 77   VAL A O   1 
ATOM   591  C CB  . VAL A 1 77 ? -2.570  15.994  8.404   1.00 27.71  ? 77   VAL A CB  1 
ATOM   592  C CG1 . VAL A 1 77 ? -2.660  15.749  9.903   1.00 26.92  ? 77   VAL A CG1 1 
ATOM   593  C CG2 . VAL A 1 77 ? -1.129  16.308  7.980   1.00 24.29  ? 77   VAL A CG2 1 
ATOM   594  N N   . GLY A 1 78 ? -4.816  13.326  8.615   1.00 31.46  ? 78   GLY A N   1 
ATOM   595  C CA  . GLY A 1 78 ? -6.195  13.055  8.960   1.00 33.86  ? 78   GLY A CA  1 
ATOM   596  C C   . GLY A 1 78 ? -6.326  11.762  9.692   1.00 33.85  ? 78   GLY A C   1 
ATOM   597  O O   . GLY A 1 78 ? -5.326  11.175  10.088  1.00 35.43  ? 78   GLY A O   1 
ATOM   598  N N   . PRO A 1 79 ? -7.547  11.230  9.818   1.00 36.01  ? 79   PRO A N   1 
ATOM   599  C CA  . PRO A 1 79 ? -7.792  9.974   10.535  1.00 35.48  ? 79   PRO A CA  1 
ATOM   600  C C   . PRO A 1 79 ? -7.351  8.637   9.951   1.00 36.16  ? 79   PRO A C   1 
ATOM   601  O O   . PRO A 1 79 ? -8.146  7.692   9.946   1.00 36.66  ? 79   PRO A O   1 
ATOM   602  C CB  . PRO A 1 79 ? -9.309  10.017  10.748  1.00 36.86  ? 79   PRO A CB  1 
ATOM   603  C CG  . PRO A 1 79 ? -9.773  10.574  9.452   1.00 36.78  ? 79   PRO A CG  1 
ATOM   604  C CD  . PRO A 1 79 ? -8.812  11.765  9.283   1.00 35.35  ? 79   PRO A CD  1 
ATOM   605  N N   . THR A 1 80 ? -6.099  8.531   9.494   1.00 34.78  ? 80   THR A N   1 
ATOM   606  C CA  . THR A 1 80 ? -5.579  7.275   8.964   1.00 33.83  ? 80   THR A CA  1 
ATOM   607  C C   . THR A 1 80 ? -5.071  6.412   10.114  1.00 33.91  ? 80   THR A C   1 
ATOM   608  O O   . THR A 1 80 ? -4.526  6.917   11.056  1.00 36.25  ? 80   THR A O   1 
ATOM   609  C CB  . THR A 1 80 ? -4.401  7.493   7.985   1.00 33.03  ? 80   THR A CB  1 
ATOM   610  O OG1 . THR A 1 80 ? -3.826  6.227   7.670   1.00 32.43  ? 80   THR A OG1 1 
ATOM   611  C CG2 . THR A 1 80 ? -3.328  8.351   8.598   1.00 31.03  ? 80   THR A CG2 1 
ATOM   612  N N   . PRO A 1 81 ? -5.259  5.095   10.047  1.00 35.13  ? 81   PRO A N   1 
ATOM   613  C CA  . PRO A 1 81 ? -4.802  4.159   11.090  1.00 34.53  ? 81   PRO A CA  1 
ATOM   614  C C   . PRO A 1 81 ? -3.266  4.173   11.230  1.00 34.46  ? 81   PRO A C   1 
ATOM   615  O O   . PRO A 1 81 ? -2.739  3.933   12.300  1.00 33.45  ? 81   PRO A O   1 
ATOM   616  C CB  . PRO A 1 81 ? -5.312  2.810   10.599  1.00 35.74  ? 81   PRO A CB  1 
ATOM   617  C CG  . PRO A 1 81 ? -5.461  3.008   9.124   1.00 38.19  ? 81   PRO A CG  1 
ATOM   618  C CD  . PRO A 1 81 ? -6.042  4.390   9.030   1.00 35.98  ? 81   PRO A CD  1 
ATOM   619  N N   . VAL A 1 82 ? -2.538  4.457   10.150  1.00 32.36  ? 82   VAL A N   1 
ATOM   620  C CA  . VAL A 1 82 ? -1.085  4.491   10.262  1.00 29.96  ? 82   VAL A CA  1 
ATOM   621  C C   . VAL A 1 82 ? -0.512  5.523   9.314   1.00 26.80  ? 82   VAL A C   1 
ATOM   622  O O   . VAL A 1 82 ? -1.168  5.895   8.348   1.00 22.60  ? 82   VAL A O   1 
ATOM   623  C CB  . VAL A 1 82 ? -0.511  3.115   9.958   1.00 35.84  ? 82   VAL A CB  1 
ATOM   624  C CG1 . VAL A 1 82 ? -0.864  2.718   8.518   1.00 39.56  ? 82   VAL A CG1 1 
ATOM   625  C CG2 . VAL A 1 82 ? 0.989   3.099   10.216  1.00 41.42  ? 82   VAL A CG2 1 
ATOM   626  N N   . ASN A 1 83 ? 0.685   6.022   9.628   1.00 22.49  ? 83   ASN A N   1 
ATOM   627  C CA  . ASN A 1 83 ? 1.375   6.994   8.789   1.00 21.44  ? 83   ASN A CA  1 
ATOM   628  C C   . ASN A 1 83 ? 1.828   6.211   7.531   1.00 19.70  ? 83   ASN A C   1 
ATOM   629  O O   . ASN A 1 83 ? 2.404   5.157   7.667   1.00 20.58  ? 83   ASN A O   1 
ATOM   630  C CB  . ASN A 1 83 ? 2.602   7.508   9.493   1.00 22.64  ? 83   ASN A CB  1 
ATOM   631  C CG  . ASN A 1 83 ? 2.228   8.255   10.766  1.00 23.48  ? 83   ASN A CG  1 
ATOM   632  O OD1 . ASN A 1 83 ? 1.250   9.029   10.766  1.00 22.50  ? 83   ASN A OD1 1 
ATOM   633  N ND2 . ASN A 1 83 ? 2.997   8.043   11.846  1.00 24.65  ? 83   ASN A ND2 1 
ATOM   634  N N   . ILE A 1 84 ? 1.495   6.741   6.352   1.00 17.31  ? 84   ILE A N   1 
ATOM   635  C CA  . ILE A 1 84 ? 1.805   6.091   5.075   1.00 18.23  ? 84   ILE A CA  1 
ATOM   636  C C   . ILE A 1 84 ? 2.645   7.014   4.213   1.00 15.81  ? 84   ILE A C   1 
ATOM   637  O O   . ILE A 1 84 ? 2.312   8.189   4.004   1.00 18.84  ? 84   ILE A O   1 
ATOM   638  C CB  . ILE A 1 84 ? 0.485   5.786   4.282   1.00 21.62  ? 84   ILE A CB  1 
ATOM   639  C CG1 . ILE A 1 84 ? -0.290  4.627   4.967   1.00 24.28  ? 84   ILE A CG1 1 
ATOM   640  C CG2 . ILE A 1 84 ? 0.835   5.331   2.817   1.00 21.72  ? 84   ILE A CG2 1 
ATOM   641  C CD1 . ILE A 1 84 ? -1.798  4.712   4.697   1.00 33.51  ? 84   ILE A CD1 1 
ATOM   642  N N   . ILE A 1 85 ? 3.756   6.497   3.692   1.00 16.95  ? 85   ILE A N   1 
ATOM   643  C CA  . ILE A 1 85 ? 4.576   7.320   2.776   1.00 16.96  ? 85   ILE A CA  1 
ATOM   644  C C   . ILE A 1 85 ? 4.190   6.746   1.413   1.00 16.73  ? 85   ILE A C   1 
ATOM   645  O O   . ILE A 1 85 ? 4.404   5.540   1.133   1.00 18.40  ? 85   ILE A O   1 
ATOM   646  C CB  . ILE A 1 85 ? 6.064   7.100   2.992   1.00 17.88  ? 85   ILE A CB  1 
ATOM   647  C CG1 . ILE A 1 85 ? 6.441   7.439   4.476   1.00 18.96  ? 85   ILE A CG1 1 
ATOM   648  C CG2 . ILE A 1 85 ? 6.838   7.957   2.097   1.00 19.45  ? 85   ILE A CG2 1 
ATOM   649  C CD1 . ILE A 1 85 ? 6.050   8.826   4.856   1.00 20.54  ? 85   ILE A CD1 1 
ATOM   650  N N   . GLY A 1 86 ? 3.643   7.613   0.604   1.00 17.32  ? 86   GLY A N   1 
ATOM   651  C CA  . GLY A 1 86 ? 3.135   7.211   -0.707  1.00 17.16  ? 86   GLY A CA  1 
ATOM   652  C C   . GLY A 1 86 ? 4.107   7.535   -1.821  1.00 18.31  ? 86   GLY A C   1 
ATOM   653  O O   . GLY A 1 86 ? 5.169   8.121   -1.602  1.00 18.44  ? 86   GLY A O   1 
ATOM   654  N N   . ARG A 1 87 ? 3.721   7.150   -3.061  1.00 17.96  ? 87   ARG A N   1 
ATOM   655  C CA  . ARG A 1 87 ? 4.614   7.305   -4.163  1.00 20.20  ? 87   ARG A CA  1 
ATOM   656  C C   . ARG A 1 87 ? 5.089   8.728   -4.424  1.00 21.46  ? 87   ARG A C   1 
ATOM   657  O O   . ARG A 1 87 ? 6.246   8.911   -4.888  1.00 23.02  ? 87   ARG A O   1 
ATOM   658  C CB  . ARG A 1 87 ? 4.011   6.686   -5.470  1.00 19.99  ? 87   ARG A CB  1 
ATOM   659  C CG  . ARG A 1 87 ? 3.793   5.146   -5.394  1.00 22.26  ? 87   ARG A CG  1 
ATOM   660  C CD  . ARG A 1 87 ? 3.185   4.575   -6.712  1.00 21.18  ? 87   ARG A CD  1 
ATOM   661  N NE  . ARG A 1 87 ? 1.906   5.226   -7.052  1.00 21.94  ? 87   ARG A NE  1 
ATOM   662  C CZ  . ARG A 1 87 ? 1.795   6.250   -7.914  1.00 20.83  ? 87   ARG A CZ  1 
ATOM   663  N NH1 . ARG A 1 87 ? 2.875   6.744   -8.554  1.00 21.20  ? 87   ARG A NH1 1 
ATOM   664  N NH2 . ARG A 1 87 ? 0.618   6.793   -8.096  1.00 24.22  ? 87   ARG A NH2 1 
ATOM   665  N N   . ASN A 1 88 ? 4.266   9.686   -4.054  1.00 22.04  ? 88   ASN A N   1 
ATOM   666  C CA  . ASN A 1 88 ? 4.653   11.093  -4.254  1.00 25.14  ? 88   ASN A CA  1 
ATOM   667  C C   . ASN A 1 88 ? 5.952   11.426  -3.570  1.00 25.01  ? 88   ASN A C   1 
ATOM   668  O O   . ASN A 1 88 ? 6.719   12.292  -4.060  1.00 25.70  ? 88   ASN A O   1 
ATOM   669  C CB  . ASN A 1 88 ? 3.534   12.013  -3.815  1.00 25.18  ? 88   ASN A CB  1 
ATOM   670  C CG  . ASN A 1 88 ? 3.435   12.157  -2.314  1.00 26.25  ? 88   ASN A CG  1 
ATOM   671  O OD1 . ASN A 1 88 ? 3.107   11.197  -1.606  1.00 27.23  ? 88   ASN A OD1 1 
ATOM   672  N ND2 . ASN A 1 88 ? 3.718   13.355  -1.815  1.00 24.85  ? 88   ASN A ND2 1 
ATOM   673  N N   . LEU A 1 89 ? 6.230   10.757  -2.441  1.00 22.81  ? 89   LEU A N   1 
ATOM   674  C CA  . LEU A 1 89 ? 7.497   10.955  -1.771  1.00 21.95  ? 89   LEU A CA  1 
ATOM   675  C C   . LEU A 1 89 ? 8.458   9.814   -2.037  1.00 20.55  ? 89   LEU A C   1 
ATOM   676  O O   . LEU A 1 89 ? 9.653   10.031  -1.996  1.00 22.88  ? 89   LEU A O   1 
ATOM   677  C CB  . LEU A 1 89 ? 7.331   11.124  -0.245  1.00 21.28  ? 89   LEU A CB  1 
ATOM   678  C CG  . LEU A 1 89 ? 6.492   12.373  0.032   1.00 24.88  ? 89   LEU A CG  1 
ATOM   679  C CD1 . LEU A 1 89 ? 6.222   12.539  1.571   1.00 25.03  ? 89   LEU A CD1 1 
ATOM   680  C CD2 . LEU A 1 89 ? 7.305   13.546  -0.533  1.00 26.88  ? 89   LEU A CD2 1 
ATOM   681  N N   . LEU A 1 90 ? 7.948   8.591   -2.302  1.00 20.66  ? 90   LEU A N   1 
ATOM   682  C CA  . LEU A 1 90 ? 8.803   7.490   -2.543  1.00 20.83  ? 90   LEU A CA  1 
ATOM   683  C C   . LEU A 1 90 ? 9.740   7.728   -3.764  1.00 22.49  ? 90   LEU A C   1 
ATOM   684  O O   . LEU A 1 90 ? 10.924  7.347   -3.761  1.00 22.20  ? 90   LEU A O   1 
ATOM   685  C CB  . LEU A 1 90 ? 7.999   6.184   -2.719  1.00 21.44  ? 90   LEU A CB  1 
ATOM   686  C CG  . LEU A 1 90 ? 7.285   5.696   -1.416  1.00 21.28  ? 90   LEU A CG  1 
ATOM   687  C CD1 . LEU A 1 90 ? 6.557   4.389   -1.745  1.00 23.16  ? 90   LEU A CD1 1 
ATOM   688  C CD2 . LEU A 1 90 ? 8.318   5.402   -0.344  1.00 22.63  ? 90   LEU A CD2 1 
ATOM   689  N N   . THR A 1 91 ? 9.215   8.397   -4.751  1.00 25.10  ? 91   THR A N   1 
ATOM   690  C CA  . THR A 1 91 ? 10.022  8.619   -5.951  1.00 27.44  ? 91   THR A CA  1 
ATOM   691  C C   . THR A 1 91 ? 11.205  9.552   -5.613  1.00 30.56  ? 91   THR A C   1 
ATOM   692  O O   . THR A 1 91 ? 12.303  9.413   -6.208  1.00 30.43  ? 91   THR A O   1 
ATOM   693  C CB  . THR A 1 91 ? 9.193   9.242   -7.062  1.00 27.49  ? 91   THR A CB  1 
ATOM   694  O OG1 . THR A 1 91 ? 8.474   10.368  -6.578  1.00 30.84  ? 91   THR A OG1 1 
ATOM   695  C CG2 . THR A 1 91 ? 8.189   8.243   -7.599  1.00 27.24  ? 91   THR A CG2 1 
ATOM   696  N N   . GLN A 1 92 ? 10.996  10.446  -4.629  1.00 32.08  ? 92   GLN A N   1 
ATOM   697  C CA  . GLN A 1 92 ? 12.055  11.393  -4.247  1.00 34.81  ? 92   GLN A CA  1 
ATOM   698  C C   . GLN A 1 92 ? 13.243  10.766  -3.545  1.00 36.53  ? 92   GLN A C   1 
ATOM   699  O O   . GLN A 1 92 ? 14.356  11.305  -3.577  1.00 37.78  ? 92   GLN A O   1 
ATOM   700  C CB  . GLN A 1 92 ? 11.507  12.530  -3.400  1.00 37.44  ? 92   GLN A CB  1 
ATOM   701  C CG  . GLN A 1 92 ? 10.565  13.442  -4.147  1.00 44.70  ? 92   GLN A CG  1 
ATOM   702  C CD  . GLN A 1 92 ? 10.239  14.726  -3.391  1.00 50.66  ? 92   GLN A CD  1 
ATOM   703  O OE1 . GLN A 1 92 ? 11.116  15.581  -3.143  1.00 48.97  ? 92   GLN A OE1 1 
ATOM   704  N NE2 . GLN A 1 92 ? 8.969   14.881  -3.036  1.00 56.23  ? 92   GLN A NE2 1 
ATOM   705  N N   . ILE A 1 93 ? 13.039  9.646   -2.891  1.00 36.15  ? 93   ILE A N   1 
ATOM   706  C CA  . ILE A 1 93 ? 14.138  9.000   -2.241  1.00 38.00  ? 93   ILE A CA  1 
ATOM   707  C C   . ILE A 1 93 ? 14.626  7.842   -3.093  1.00 37.94  ? 93   ILE A C   1 
ATOM   708  O O   . ILE A 1 93 ? 15.266  6.911   -2.593  1.00 39.30  ? 93   ILE A O   1 
ATOM   709  C CB  . ILE A 1 93 ? 13.704  8.573   -0.836  1.00 39.42  ? 93   ILE A CB  1 
ATOM   710  C CG1 . ILE A 1 93 ? 12.646  7.473   -0.899  1.00 40.01  ? 93   ILE A CG1 1 
ATOM   711  C CG2 . ILE A 1 93 ? 13.185  9.808   -0.128  1.00 39.59  ? 93   ILE A CG2 1 
ATOM   712  C CD1 . ILE A 1 93 ? 12.250  6.957   0.481   1.00 42.12  ? 93   ILE A CD1 1 
ATOM   713  N N   . GLY A 1 94 ? 14.293  7.901   -4.384  1.00 39.02  ? 94   GLY A N   1 
ATOM   714  C CA  . GLY A 1 94 ? 14.730  6.877   -5.335  1.00 39.13  ? 94   GLY A CA  1 
ATOM   715  C C   . GLY A 1 94 ? 14.352  5.459   -4.966  1.00 41.57  ? 94   GLY A C   1 
ATOM   716  O O   . GLY A 1 94 ? 15.101  4.484   -5.193  1.00 40.83  ? 94   GLY A O   1 
ATOM   717  N N   . MET A 1 95 ? 13.161  5.358   -4.390  1.00 41.07  ? 95   MET A N   1 
ATOM   718  C CA  . MET A 1 95 ? 12.597  4.114   -3.960  1.00 42.13  ? 95   MET A CA  1 
ATOM   719  C C   . MET A 1 95 ? 12.160  3.400   -5.224  1.00 41.01  ? 95   MET A C   1 
ATOM   720  O O   . MET A 1 95 ? 11.382  3.942   -6.008  1.00 39.85  ? 95   MET A O   1 
ATOM   721  C CB  . MET A 1 95 ? 11.377  4.397   -3.099  1.00 46.10  ? 95   MET A CB  1 
ATOM   722  C CG  . MET A 1 95 ? 10.857  3.237   -2.320  1.00 52.68  ? 95   MET A CG  1 
ATOM   723  S SD  . MET A 1 95 ? 11.767  2.976   -0.789  1.00 60.63  ? 95   MET A SD  1 
ATOM   724  C CE  . MET A 1 95 ? 13.006  1.894   -1.381  1.00 61.21  ? 95   MET A CE  1 
ATOM   725  N N   . THR A 1 96 ? 12.677  2.206   -5.428  1.00 40.52  ? 96   THR A N   1 
ATOM   726  C CA  . THR A 1 96 ? 12.279  1.447   -6.593  1.00 41.30  ? 96   THR A CA  1 
ATOM   727  C C   . THR A 1 96 ? 11.786  0.134   -6.074  1.00 40.17  ? 96   THR A C   1 
ATOM   728  O O   . THR A 1 96 ? 12.176  -0.335  -5.021  1.00 39.55  ? 96   THR A O   1 
ATOM   729  C CB  . THR A 1 96 ? 13.453  1.174   -7.550  1.00 40.28  ? 96   THR A CB  1 
ATOM   730  O OG1 . THR A 1 96 ? 14.417  0.356   -6.863  1.00 44.55  ? 96   THR A OG1 1 
ATOM   731  C CG2 . THR A 1 96 ? 14.052  2.457   -8.036  1.00 42.66  ? 96   THR A CG2 1 
ATOM   732  N N   . LEU A 1 97 ? 10.922  -0.494  -6.851  1.00 41.58  ? 97   LEU A N   1 
ATOM   733  C CA  . LEU A 1 97 ? 10.377  -1.767  -6.482  1.00 42.09  ? 97   LEU A CA  1 
ATOM   734  C C   . LEU A 1 97 ? 10.942  -2.703  -7.538  1.00 45.06  ? 97   LEU A C   1 
ATOM   735  O O   . LEU A 1 97 ? 10.682  -2.528  -8.735  1.00 45.44  ? 97   LEU A O   1 
ATOM   736  C CB  . LEU A 1 97 ? 8.857   -1.670  -6.550  1.00 41.17  ? 97   LEU A CB  1 
ATOM   737  C CG  . LEU A 1 97 ? 8.013   -2.777  -5.975  1.00 39.72  ? 97   LEU A CG  1 
ATOM   738  C CD1 . LEU A 1 97 ? 8.359   -3.065  -4.544  1.00 37.01  ? 97   LEU A CD1 1 
ATOM   739  C CD2 . LEU A 1 97 ? 6.584   -2.370  -6.120  1.00 29.85  ? 97   LEU A CD2 1 
ATOM   740  N N   . ASN A 1 98 ? 11.754  -3.650  -7.094  1.00 45.31  ? 98   ASN A N   1 
ATOM   741  C CA  . ASN A 1 98 ? 12.405  -4.595  -7.973  1.00 50.27  ? 98   ASN A CA  1 
ATOM   742  C C   . ASN A 1 98 ? 12.014  -5.994  -7.516  1.00 51.73  ? 98   ASN A C   1 
ATOM   743  O O   . ASN A 1 98 ? 11.805  -6.203  -6.335  1.00 51.90  ? 98   ASN A O   1 
ATOM   744  C CB  . ASN A 1 98 ? 13.937  -4.471  -7.867  1.00 52.54  ? 98   ASN A CB  1 
ATOM   745  C CG  . ASN A 1 98 ? 14.451  -3.038  -8.054  1.00 55.74  ? 98   ASN A CG  1 
ATOM   746  O OD1 . ASN A 1 98 ? 15.659  -2.809  -8.031  1.00 58.35  ? 98   ASN A OD1 1 
ATOM   747  N ND2 . ASN A 1 98 ? 13.548  -2.078  -8.232  1.00 54.53  ? 98   ASN A ND2 1 
ATOM   748  N N   . PHE A 1 99 ? 11.917  -6.951  -8.440  1.00 54.12  ? 99   PHE A N   1 
ATOM   749  C CA  . PHE A 1 99 ? 11.566  -8.324  -8.071  1.00 55.76  ? 99   PHE A CA  1 
ATOM   750  C C   . PHE A 1 99 ? 12.095  -9.276  -9.145  1.00 57.71  ? 99   PHE A C   1 
ATOM   751  O O   . PHE A 1 99 ? 12.837  -10.242 -8.817  1.00 58.51  ? 99   PHE A O   1 
ATOM   752  C CB  . PHE A 1 99 ? 10.030  -8.460  -7.882  1.00 56.81  ? 99   PHE A CB  1 
ATOM   753  C CG  . PHE A 1 99 ? 9.209   -8.273  -9.150  1.00 58.31  ? 99   PHE A CG  1 
ATOM   754  C CD1 . PHE A 1 99 ? 8.766   -9.369  -9.878  1.00 58.55  ? 99   PHE A CD1 1 
ATOM   755  C CD2 . PHE A 1 99 ? 8.874   -7.002  -9.603  1.00 59.59  ? 99   PHE A CD2 1 
ATOM   756  C CE1 . PHE A 1 99 ? 8.005   -9.205  -11.027 1.00 60.36  ? 99   PHE A CE1 1 
ATOM   757  C CE2 . PHE A 1 99 ? 8.115   -6.830  -10.747 1.00 62.03  ? 99   PHE A CE2 1 
ATOM   758  C CZ  . PHE A 1 99 ? 7.680   -7.936  -11.463 1.00 62.18  ? 99   PHE A CZ  1 
ATOM   759  O OXT . PHE A 1 99 ? 11.779  -9.023  -10.325 1.00 56.87  ? 99   PHE A OXT 1 
ATOM   760  N N   . PRO B 1 1  ? 12.394  -8.023  -12.455 1.00 63.14  ? 1001 PRO B N   1 
ATOM   761  C CA  . PRO B 1 1  ? 12.742  -6.741  -13.090 1.00 62.09  ? 1001 PRO B CA  1 
ATOM   762  C C   . PRO B 1 1  ? 12.548  -5.535  -12.178 1.00 61.21  ? 1001 PRO B C   1 
ATOM   763  O O   . PRO B 1 1  ? 11.574  -5.426  -11.457 1.00 61.00  ? 1001 PRO B O   1 
ATOM   764  C CB  . PRO B 1 1  ? 11.848  -6.610  -14.300 1.00 62.61  ? 1001 PRO B CB  1 
ATOM   765  C CG  . PRO B 1 1  ? 10.639  -7.371  -13.844 1.00 62.31  ? 1001 PRO B CG  1 
ATOM   766  C CD  . PRO B 1 1  ? 11.215  -8.593  -13.130 1.00 63.17  ? 1001 PRO B CD  1 
ATOM   767  N N   . GLN B 1 2  ? 13.485  -4.611  -12.231 1.00 60.26  ? 1002 GLN B N   1 
ATOM   768  C CA  . GLN B 1 2  ? 13.365  -3.421  -11.420 1.00 58.60  ? 1002 GLN B CA  1 
ATOM   769  C C   . GLN B 1 2  ? 12.094  -2.656  -11.825 1.00 54.77  ? 1002 GLN B C   1 
ATOM   770  O O   . GLN B 1 2  ? 11.672  -2.709  -12.974 1.00 53.88  ? 1002 GLN B O   1 
ATOM   771  C CB  . GLN B 1 2  ? 14.607  -2.552  -11.624 1.00 61.84  ? 1002 GLN B CB  1 
ATOM   772  C CG  . GLN B 1 2  ? 14.599  -1.260  -10.827 1.00 70.29  ? 1002 GLN B CG  1 
ATOM   773  C CD  . GLN B 1 2  ? 15.936  -0.540  -10.863 1.00 74.34  ? 1002 GLN B CD  1 
ATOM   774  O OE1 . GLN B 1 2  ? 16.436  -0.174  -11.930 1.00 79.20  ? 1002 GLN B OE1 1 
ATOM   775  N NE2 . GLN B 1 2  ? 16.524  -0.338  -9.690  1.00 76.79  ? 1002 GLN B NE2 1 
ATOM   776  N N   . VAL B 1 3  ? 11.479  -1.970  -10.864 1.00 51.30  ? 1003 VAL B N   1 
ATOM   777  C CA  . VAL B 1 3  ? 10.278  -1.162  -11.125 1.00 46.95  ? 1003 VAL B CA  1 
ATOM   778  C C   . VAL B 1 3  ? 10.277  0.128   -10.288 1.00 44.97  ? 1003 VAL B C   1 
ATOM   779  O O   . VAL B 1 3  ? 10.333  0.072   -9.055  1.00 43.92  ? 1003 VAL B O   1 
ATOM   780  C CB  . VAL B 1 3  ? 8.986   -1.947  -10.840 1.00 47.82  ? 1003 VAL B CB  1 
ATOM   781  C CG1 . VAL B 1 3  ? 7.789   -1.005  -10.782 1.00 44.51  ? 1003 VAL B CG1 1 
ATOM   782  C CG2 . VAL B 1 3  ? 8.783   -2.987  -11.940 1.00 49.26  ? 1003 VAL B CG2 1 
ATOM   783  N N   . THR B 1 4  ? 10.264  1.276   -10.972 1.00 41.43  ? 1004 THR B N   1 
ATOM   784  C CA  . THR B 1 4  ? 10.217  2.596   -10.316 1.00 38.33  ? 1004 THR B CA  1 
ATOM   785  C C   . THR B 1 4  ? 8.765   2.889   -9.935  1.00 34.56  ? 1004 THR B C   1 
ATOM   786  O O   . THR B 1 4  ? 7.878   2.206   -10.387 1.00 33.13  ? 1004 THR B O   1 
ATOM   787  C CB  . THR B 1 4  ? 10.681  3.706   -11.242 1.00 40.61  ? 1004 THR B CB  1 
ATOM   788  O OG1 . THR B 1 4  ? 10.014  3.570   -12.495 1.00 42.23  ? 1004 THR B OG1 1 
ATOM   789  C CG2 . THR B 1 4  ? 12.182  3.658   -11.441 1.00 40.66  ? 1004 THR B CG2 1 
ATOM   790  N N   . LEU B 1 5  ? 8.541   3.935   -9.149  1.00 29.02  ? 1005 LEU B N   1 
ATOM   791  C CA  . LEU B 1 5  ? 7.203   4.246   -8.658  1.00 26.99  ? 1005 LEU B CA  1 
ATOM   792  C C   . LEU B 1 5  ? 6.633   5.548   -9.136  1.00 24.76  ? 1005 LEU B C   1 
ATOM   793  O O   . LEU B 1 5  ? 5.787   6.184   -8.482  1.00 24.29  ? 1005 LEU B O   1 
ATOM   794  C CB  . LEU B 1 5  ? 7.261   4.250   -7.119  1.00 23.96  ? 1005 LEU B CB  1 
ATOM   795  C CG  . LEU B 1 5  ? 7.738   2.887   -6.650  1.00 26.03  ? 1005 LEU B CG  1 
ATOM   796  C CD1 . LEU B 1 5  ? 8.273   2.951   -5.212  1.00 25.24  ? 1005 LEU B CD1 1 
ATOM   797  C CD2 . LEU B 1 5  ? 6.576   1.919   -6.791  1.00 24.74  ? 1005 LEU B CD2 1 
ATOM   798  N N   . TRP B 1 6  ? 7.126   6.010   -10.281 1.00 25.93  ? 1006 TRP B N   1 
ATOM   799  C CA  . TRP B 1 6  ? 6.622   7.260   -10.771 1.00 24.45  ? 1006 TRP B CA  1 
ATOM   800  C C   . TRP B 1 6  ? 5.200   7.079   -11.177 1.00 24.53  ? 1006 TRP B C   1 
ATOM   801  O O   . TRP B 1 6  ? 4.491   8.030   -11.349 1.00 27.51  ? 1006 TRP B O   1 
ATOM   802  C CB  . TRP B 1 6  ? 7.462   7.750   -11.962 1.00 27.47  ? 1006 TRP B CB  1 
ATOM   803  C CG  . TRP B 1 6  ? 8.866   7.930   -11.555 1.00 23.71  ? 1006 TRP B CG  1 
ATOM   804  C CD1 . TRP B 1 6  ? 9.875   6.995   -11.624 1.00 27.01  ? 1006 TRP B CD1 1 
ATOM   805  C CD2 . TRP B 1 6  ? 9.416   9.068   -10.972 1.00 26.71  ? 1006 TRP B CD2 1 
ATOM   806  N NE1 . TRP B 1 6  ? 11.030  7.520   -11.118 1.00 30.11  ? 1006 TRP B NE1 1 
ATOM   807  C CE2 . TRP B 1 6  ? 10.776  8.810   -10.694 1.00 30.79  ? 1006 TRP B CE2 1 
ATOM   808  C CE3 . TRP B 1 6  ? 8.898   10.330  -10.641 1.00 29.07  ? 1006 TRP B CE3 1 
ATOM   809  C CZ2 . TRP B 1 6  ? 11.638  9.751   -10.096 1.00 34.13  ? 1006 TRP B CZ2 1 
ATOM   810  C CZ3 . TRP B 1 6  ? 9.734   11.271  -10.060 1.00 29.31  ? 1006 TRP B CZ3 1 
ATOM   811  C CH2 . TRP B 1 6  ? 11.091  10.979  -9.794  1.00 35.22  ? 1006 TRP B CH2 1 
ATOM   812  N N   . GLN B 1 7  ? 4.804   5.830   -11.388 1.00 25.85  ? 1007 GLN B N   1 
ATOM   813  C CA  . GLN B 1 7  ? 3.444   5.511   -11.786 1.00 24.18  ? 1007 GLN B CA  1 
ATOM   814  C C   . GLN B 1 7  ? 2.974   4.359   -10.871 1.00 22.22  ? 1007 GLN B C   1 
ATOM   815  O O   . GLN B 1 7  ? 3.823   3.693   -10.307 1.00 22.91  ? 1007 GLN B O   1 
ATOM   816  C CB  . GLN B 1 7  ? 3.408   4.976   -13.246 1.00 26.24  ? 1007 GLN B CB  1 
ATOM   817  C CG  . GLN B 1 7  ? 3.777   6.002   -14.353 1.00 31.34  ? 1007 GLN B CG  1 
ATOM   818  C CD  . GLN B 1 7  ? 2.867   7.204   -14.490 1.00 38.54  ? 1007 GLN B CD  1 
ATOM   819  O OE1 . GLN B 1 7  ? 3.345   8.315   -14.820 1.00 40.31  ? 1007 GLN B OE1 1 
ATOM   820  N NE2 . GLN B 1 7  ? 1.562   7.016   -14.268 1.00 40.99  ? 1007 GLN B NE2 1 
ATOM   821  N N   . ARG B 1 8  ? 1.658   4.124   -10.795 1.00 21.25  ? 1008 ARG B N   1 
ATOM   822  C CA  . ARG B 1 8  ? 1.197   2.954   -9.976  1.00 23.49  ? 1008 ARG B CA  1 
ATOM   823  C C   . ARG B 1 8  ? 1.847   1.691   -10.486 1.00 22.62  ? 1008 ARG B C   1 
ATOM   824  O O   . ARG B 1 8  ? 1.874   1.431   -11.718 1.00 19.76  ? 1008 ARG B O   1 
ATOM   825  C CB  . ARG B 1 8  ? -0.301  2.757   -10.014 1.00 25.80  ? 1008 ARG B CB  1 
ATOM   826  C CG  . ARG B 1 8  ? -1.087  3.893   -9.481  1.00 32.70  ? 1008 ARG B CG  1 
ATOM   827  C CD  . ARG B 1 8  ? -2.513  3.447   -9.275  1.00 37.98  ? 1008 ARG B CD  1 
ATOM   828  N NE  . ARG B 1 8  ? -3.295  4.520   -8.691  1.00 45.12  ? 1008 ARG B NE  1 
ATOM   829  C CZ  . ARG B 1 8  ? -4.463  4.343   -8.080  1.00 50.50  ? 1008 ARG B CZ  1 
ATOM   830  N NH1 . ARG B 1 8  ? -4.989  3.119   -7.972  1.00 51.91  ? 1008 ARG B NH1 1 
ATOM   831  N NH2 . ARG B 1 8  ? -5.104  5.393   -7.575  1.00 48.05  ? 1008 ARG B NH2 1 
ATOM   832  N N   . PRO B 1 9  ? 2.381   0.874   -9.576  1.00 22.39  ? 1009 PRO B N   1 
ATOM   833  C CA  . PRO B 1 9  ? 3.060   -0.378  -9.883  1.00 23.13  ? 1009 PRO B CA  1 
ATOM   834  C C   . PRO B 1 9  ? 2.047   -1.486  -10.178 1.00 23.62  ? 1009 PRO B C   1 
ATOM   835  O O   . PRO B 1 9  ? 1.795   -2.373  -9.376  1.00 22.88  ? 1009 PRO B O   1 
ATOM   836  C CB  . PRO B 1 9  ? 3.940   -0.604  -8.634  1.00 25.33  ? 1009 PRO B CB  1 
ATOM   837  C CG  . PRO B 1 9  ? 3.138   -0.094  -7.579  1.00 26.33  ? 1009 PRO B CG  1 
ATOM   838  C CD  . PRO B 1 9  ? 2.571   1.228   -8.148  1.00 23.88  ? 1009 PRO B CD  1 
ATOM   839  N N   . LEU B 1 10 ? 1.451   -1.384  -11.370 1.00 23.70  ? 1010 LEU B N   1 
ATOM   840  C CA  . LEU B 1 10 ? 0.433   -2.366  -11.823 1.00 25.03  ? 1010 LEU B CA  1 
ATOM   841  C C   . LEU B 1 10 ? 1.091   -3.529  -12.513 1.00 26.06  ? 1010 LEU B C   1 
ATOM   842  O O   . LEU B 1 10 ? 2.067   -3.338  -13.259 1.00 26.76  ? 1010 LEU B O   1 
ATOM   843  C CB  . LEU B 1 10 ? -0.531  -1.712  -12.801 1.00 29.24  ? 1010 LEU B CB  1 
ATOM   844  C CG  . LEU B 1 10 ? -1.507  -0.739  -12.121 1.00 34.86  ? 1010 LEU B CG  1 
ATOM   845  C CD1 . LEU B 1 10 ? -2.365  -0.063  -13.170 1.00 41.27  ? 1010 LEU B CD1 1 
ATOM   846  C CD2 . LEU B 1 10 ? -2.384  -1.459  -11.122 1.00 35.22  ? 1010 LEU B CD2 1 
ATOM   847  N N   . VAL B 1 11 ? 0.578   -4.744  -12.289 1.00 22.96  ? 1011 VAL B N   1 
ATOM   848  C CA  . VAL B 1 11 ? 1.200   -5.891  -12.922 1.00 21.36  ? 1011 VAL B CA  1 
ATOM   849  C C   . VAL B 1 11 ? 0.040   -6.770  -13.372 1.00 20.97  ? 1011 VAL B C   1 
ATOM   850  O O   . VAL B 1 11 ? -1.126  -6.617  -12.937 1.00 20.18  ? 1011 VAL B O   1 
ATOM   851  C CB  . VAL B 1 11 ? 2.068   -6.785  -11.996 1.00 22.80  ? 1011 VAL B CB  1 
ATOM   852  C CG1 . VAL B 1 11 ? 3.390   -6.063  -11.603 1.00 28.58  ? 1011 VAL B CG1 1 
ATOM   853  C CG2 . VAL B 1 11 ? 1.291   -7.201  -10.757 1.00 20.43  ? 1011 VAL B CG2 1 
ATOM   854  N N   . THR B 1 12 ? 0.359   -7.694  -14.260 1.00 20.26  ? 1012 THR B N   1 
ATOM   855  C CA  . THR B 1 12 ? -0.691  -8.587  -14.726 1.00 20.65  ? 1012 THR B CA  1 
ATOM   856  C C   . THR B 1 12 ? -0.628  -9.855  -13.894 1.00 20.57  ? 1012 THR B C   1 
ATOM   857  O O   . THR B 1 12 ? 0.469   -10.357 -13.593 1.00 21.76  ? 1012 THR B O   1 
ATOM   858  C CB  . THR B 1 12 ? -0.418  -8.891  -16.244 1.00 19.81  ? 1012 THR B CB  1 
ATOM   859  O OG1 . THR B 1 12 ? -0.682  -7.716  -17.025 1.00 25.68  ? 1012 THR B OG1 1 
ATOM   860  C CG2 . THR B 1 12 ? -1.253  -10.031 -16.700 1.00 29.77  ? 1012 THR B CG2 1 
ATOM   861  N N   . ILE B 1 13 ? -1.777  -10.391 -13.491 1.00 17.46  ? 1013 ILE B N   1 
ATOM   862  C CA  . ILE B 1 13 ? -1.815  -11.633 -12.727 1.00 20.22  ? 1013 ILE B CA  1 
ATOM   863  C C   . ILE B 1 13 ? -2.755  -12.587 -13.373 1.00 18.74  ? 1013 ILE B C   1 
ATOM   864  O O   . ILE B 1 13 ? -3.597  -12.177 -14.188 1.00 18.76  ? 1013 ILE B O   1 
ATOM   865  C CB  . ILE B 1 13 ? -2.256  -11.469 -11.267 1.00 19.07  ? 1013 ILE B CB  1 
ATOM   866  C CG1 . ILE B 1 13 ? -3.681  -10.907 -11.171 1.00 17.51  ? 1013 ILE B CG1 1 
ATOM   867  C CG2 . ILE B 1 13 ? -1.237  -10.513 -10.614 1.00 20.16  ? 1013 ILE B CG2 1 
ATOM   868  C CD1 . ILE B 1 13 ? -4.266  -10.818 -9.761  1.00 20.63  ? 1013 ILE B CD1 1 
ATOM   869  N N   . LYS B 1 14 ? -2.492  -13.852 -13.110 1.00 18.26  ? 1014 LYS B N   1 
ATOM   870  C CA  . LYS B 1 14 ? -3.375  -14.912 -13.627 1.00 18.44  ? 1014 LYS B CA  1 
ATOM   871  C C   . LYS B 1 14 ? -3.734  -15.669 -12.365 1.00 20.13  ? 1014 LYS B C   1 
ATOM   872  O O   . LYS B 1 14 ? -2.857  -16.153 -11.619 1.00 20.41  ? 1014 LYS B O   1 
ATOM   873  C CB  . LYS B 1 14 ? -2.670  -15.858 -14.606 1.00 20.46  ? 1014 LYS B CB  1 
ATOM   874  C CG  . LYS B 1 14 ? -3.686  -16.883 -15.233 1.00 18.98  ? 1014 LYS B CG  1 
ATOM   875  C CD  . LYS B 1 14 ? -2.947  -17.942 -16.115 1.00 27.49  ? 1014 LYS B CD  1 
ATOM   876  C CE  . LYS B 1 14 ? -3.955  -18.807 -16.891 1.00 28.23  ? 1014 LYS B CE  1 
ATOM   877  N NZ  . LYS B 1 14 ? -3.206  -19.906 -17.576 1.00 30.74  ? 1014 LYS B NZ  1 
ATOM   878  N N   . ILE B 1 15 ? -5.030  -15.810 -12.148 1.00 16.69  ? 1015 ILE B N   1 
ATOM   879  C CA  . ILE B 1 15 ? -5.533  -16.500 -11.002 1.00 21.74  ? 1015 ILE B CA  1 
ATOM   880  C C   . ILE B 1 15 ? -6.877  -17.135 -11.327 1.00 22.72  ? 1015 ILE B C   1 
ATOM   881  O O   . ILE B 1 15 ? -7.721  -16.487 -11.939 1.00 23.11  ? 1015 ILE B O   1 
ATOM   882  C CB  . ILE B 1 15 ? -5.682  -15.487 -9.820  1.00 23.29  ? 1015 ILE B CB  1 
ATOM   883  C CG1 . ILE B 1 15 ? -6.095  -16.272 -8.551  1.00 28.26  ? 1015 ILE B CG1 1 
ATOM   884  C CG2 . ILE B 1 15 ? -6.587  -14.305 -10.270 1.00 22.15  ? 1015 ILE B CG2 1 
ATOM   885  C CD1 . ILE B 1 15 ? -6.262  -15.444 -7.261  1.00 27.97  ? 1015 ILE B CD1 1 
ATOM   886  N N   . GLY B 1 16 ? -7.078  -18.399 -10.937 1.00 22.13  ? 1016 GLY B N   1 
ATOM   887  C CA  . GLY B 1 16 ? -8.359  -19.054 -11.188 1.00 21.84  ? 1016 GLY B CA  1 
ATOM   888  C C   . GLY B 1 16 ? -8.658  -19.072 -12.676 1.00 19.99  ? 1016 GLY B C   1 
ATOM   889  O O   . GLY B 1 16 ? -9.827  -19.023 -13.053 1.00 21.90  ? 1016 GLY B O   1 
ATOM   890  N N   . GLY B 1 17 ? -7.593  -19.181 -13.479 1.00 18.75  ? 1017 GLY B N   1 
ATOM   891  C CA  . GLY B 1 17 ? -7.679  -19.190 -14.934 1.00 20.09  ? 1017 GLY B CA  1 
ATOM   892  C C   . GLY B 1 17 ? -7.982  -17.863 -15.614 1.00 18.10  ? 1017 GLY B C   1 
ATOM   893  O O   . GLY B 1 17 ? -8.165  -17.776 -16.829 1.00 19.56  ? 1017 GLY B O   1 
ATOM   894  N N   . GLN B 1 18 ? -8.043  -16.796 -14.842 1.00 17.45  ? 1018 GLN B N   1 
ATOM   895  C CA  . GLN B 1 18 ? -8.409  -15.479 -15.362 1.00 15.71  ? 1018 GLN B CA  1 
ATOM   896  C C   . GLN B 1 18 ? -7.259  -14.501 -15.311 1.00 17.88  ? 1018 GLN B C   1 
ATOM   897  O O   . GLN B 1 18 ? -6.446  -14.581 -14.374 1.00 18.70  ? 1018 GLN B O   1 
ATOM   898  C CB  . GLN B 1 18 ? -9.500  -14.935 -14.486 1.00 20.30  ? 1018 GLN B CB  1 
ATOM   899  C CG  . GLN B 1 18 ? -10.805 -15.725 -14.609 1.00 18.99  ? 1018 GLN B CG  1 
ATOM   900  C CD  . GLN B 1 18 ? -11.675 -15.481 -13.395 1.00 21.39  ? 1018 GLN B CD  1 
ATOM   901  O OE1 . GLN B 1 18 ? -12.263 -14.411 -13.256 1.00 30.03  ? 1018 GLN B OE1 1 
ATOM   902  N NE2 . GLN B 1 18 ? -11.726 -16.459 -12.496 1.00 24.79  ? 1018 GLN B NE2 1 
ATOM   903  N N   . LEU B 1 19 ? -7.264  -13.555 -16.228 1.00 15.60  ? 1019 LEU B N   1 
ATOM   904  C CA  . LEU B 1 19 ? -6.226  -12.527 -16.261 1.00 16.82  ? 1019 LEU B CA  1 
ATOM   905  C C   . LEU B 1 19 ? -6.783  -11.261 -15.656 1.00 18.13  ? 1019 LEU B C   1 
ATOM   906  O O   . LEU B 1 19 ? -7.893  -10.808 -15.983 1.00 18.85  ? 1019 LEU B O   1 
ATOM   907  C CB  . LEU B 1 19 ? -5.760  -12.235 -17.682 1.00 19.37  ? 1019 LEU B CB  1 
ATOM   908  C CG  . LEU B 1 19 ? -5.278  -13.474 -18.414 1.00 21.77  ? 1019 LEU B CG  1 
ATOM   909  C CD1 . LEU B 1 19 ? -4.961  -12.988 -19.901 1.00 26.22  ? 1019 LEU B CD1 1 
ATOM   910  C CD2 . LEU B 1 19 ? -4.038  -14.037 -17.764 1.00 23.30  ? 1019 LEU B CD2 1 
ATOM   911  N N   . LYS B 1 20 ? -5.990  -10.677 -14.750 1.00 18.40  ? 1020 LYS B N   1 
ATOM   912  C CA  . LYS B 1 20 ? -6.394  -9.441  -14.114 1.00 17.33  ? 1020 LYS B CA  1 
ATOM   913  C C   . LYS B 1 20 ? -5.170  -8.547  -13.899 1.00 15.96  ? 1020 LYS B C   1 
ATOM   914  O O   . LYS B 1 20 ? -4.039  -8.964  -14.129 1.00 18.20  ? 1020 LYS B O   1 
ATOM   915  C CB  . LYS B 1 20 ? -7.036  -9.748  -12.765 1.00 16.23  ? 1020 LYS B CB  1 
ATOM   916  C CG  . LYS B 1 20 ? -8.326  -10.608 -12.837 1.00 24.25  ? 1020 LYS B CG  1 
ATOM   917  C CD  . LYS B 1 20 ? -8.969  -10.842 -11.470 1.00 32.80  ? 1020 LYS B CD  1 
ATOM   918  C CE  . LYS B 1 20 ? -10.352 -11.493 -11.670 1.00 36.99  ? 1020 LYS B CE  1 
ATOM   919  N NZ  . LYS B 1 20 ? -11.300 -10.563 -12.423 1.00 37.91  ? 1020 LYS B NZ  1 
ATOM   920  N N   . GLU B 1 21 ? -5.429  -7.272  -13.622 1.00 18.01  ? 1021 GLU B N   1 
ATOM   921  C CA  . GLU B 1 21 ? -4.343  -6.360  -13.317 1.00 16.49  ? 1021 GLU B CA  1 
ATOM   922  C C   . GLU B 1 21 ? -4.434  -6.152  -11.811 1.00 15.51  ? 1021 GLU B C   1 
ATOM   923  O O   . GLU B 1 21 ? -5.524  -6.004  -11.254 1.00 17.82  ? 1021 GLU B O   1 
ATOM   924  C CB  . GLU B 1 21 ? -4.503  -5.016  -14.022 1.00 22.55  ? 1021 GLU B CB  1 
ATOM   925  C CG  . GLU B 1 21 ? -4.631  -5.188  -15.536 1.00 35.38  ? 1021 GLU B CG  1 
ATOM   926  C CD  . GLU B 1 21 ? -4.471  -3.862  -16.274 1.00 46.44  ? 1021 GLU B CD  1 
ATOM   927  O OE1 . GLU B 1 21 ? -5.486  -3.168  -16.480 1.00 48.29  ? 1021 GLU B OE1 1 
ATOM   928  O OE2 . GLU B 1 21 ? -3.318  -3.531  -16.641 1.00 50.09  ? 1021 GLU B OE2 1 
ATOM   929  N N   . ALA B 1 22 ? -3.265  -5.958  -11.219 1.00 15.33  ? 1022 ALA B N   1 
ATOM   930  C CA  . ALA B 1 22 ? -3.248  -5.798  -9.746  1.00 16.68  ? 1022 ALA B CA  1 
ATOM   931  C C   . ALA B 1 22 ? -2.160  -4.819  -9.402  1.00 16.54  ? 1022 ALA B C   1 
ATOM   932  O O   . ALA B 1 22 ? -1.175  -4.646  -10.128 1.00 18.27  ? 1022 ALA B O   1 
ATOM   933  C CB  . ALA B 1 22 ? -2.965  -7.143  -9.077  1.00 15.59  ? 1022 ALA B CB  1 
ATOM   934  N N   . LEU B 1 23 ? -2.299  -4.212  -8.213  1.00 18.62  ? 1023 LEU B N   1 
ATOM   935  C CA  . LEU B 1 23 ? -1.353  -3.193  -7.762  1.00 18.98  ? 1023 LEU B CA  1 
ATOM   936  C C   . LEU B 1 23 ? -0.400  -3.879  -6.779  1.00 20.47  ? 1023 LEU B C   1 
ATOM   937  O O   . LEU B 1 23 ? -0.868  -4.616  -5.903  1.00 18.87  ? 1023 LEU B O   1 
ATOM   938  C CB  . LEU B 1 23 ? -2.168  -2.133  -7.011  1.00 23.48  ? 1023 LEU B CB  1 
ATOM   939  C CG  . LEU B 1 23 ? -1.452  -0.923  -6.413  1.00 28.45  ? 1023 LEU B CG  1 
ATOM   940  C CD1 . LEU B 1 23 ? -0.886  -0.006  -7.501  1.00 28.49  ? 1023 LEU B CD1 1 
ATOM   941  C CD2 . LEU B 1 23 ? -2.462  -0.137  -5.559  1.00 28.23  ? 1023 LEU B CD2 1 
ATOM   942  N N   . LEU B 1 24 ? 0.919   -3.684  -6.945  1.00 17.83  ? 1024 LEU B N   1 
ATOM   943  C CA  . LEU B 1 24 ? 1.922   -4.246  -6.021  1.00 17.80  ? 1024 LEU B CA  1 
ATOM   944  C C   . LEU B 1 24 ? 1.909   -3.282  -4.839  1.00 20.84  ? 1024 LEU B C   1 
ATOM   945  O O   . LEU B 1 24 ? 2.187   -2.077  -4.996  1.00 21.80  ? 1024 LEU B O   1 
ATOM   946  C CB  . LEU B 1 24 ? 3.258   -4.293  -6.687  1.00 20.45  ? 1024 LEU B CB  1 
ATOM   947  C CG  . LEU B 1 24 ? 3.405   -5.298  -7.865  1.00 21.68  ? 1024 LEU B CG  1 
ATOM   948  C CD1 . LEU B 1 24 ? 4.856   -5.271  -8.296  1.00 26.27  ? 1024 LEU B CD1 1 
ATOM   949  C CD2 . LEU B 1 24 ? 3.004   -6.682  -7.419  1.00 26.85  ? 1024 LEU B CD2 1 
ATOM   950  N N   . ASP B 1 25 ? 1.480   -3.785  -3.688  1.00 20.62  ? 1025 ASP B N   1 
ATOM   951  C CA  . ASP B 1 25 ? 1.298   -2.850  -2.543  1.00 19.97  ? 1025 ASP B CA  1 
ATOM   952  C C   . ASP B 1 25 ? 2.109   -3.242  -1.288  1.00 18.72  ? 1025 ASP B C   1 
ATOM   953  O O   . ASP B 1 25 ? 1.695   -4.144  -0.548  1.00 17.50  ? 1025 ASP B O   1 
ATOM   954  C CB  . ASP B 1 25 ? -0.164  -2.884  -2.167  1.00 23.73  ? 1025 ASP B CB  1 
ATOM   955  C CG  . ASP B 1 25 ? -0.497  -1.883  -1.051  1.00 31.55  ? 1025 ASP B CG  1 
ATOM   956  O OD1 . ASP B 1 25 ? -1.667  -1.747  -0.635  1.00 36.14  ? 1025 ASP B OD1 1 
ATOM   957  O OD2 . ASP B 1 25 ? 0.435   -1.217  -0.617  1.00 32.88  ? 1025 ASP B OD2 1 
ATOM   958  N N   . THR B 1 26 ? 3.229   -2.552  -1.054  1.00 17.35  ? 1026 THR B N   1 
ATOM   959  C CA  . THR B 1 26 ? 4.041   -2.921  0.096   1.00 19.65  ? 1026 THR B CA  1 
ATOM   960  C C   . THR B 1 26 ? 3.364   -2.576  1.365   1.00 20.83  ? 1026 THR B C   1 
ATOM   961  O O   . THR B 1 26 ? 3.817   -3.087  2.432   1.00 20.86  ? 1026 THR B O   1 
ATOM   962  C CB  . THR B 1 26 ? 5.415   -2.235  0.020   1.00 17.86  ? 1026 THR B CB  1 
ATOM   963  O OG1 . THR B 1 26 ? 5.232   -0.826  -0.205  1.00 16.71  ? 1026 THR B OG1 1 
ATOM   964  C CG2 . THR B 1 26 ? 6.186   -2.708  -1.255  1.00 17.92  ? 1026 THR B CG2 1 
ATOM   965  N N   . GLY B 1 27 ? 2.321   -1.731  1.307   1.00 19.89  ? 1027 GLY B N   1 
ATOM   966  C CA  . GLY B 1 27 ? 1.614   -1.382  2.538   1.00 22.67  ? 1027 GLY B CA  1 
ATOM   967  C C   . GLY B 1 27 ? 0.537   -2.380  2.892   1.00 23.50  ? 1027 GLY B C   1 
ATOM   968  O O   . GLY B 1 27 ? -0.150  -2.251  3.905   1.00 25.89  ? 1027 GLY B O   1 
ATOM   969  N N   . ALA B 1 28 ? 0.390   -3.412  2.061   1.00 19.28  ? 1028 ALA B N   1 
ATOM   970  C CA  . ALA B 1 28 ? -0.650  -4.380  2.311   1.00 19.09  ? 1028 ALA B CA  1 
ATOM   971  C C   . ALA B 1 28 ? -0.080  -5.675  2.874   1.00 19.60  ? 1028 ALA B C   1 
ATOM   972  O O   . ALA B 1 28 ? 0.809   -6.281  2.303   1.00 19.58  ? 1028 ALA B O   1 
ATOM   973  C CB  . ALA B 1 28 ? -1.440  -4.675  0.947   1.00 17.47  ? 1028 ALA B CB  1 
ATOM   974  N N   . ASP B 1 29 ? -0.575  -6.097  4.027   1.00 20.88  ? 1029 ASP B N   1 
ATOM   975  C CA  . ASP B 1 29 ? -0.084  -7.335  4.632   1.00 21.54  ? 1029 ASP B CA  1 
ATOM   976  C C   . ASP B 1 29 ? -0.507  -8.512  3.772   1.00 22.26  ? 1029 ASP B C   1 
ATOM   977  O O   . ASP B 1 29 ? 0.252   -9.470  3.567   1.00 24.68  ? 1029 ASP B O   1 
ATOM   978  C CB  . ASP B 1 29 ? -0.748  -7.571  5.999   1.00 24.67  ? 1029 ASP B CB  1 
ATOM   979  C CG  . ASP B 1 29 ? -0.318  -6.539  7.064   1.00 27.64  ? 1029 ASP B CG  1 
ATOM   980  O OD1 . ASP B 1 29 ? -1.010  -6.412  8.086   1.00 32.73  ? 1029 ASP B OD1 1 
ATOM   981  O OD2 . ASP B 1 29 ? 0.713   -5.875  6.844   1.00 28.55  ? 1029 ASP B OD2 1 
ATOM   982  N N   . ASP B 1 30 ? -1.764  -8.379  3.353   1.00 23.37  ? 1030 ASP B N   1 
ATOM   983  C CA  . ASP B 1 30 ? -2.531  -9.385  2.592   1.00 23.91  ? 1030 ASP B CA  1 
ATOM   984  C C   . ASP B 1 30 ? -2.882  -8.995  1.151   1.00 22.92  ? 1030 ASP B C   1 
ATOM   985  O O   . ASP B 1 30 ? -2.972  -7.811  0.794   1.00 21.41  ? 1030 ASP B O   1 
ATOM   986  C CB  . ASP B 1 30 ? -3.882  -9.654  3.271   1.00 26.69  ? 1030 ASP B CB  1 
ATOM   987  C CG  . ASP B 1 30 ? -3.783  -9.987  4.787   1.00 30.88  ? 1030 ASP B CG  1 
ATOM   988  O OD1 . ASP B 1 30 ? -4.779  -9.756  5.467   1.00 37.97  ? 1030 ASP B OD1 1 
ATOM   989  O OD2 . ASP B 1 30 ? -2.759  -10.457 5.289   1.00 33.58  ? 1030 ASP B OD2 1 
ATOM   990  N N   . THR B 1 31 ? -3.150  -10.044 0.357   1.00 22.41  ? 1031 THR B N   1 
ATOM   991  C CA  . THR B 1 31 ? -3.565  -9.887  -1.037  1.00 19.75  ? 1031 THR B CA  1 
ATOM   992  C C   . THR B 1 31 ? -5.103  -9.891  -1.117  1.00 21.14  ? 1031 THR B C   1 
ATOM   993  O O   . THR B 1 31 ? -5.767  -10.780 -0.589  1.00 20.93  ? 1031 THR B O   1 
ATOM   994  C CB  . THR B 1 31 ? -2.920  -11.023 -1.809  1.00 19.53  ? 1031 THR B CB  1 
ATOM   995  O OG1 . THR B 1 31 ? -1.509  -10.840 -1.845  1.00 21.25  ? 1031 THR B OG1 1 
ATOM   996  C CG2 . THR B 1 31 ? -3.483  -11.139 -3.276  1.00 18.16  ? 1031 THR B CG2 1 
ATOM   997  N N   . VAL B 1 32 ? -5.680  -8.886  -1.725  1.00 20.25  ? 1032 VAL B N   1 
ATOM   998  C CA  . VAL B 1 32 ? -7.132  -8.764  -1.783  1.00 23.95  ? 1032 VAL B CA  1 
ATOM   999  C C   . VAL B 1 32 ? -7.594  -8.482  -3.194  1.00 24.40  ? 1032 VAL B C   1 
ATOM   1000 O O   . VAL B 1 32 ? -7.178  -7.529  -3.804  1.00 22.67  ? 1032 VAL B O   1 
ATOM   1001 C CB  . VAL B 1 32 ? -7.610  -7.598  -0.906  1.00 27.72  ? 1032 VAL B CB  1 
ATOM   1002 C CG1 . VAL B 1 32 ? -9.119  -7.688  -0.785  1.00 24.28  ? 1032 VAL B CG1 1 
ATOM   1003 C CG2 . VAL B 1 32 ? -6.886  -7.594  0.407   1.00 32.77  ? 1032 VAL B CG2 1 
ATOM   1004 N N   . LEU B 1 33 ? -8.492  -9.326  -3.697  1.00 25.20  ? 1033 LEU B N   1 
ATOM   1005 C CA  . LEU B 1 33 ? -8.987  -9.136  -5.035  1.00 25.79  ? 1033 LEU B CA  1 
ATOM   1006 C C   . LEU B 1 33 ? -10.458 -8.838  -5.093  1.00 27.57  ? 1033 LEU B C   1 
ATOM   1007 O O   . LEU B 1 33 ? -11.240 -9.293  -4.220  1.00 27.71  ? 1033 LEU B O   1 
ATOM   1008 C CB  . LEU B 1 33 ? -8.722  -10.391 -5.875  1.00 28.95  ? 1033 LEU B CB  1 
ATOM   1009 C CG  . LEU B 1 33 ? -7.252  -10.810 -6.000  1.00 31.63  ? 1033 LEU B CG  1 
ATOM   1010 C CD1 . LEU B 1 33 ? -7.092  -12.121 -6.786  1.00 32.77  ? 1033 LEU B CD1 1 
ATOM   1011 C CD2 . LEU B 1 33 ? -6.527  -9.680  -6.713  1.00 30.83  ? 1033 LEU B CD2 1 
ATOM   1012 N N   . GLU B 1 34 ? -10.808 -8.078  -6.120  1.00 28.37  ? 1034 GLU B N   1 
ATOM   1013 C CA  . GLU B 1 34 ? -12.186 -7.738  -6.399  1.00 31.28  ? 1034 GLU B CA  1 
ATOM   1014 C C   . GLU B 1 34 ? -12.939 -9.042  -6.604  1.00 32.03  ? 1034 GLU B C   1 
ATOM   1015 O O   . GLU B 1 34 ? -12.361 -10.108 -6.894  1.00 29.97  ? 1034 GLU B O   1 
ATOM   1016 C CB  . GLU B 1 34 ? -12.295 -6.887  -7.669  1.00 35.55  ? 1034 GLU B CB  1 
ATOM   1017 C CG  . GLU B 1 34 ? -11.634 -5.517  -7.548  1.00 43.95  ? 1034 GLU B CG  1 
ATOM   1018 C CD  . GLU B 1 34 ? -11.971 -4.585  -8.702  1.00 51.64  ? 1034 GLU B CD  1 
ATOM   1019 O OE1 . GLU B 1 34 ? -11.626 -4.907  -9.858  1.00 55.53  ? 1034 GLU B OE1 1 
ATOM   1020 O OE2 . GLU B 1 34 ? -12.578 -3.522  -8.456  1.00 57.19  ? 1034 GLU B OE2 1 
ATOM   1021 N N   . GLU B 1 35 ? -14.252 -8.959  -6.461  1.00 32.20  ? 1035 GLU B N   1 
ATOM   1022 C CA  . GLU B 1 35 ? -15.098 -10.122 -6.641  1.00 34.80  ? 1035 GLU B CA  1 
ATOM   1023 C C   . GLU B 1 35 ? -14.767 -10.899 -7.917  1.00 33.89  ? 1035 GLU B C   1 
ATOM   1024 O O   . GLU B 1 35 ? -14.661 -10.337 -9.012  1.00 34.58  ? 1035 GLU B O   1 
ATOM   1025 C CB  . GLU B 1 35 ? -16.555 -9.679  -6.663  1.00 37.10  ? 1035 GLU B CB  1 
ATOM   1026 C CG  . GLU B 1 35 ? -17.507 -10.817 -6.442  1.00 45.31  ? 1035 GLU B CG  1 
ATOM   1027 C CD  . GLU B 1 35 ? -17.279 -11.491 -5.113  1.00 49.37  ? 1035 GLU B CD  1 
ATOM   1028 O OE1 . GLU B 1 35 ? -17.348 -10.809 -4.069  1.00 51.34  ? 1035 GLU B OE1 1 
ATOM   1029 O OE2 . GLU B 1 35 ? -17.021 -12.709 -5.115  1.00 54.38  ? 1035 GLU B OE2 1 
ATOM   1030 N N   . MET B 1 36 ? -14.587 -12.194 -7.735  1.00 34.26  ? 1036 MET B N   1 
ATOM   1031 C CA  . MET B 1 36 ? -14.254 -13.075 -8.827  1.00 36.94  ? 1036 MET B CA  1 
ATOM   1032 C C   . MET B 1 36 ? -14.583 -14.492 -8.415  1.00 38.46  ? 1036 MET B C   1 
ATOM   1033 O O   . MET B 1 36 ? -14.711 -14.810 -7.231  1.00 38.14  ? 1036 MET B O   1 
ATOM   1034 C CB  . MET B 1 36 ? -12.763 -13.019 -9.112  1.00 35.59  ? 1036 MET B CB  1 
ATOM   1035 C CG  . MET B 1 36 ? -11.966 -13.703 -8.023  1.00 36.89  ? 1036 MET B CG  1 
ATOM   1036 S SD  . MET B 1 36 ? -10.203 -13.740 -8.452  1.00 33.76  ? 1036 MET B SD  1 
ATOM   1037 C CE  . MET B 1 36 ? -10.260 -14.884 -9.954  1.00 38.87  ? 1036 MET B CE  1 
ATOM   1038 N N   . SER B 1 37 ? -14.659 -15.345 -9.433  1.00 41.02  ? 1037 SER B N   1 
ATOM   1039 C CA  . SER B 1 37 ? -14.939 -16.752 -9.266  1.00 43.05  ? 1037 SER B CA  1 
ATOM   1040 C C   . SER B 1 37 ? -13.649 -17.528 -8.970  1.00 44.24  ? 1037 SER B C   1 
ATOM   1041 O O   . SER B 1 37 ? -12.741 -17.539 -9.795  1.00 41.95  ? 1037 SER B O   1 
ATOM   1042 C CB  . SER B 1 37 ? -15.556 -17.275 -10.554 1.00 44.60  ? 1037 SER B CB  1 
ATOM   1043 O OG  . SER B 1 37 ? -15.749 -18.682 -10.472 1.00 49.91  ? 1037 SER B OG  1 
ATOM   1044 N N   . LEU B 1 38 ? -13.585 -18.156 -7.797  1.00 45.25  ? 1038 LEU B N   1 
ATOM   1045 C CA  . LEU B 1 38 ? -12.459 -18.970 -7.379  1.00 48.90  ? 1038 LEU B CA  1 
ATOM   1046 C C   . LEU B 1 38 ? -12.999 -20.287 -6.865  1.00 51.80  ? 1038 LEU B C   1 
ATOM   1047 O O   . LEU B 1 38 ? -14.025 -20.316 -6.201  1.00 51.88  ? 1038 LEU B O   1 
ATOM   1048 C CB  . LEU B 1 38 ? -11.674 -18.322 -6.233  1.00 48.39  ? 1038 LEU B CB  1 
ATOM   1049 C CG  . LEU B 1 38 ? -10.683 -17.268 -6.695  1.00 47.05  ? 1038 LEU B CG  1 
ATOM   1050 C CD1 . LEU B 1 38 ? -10.013 -16.615 -5.496  1.00 47.33  ? 1038 LEU B CD1 1 
ATOM   1051 C CD2 . LEU B 1 38 ? -9.673  -17.932 -7.607  1.00 42.97  ? 1038 LEU B CD2 1 
ATOM   1052 N N   . PRO B 1 39 ? -12.313 -21.391 -7.179  1.00 54.39  ? 1039 PRO B N   1 
ATOM   1053 C CA  . PRO B 1 39 ? -12.719 -22.729 -6.736  1.00 57.52  ? 1039 PRO B CA  1 
ATOM   1054 C C   . PRO B 1 39 ? -12.394 -22.923 -5.248  1.00 59.48  ? 1039 PRO B C   1 
ATOM   1055 O O   . PRO B 1 39 ? -11.759 -22.068 -4.640  1.00 59.82  ? 1039 PRO B O   1 
ATOM   1056 C CB  . PRO B 1 39 ? -11.879 -23.647 -7.629  1.00 57.46  ? 1039 PRO B CB  1 
ATOM   1057 C CG  . PRO B 1 39 ? -10.611 -22.856 -7.801  1.00 56.41  ? 1039 PRO B CG  1 
ATOM   1058 C CD  . PRO B 1 39 ? -11.134 -21.465 -8.065  1.00 54.89  ? 1039 PRO B CD  1 
ATOM   1059 N N   . GLY B 1 40 ? -12.834 -24.048 -4.684  1.00 61.56  ? 1040 GLY B N   1 
ATOM   1060 C CA  . GLY B 1 40 ? -12.561 -24.373 -3.290  1.00 63.63  ? 1040 GLY B CA  1 
ATOM   1061 C C   . GLY B 1 40 ? -13.430 -23.688 -2.256  1.00 65.17  ? 1040 GLY B C   1 
ATOM   1062 O O   . GLY B 1 40 ? -14.295 -22.864 -2.590  1.00 64.49  ? 1040 GLY B O   1 
ATOM   1063 N N   . ARG B 1 41 ? -13.205 -24.026 -0.988  1.00 66.51  ? 1041 ARG B N   1 
ATOM   1064 C CA  . ARG B 1 41 ? -13.975 -23.417 0.092   1.00 68.53  ? 1041 ARG B CA  1 
ATOM   1065 C C   . ARG B 1 41 ? -13.296 -22.164 0.664   1.00 67.82  ? 1041 ARG B C   1 
ATOM   1066 O O   . ARG B 1 41 ? -12.107 -21.937 0.448   1.00 67.31  ? 1041 ARG B O   1 
ATOM   1067 C CB  . ARG B 1 41 ? -14.193 -24.421 1.211   1.00 73.15  ? 1041 ARG B CB  1 
ATOM   1068 C CG  . ARG B 1 41 ? -12.945 -24.777 1.974   1.00 80.75  ? 1041 ARG B CG  1 
ATOM   1069 C CD  . ARG B 1 41 ? -13.341 -25.596 3.168   1.00 90.65  ? 1041 ARG B CD  1 
ATOM   1070 N NE  . ARG B 1 41 ? -12.269 -25.673 4.148   1.00 99.99  ? 1041 ARG B NE  1 
ATOM   1071 C CZ  . ARG B 1 41 ? -12.400 -26.217 5.353   1.00 104.38 ? 1041 ARG B CZ  1 
ATOM   1072 N NH1 . ARG B 1 41 ? -13.561 -26.734 5.731   1.00 107.53 ? 1041 ARG B NH1 1 
ATOM   1073 N NH2 . ARG B 1 41 ? -11.366 -26.241 6.181   1.00 107.47 ? 1041 ARG B NH2 1 
ATOM   1074 N N   . TRP B 1 42 ? -14.063 -21.358 1.392   1.00 67.64  ? 1042 TRP B N   1 
ATOM   1075 C CA  . TRP B 1 42 ? -13.549 -20.124 1.989   1.00 67.49  ? 1042 TRP B CA  1 
ATOM   1076 C C   . TRP B 1 42 ? -14.089 -19.928 3.395   1.00 67.16  ? 1042 TRP B C   1 
ATOM   1077 O O   . TRP B 1 42 ? -14.980 -20.646 3.832   1.00 66.79  ? 1042 TRP B O   1 
ATOM   1078 C CB  . TRP B 1 42 ? -13.949 -18.912 1.151   1.00 68.52  ? 1042 TRP B CB  1 
ATOM   1079 C CG  . TRP B 1 42 ? -15.423 -18.826 0.911   1.00 70.12  ? 1042 TRP B CG  1 
ATOM   1080 C CD1 . TRP B 1 42 ? -16.130 -19.478 -0.051  1.00 70.56  ? 1042 TRP B CD1 1 
ATOM   1081 C CD2 . TRP B 1 42 ? -16.377 -18.046 1.649   1.00 70.54  ? 1042 TRP B CD2 1 
ATOM   1082 N NE1 . TRP B 1 42 ? -17.460 -19.148 0.028   1.00 70.84  ? 1042 TRP B NE1 1 
ATOM   1083 C CE2 . TRP B 1 42 ? -17.640 -18.264 1.060   1.00 70.16  ? 1042 TRP B CE2 1 
ATOM   1084 C CE3 . TRP B 1 42 ? -16.282 -17.167 2.735   1.00 71.17  ? 1042 TRP B CE3 1 
ATOM   1085 C CZ2 . TRP B 1 42 ? -18.806 -17.660 1.534   1.00 69.97  ? 1042 TRP B CZ2 1 
ATOM   1086 C CZ3 . TRP B 1 42 ? -17.446 -16.561 3.205   1.00 71.27  ? 1042 TRP B CZ3 1 
ATOM   1087 C CH2 . TRP B 1 42 ? -18.688 -16.805 2.595   1.00 70.11  ? 1042 TRP B CH2 1 
ATOM   1088 N N   . LYS B 1 43 ? -13.550 -18.934 4.089   1.00 66.77  ? 1043 LYS B N   1 
ATOM   1089 C CA  . LYS B 1 43 ? -13.956 -18.624 5.453   1.00 66.28  ? 1043 LYS B CA  1 
ATOM   1090 C C   . LYS B 1 43 ? -14.005 -17.112 5.614   1.00 65.53  ? 1043 LYS B C   1 
ATOM   1091 O O   . LYS B 1 43 ? -13.046 -16.422 5.263   1.00 65.96  ? 1043 LYS B O   1 
ATOM   1092 C CB  . LYS B 1 43 ? -12.958 -19.218 6.439   1.00 66.72  ? 1043 LYS B CB  1 
ATOM   1093 C CG  . LYS B 1 43 ? -12.934 -20.733 6.436   1.00 69.16  ? 1043 LYS B CG  1 
ATOM   1094 C CD  . LYS B 1 43 ? -11.967 -21.274 7.474   1.00 71.01  ? 1043 LYS B CD  1 
ATOM   1095 C CE  . LYS B 1 43 ? -11.968 -22.788 7.463   1.00 73.26  ? 1043 LYS B CE  1 
ATOM   1096 N NZ  . LYS B 1 43 ? -10.951 -23.373 8.363   1.00 72.58  ? 1043 LYS B NZ  1 
ATOM   1097 N N   . PRO B 1 44 ? -15.127 -16.573 6.129   1.00 64.46  ? 1044 PRO B N   1 
ATOM   1098 C CA  . PRO B 1 44 ? -15.318 -15.132 6.340   1.00 62.77  ? 1044 PRO B CA  1 
ATOM   1099 C C   . PRO B 1 44 ? -14.153 -14.448 7.045   1.00 61.32  ? 1044 PRO B C   1 
ATOM   1100 O O   . PRO B 1 44 ? -13.377 -15.081 7.769   1.00 60.96  ? 1044 PRO B O   1 
ATOM   1101 C CB  . PRO B 1 44 ? -16.598 -15.075 7.164   1.00 63.65  ? 1044 PRO B CB  1 
ATOM   1102 C CG  . PRO B 1 44 ? -17.382 -16.215 6.625   1.00 63.81  ? 1044 PRO B CG  1 
ATOM   1103 C CD  . PRO B 1 44 ? -16.333 -17.317 6.537   1.00 64.32  ? 1044 PRO B CD  1 
ATOM   1104 N N   . LYS B 1 45 ? -14.024 -13.151 6.826   1.00 59.66  ? 1045 LYS B N   1 
ATOM   1105 C CA  . LYS B 1 45 ? -12.961 -12.409 7.466   1.00 58.53  ? 1045 LYS B CA  1 
ATOM   1106 C C   . LYS B 1 45 ? -13.170 -10.944 7.178   1.00 56.92  ? 1045 LYS B C   1 
ATOM   1107 O O   . LYS B 1 45 ? -13.905 -10.596 6.272   1.00 56.64  ? 1045 LYS B O   1 
ATOM   1108 C CB  . LYS B 1 45 ? -11.595 -12.864 6.941   1.00 60.61  ? 1045 LYS B CB  1 
ATOM   1109 C CG  . LYS B 1 45 ? -10.410 -12.314 7.725   1.00 63.75  ? 1045 LYS B CG  1 
ATOM   1110 C CD  . LYS B 1 45 ? -9.087  -12.684 7.073   1.00 67.42  ? 1045 LYS B CD  1 
ATOM   1111 C CE  . LYS B 1 45 ? -7.879  -12.377 7.969   1.00 68.61  ? 1045 LYS B CE  1 
ATOM   1112 N NZ  . LYS B 1 45 ? -7.638  -10.917 8.196   1.00 71.19  ? 1045 LYS B NZ  1 
ATOM   1113 N N   . MET B 1 46 ? -12.552 -10.083 7.978   1.00 56.07  ? 1046 MET B N   1 
ATOM   1114 C CA  . MET B 1 46 ? -12.665 -8.640  7.787   1.00 54.24  ? 1046 MET B CA  1 
ATOM   1115 C C   . MET B 1 46 ? -11.274 -8.026  7.813   1.00 51.36  ? 1046 MET B C   1 
ATOM   1116 O O   . MET B 1 46 ? -10.487 -8.302  8.711   1.00 51.67  ? 1046 MET B O   1 
ATOM   1117 C CB  . MET B 1 46 ? -13.546 -8.010  8.873   1.00 58.05  ? 1046 MET B CB  1 
ATOM   1118 C CG  . MET B 1 46 ? -14.965 -8.586  8.919   1.00 63.38  ? 1046 MET B CG  1 
ATOM   1119 S SD  . MET B 1 46 ? -16.195 -7.467  9.623   1.00 69.97  ? 1046 MET B SD  1 
ATOM   1120 C CE  . MET B 1 46 ? -16.893 -6.727  8.071   1.00 72.09  ? 1046 MET B CE  1 
ATOM   1121 N N   . ILE B 1 47 ? -10.969 -7.207  6.821   1.00 47.64  ? 1047 ILE B N   1 
ATOM   1122 C CA  . ILE B 1 47 ? -9.668  -6.584  6.762   1.00 44.91  ? 1047 ILE B CA  1 
ATOM   1123 C C   . ILE B 1 47 ? -9.857  -5.096  6.873   1.00 43.21  ? 1047 ILE B C   1 
ATOM   1124 O O   . ILE B 1 47 ? -10.887 -4.560  6.472   1.00 43.88  ? 1047 ILE B O   1 
ATOM   1125 C CB  . ILE B 1 47 ? -8.943  -6.865  5.426   1.00 43.91  ? 1047 ILE B CB  1 
ATOM   1126 C CG1 . ILE B 1 47 ? -9.883  -6.540  4.272   1.00 41.23  ? 1047 ILE B CG1 1 
ATOM   1127 C CG2 . ILE B 1 47 ? -8.418  -8.279  5.403   1.00 44.25  ? 1047 ILE B CG2 1 
ATOM   1128 C CD1 . ILE B 1 47 ? -9.218  -6.481  2.961   1.00 41.69  ? 1047 ILE B CD1 1 
ATOM   1129 N N   . GLY B 1 48 ? -8.842  -4.415  7.380   1.00 43.06  ? 1048 GLY B N   1 
ATOM   1130 C CA  . GLY B 1 48 ? -8.972  -2.974  7.512   1.00 41.59  ? 1048 GLY B CA  1 
ATOM   1131 C C   . GLY B 1 48 ? -8.187  -2.161  6.503   1.00 41.55  ? 1048 GLY B C   1 
ATOM   1132 O O   . GLY B 1 48 ? -7.194  -2.619  5.914   1.00 40.27  ? 1048 GLY B O   1 
ATOM   1133 N N   . GLY B 1 49 ? -8.644  -0.937  6.304   1.00 40.52  ? 1049 GLY B N   1 
ATOM   1134 C CA  . GLY B 1 49 ? -7.961  -0.046  5.394   1.00 41.84  ? 1049 GLY B CA  1 
ATOM   1135 C C   . GLY B 1 49 ? -8.101  1.387   5.866   1.00 42.18  ? 1049 GLY B C   1 
ATOM   1136 O O   . GLY B 1 49 ? -8.633  1.666   6.933   1.00 42.04  ? 1049 GLY B O   1 
ATOM   1137 N N   . ILE B 1 50 ? -7.647  2.312   5.048   1.00 43.11  ? 1050 ILE B N   1 
ATOM   1138 C CA  . ILE B 1 50 ? -7.720  3.697   5.406   1.00 44.59  ? 1050 ILE B CA  1 
ATOM   1139 C C   . ILE B 1 50 ? -9.151  4.214   5.600   1.00 46.07  ? 1050 ILE B C   1 
ATOM   1140 O O   . ILE B 1 50 ? -9.392  5.087   6.441   1.00 47.37  ? 1050 ILE B O   1 
ATOM   1141 C CB  . ILE B 1 50 ? -6.964  4.536   4.360   1.00 46.68  ? 1050 ILE B CB  1 
ATOM   1142 C CG1 . ILE B 1 50 ? -6.566  5.878   4.960   1.00 46.64  ? 1050 ILE B CG1 1 
ATOM   1143 C CG2 . ILE B 1 50 ? -7.829  4.772   3.139   1.00 44.98  ? 1050 ILE B CG2 1 
ATOM   1144 C CD1 . ILE B 1 50 ? -5.269  6.364   4.399   1.00 47.13  ? 1050 ILE B CD1 1 
ATOM   1145 N N   . GLY B 1 51 ? -10.112 3.679   4.852   1.00 45.47  ? 1051 GLY B N   1 
ATOM   1146 C CA  . GLY B 1 51 ? -11.469 4.173   5.014   1.00 45.79  ? 1051 GLY B CA  1 
ATOM   1147 C C   . GLY B 1 51 ? -12.341 3.380   5.968   1.00 45.15  ? 1051 GLY B C   1 
ATOM   1148 O O   . GLY B 1 51 ? -13.518 3.695   6.166   1.00 46.24  ? 1051 GLY B O   1 
ATOM   1149 N N   . GLY B 1 52 ? -11.774 2.349   6.567   1.00 43.87  ? 1052 GLY B N   1 
ATOM   1150 C CA  . GLY B 1 52 ? -12.540 1.520   7.471   1.00 43.16  ? 1052 GLY B CA  1 
ATOM   1151 C C   . GLY B 1 52 ? -12.336 0.033   7.198   1.00 42.96  ? 1052 GLY B C   1 
ATOM   1152 O O   . GLY B 1 52 ? -11.240 -0.393  6.844   1.00 42.48  ? 1052 GLY B O   1 
ATOM   1153 N N   . PHE B 1 53 ? -13.387 -0.767  7.353   1.00 43.61  ? 1053 PHE B N   1 
ATOM   1154 C CA  . PHE B 1 53 ? -13.267 -2.209  7.151   1.00 44.63  ? 1053 PHE B CA  1 
ATOM   1155 C C   . PHE B 1 53 ? -14.194 -2.799  6.074   1.00 44.51  ? 1053 PHE B C   1 
ATOM   1156 O O   . PHE B 1 53 ? -15.247 -2.243  5.758   1.00 44.40  ? 1053 PHE B O   1 
ATOM   1157 C CB  . PHE B 1 53 ? -13.539 -2.946  8.473   1.00 48.22  ? 1053 PHE B CB  1 
ATOM   1158 C CG  . PHE B 1 53 ? -12.476 -2.748  9.537   1.00 52.74  ? 1053 PHE B CG  1 
ATOM   1159 C CD1 . PHE B 1 53 ? -12.290 -1.499  10.150  1.00 54.59  ? 1053 PHE B CD1 1 
ATOM   1160 C CD2 . PHE B 1 53 ? -11.666 -3.819  9.944   1.00 54.70  ? 1053 PHE B CD2 1 
ATOM   1161 C CE1 . PHE B 1 53 ? -11.330 -1.332  11.161  1.00 54.96  ? 1053 PHE B CE1 1 
ATOM   1162 C CE2 . PHE B 1 53 ? -10.707 -3.653  10.951  1.00 55.42  ? 1053 PHE B CE2 1 
ATOM   1163 C CZ  . PHE B 1 53 ? -10.537 -2.406  11.556  1.00 54.88  ? 1053 PHE B CZ  1 
ATOM   1164 N N   . ILE B 1 54 ? -13.788 -3.922  5.486   1.00 43.51  ? 1054 ILE B N   1 
ATOM   1165 C CA  . ILE B 1 54 ? -14.654 -4.575  4.506   1.00 42.12  ? 1054 ILE B CA  1 
ATOM   1166 C C   . ILE B 1 54 ? -14.676 -6.061  4.812   1.00 41.86  ? 1054 ILE B C   1 
ATOM   1167 O O   . ILE B 1 54 ? -13.744 -6.602  5.378   1.00 41.96  ? 1054 ILE B O   1 
ATOM   1168 C CB  . ILE B 1 54 ? -14.183 -4.415  3.064   1.00 40.65  ? 1054 ILE B CB  1 
ATOM   1169 C CG1 . ILE B 1 54 ? -12.805 -5.099  2.900   1.00 37.47  ? 1054 ILE B CG1 1 
ATOM   1170 C CG2 . ILE B 1 54 ? -14.182 -2.924  2.657   1.00 41.02  ? 1054 ILE B CG2 1 
ATOM   1171 C CD1 . ILE B 1 54 ? -12.444 -5.374  1.456   1.00 34.51  ? 1054 ILE B CD1 1 
ATOM   1172 N N   . LYS B 1 55 ? -15.765 -6.711  4.454   1.00 42.92  ? 1055 LYS B N   1 
ATOM   1173 C CA  . LYS B 1 55 ? -15.879 -8.138  4.678   1.00 44.48  ? 1055 LYS B CA  1 
ATOM   1174 C C   . LYS B 1 55 ? -15.324 -8.815  3.424   1.00 43.36  ? 1055 LYS B C   1 
ATOM   1175 O O   . LYS B 1 55 ? -15.492 -8.299  2.316   1.00 42.82  ? 1055 LYS B O   1 
ATOM   1176 C CB  . LYS B 1 55 ? -17.354 -8.517  4.888   1.00 48.22  ? 1055 LYS B CB  1 
ATOM   1177 C CG  . LYS B 1 55 ? -17.634 -10.028 4.841   1.00 54.30  ? 1055 LYS B CG  1 
ATOM   1178 C CD  . LYS B 1 55 ? -19.136 -10.366 5.007   1.00 59.68  ? 1055 LYS B CD  1 
ATOM   1179 C CE  . LYS B 1 55 ? -19.429 -11.850 4.742   1.00 62.00  ? 1055 LYS B CE  1 
ATOM   1180 N NZ  . LYS B 1 55 ? -18.612 -12.810 5.562   1.00 64.52  ? 1055 LYS B NZ  1 
ATOM   1181 N N   . VAL B 1 56 ? -14.648 -9.947  3.609   1.00 42.89  ? 1056 VAL B N   1 
ATOM   1182 C CA  . VAL B 1 56 ? -14.060 -10.667 2.492   1.00 42.37  ? 1056 VAL B CA  1 
ATOM   1183 C C   . VAL B 1 56 ? -14.022 -12.176 2.671   1.00 42.68  ? 1056 VAL B C   1 
ATOM   1184 O O   . VAL B 1 56 ? -14.170 -12.696 3.787   1.00 43.18  ? 1056 VAL B O   1 
ATOM   1185 C CB  . VAL B 1 56 ? -12.616 -10.195 2.213   1.00 42.28  ? 1056 VAL B CB  1 
ATOM   1186 C CG1 . VAL B 1 56 ? -12.611 -8.680  1.920   1.00 40.72  ? 1056 VAL B CG1 1 
ATOM   1187 C CG2 . VAL B 1 56 ? -11.697 -10.588 3.374   1.00 42.85  ? 1056 VAL B CG2 1 
ATOM   1188 N N   . ARG B 1 57 ? -13.836 -12.901 1.562   1.00 41.96  ? 1057 ARG B N   1 
ATOM   1189 C CA  . ARG B 1 57 ? -13.761 -14.357 1.658   1.00 40.36  ? 1057 ARG B CA  1 
ATOM   1190 C C   . ARG B 1 57 ? -12.282 -14.706 1.645   1.00 39.48  ? 1057 ARG B C   1 
ATOM   1191 O O   . ARG B 1 57 ? -11.508 -14.125 0.888   1.00 38.79  ? 1057 ARG B O   1 
ATOM   1192 C CB  . ARG B 1 57 ? -14.517 -14.980 0.481   1.00 42.67  ? 1057 ARG B CB  1 
ATOM   1193 C CG  . ARG B 1 57 ? -15.900 -14.344 0.326   1.00 45.34  ? 1057 ARG B CG  1 
ATOM   1194 C CD  . ARG B 1 57 ? -16.875 -15.207 -0.471  1.00 46.89  ? 1057 ARG B CD  1 
ATOM   1195 N NE  . ARG B 1 57 ? -16.433 -15.410 -1.841  1.00 46.26  ? 1057 ARG B NE  1 
ATOM   1196 C CZ  . ARG B 1 57 ? -16.503 -14.482 -2.773  1.00 48.00  ? 1057 ARG B CZ  1 
ATOM   1197 N NH1 . ARG B 1 57 ? -16.072 -14.747 -4.006  1.00 50.51  ? 1057 ARG B NH1 1 
ATOM   1198 N NH2 . ARG B 1 57 ? -17.019 -13.294 -2.478  1.00 50.96  ? 1057 ARG B NH2 1 
ATOM   1199 N N   . GLN B 1 58 ? -11.886 -15.617 2.508   1.00 38.47  ? 1058 GLN B N   1 
ATOM   1200 C CA  . GLN B 1 58 ? -10.510 -16.016 2.586   1.00 40.09  ? 1058 GLN B CA  1 
ATOM   1201 C C   . GLN B 1 58 ? -10.291 -17.397 1.982   1.00 40.67  ? 1058 GLN B C   1 
ATOM   1202 O O   . GLN B 1 58 ? -10.946 -18.365 2.375   1.00 42.23  ? 1058 GLN B O   1 
ATOM   1203 C CB  . GLN B 1 58 ? -10.027 -16.003 4.043   1.00 41.53  ? 1058 GLN B CB  1 
ATOM   1204 C CG  . GLN B 1 58 ? -8.627  -16.585 4.181   1.00 47.93  ? 1058 GLN B CG  1 
ATOM   1205 C CD  . GLN B 1 58 ? -7.997  -16.359 5.524   1.00 53.06  ? 1058 GLN B CD  1 
ATOM   1206 O OE1 . GLN B 1 58 ? -8.219  -15.327 6.161   1.00 57.32  ? 1058 GLN B OE1 1 
ATOM   1207 N NE2 . GLN B 1 58 ? -7.160  -17.302 5.948   1.00 56.02  ? 1058 GLN B NE2 1 
ATOM   1208 N N   . TYR B 1 59 ? -9.365  -17.472 1.029   1.00 40.42  ? 1059 TYR B N   1 
ATOM   1209 C CA  . TYR B 1 59 ? -9.009  -18.701 0.344   1.00 40.47  ? 1059 TYR B CA  1 
ATOM   1210 C C   . TYR B 1 59 ? -7.547  -18.973 0.570   1.00 41.89  ? 1059 TYR B C   1 
ATOM   1211 O O   . TYR B 1 59 ? -6.712  -18.068 0.448   1.00 40.63  ? 1059 TYR B O   1 
ATOM   1212 C CB  . TYR B 1 59 ? -9.230  -18.550 -1.158  1.00 40.98  ? 1059 TYR B CB  1 
ATOM   1213 C CG  . TYR B 1 59 ? -10.644 -18.437 -1.567  1.00 40.86  ? 1059 TYR B CG  1 
ATOM   1214 C CD1 . TYR B 1 59 ? -11.330 -17.219 -1.492  1.00 43.41  ? 1059 TYR B CD1 1 
ATOM   1215 C CD2 . TYR B 1 59 ? -11.320 -19.548 -2.087  1.00 42.78  ? 1059 TYR B CD2 1 
ATOM   1216 C CE1 . TYR B 1 59 ? -12.651 -17.102 -1.926  1.00 40.65  ? 1059 TYR B CE1 1 
ATOM   1217 C CE2 . TYR B 1 59 ? -12.636 -19.441 -2.513  1.00 42.10  ? 1059 TYR B CE2 1 
ATOM   1218 C CZ  . TYR B 1 59 ? -13.290 -18.230 -2.446  1.00 42.48  ? 1059 TYR B CZ  1 
ATOM   1219 O OH  . TYR B 1 59 ? -14.570 -18.151 -2.935  1.00 43.43  ? 1059 TYR B OH  1 
ATOM   1220 N N   . ASP B 1 60 ? -7.206  -20.213 0.900   1.00 42.27  ? 1060 ASP B N   1 
ATOM   1221 C CA  . ASP B 1 60 ? -5.800  -20.532 1.097   1.00 43.99  ? 1060 ASP B CA  1 
ATOM   1222 C C   . ASP B 1 60 ? -5.272  -21.418 -0.005  1.00 43.06  ? 1060 ASP B C   1 
ATOM   1223 O O   . ASP B 1 60 ? -6.041  -21.971 -0.796  1.00 43.72  ? 1060 ASP B O   1 
ATOM   1224 C CB  . ASP B 1 60 ? -5.593  -21.182 2.468   1.00 49.65  ? 1060 ASP B CB  1 
ATOM   1225 C CG  . ASP B 1 60 ? -5.735  -20.169 3.601   1.00 56.66  ? 1060 ASP B CG  1 
ATOM   1226 O OD1 . ASP B 1 60 ? -6.736  -19.412 3.600   1.00 60.99  ? 1060 ASP B OD1 1 
ATOM   1227 O OD2 . ASP B 1 60 ? -4.849  -20.115 4.489   1.00 62.54  ? 1060 ASP B OD2 1 
ATOM   1228 N N   . GLN B 1 61 ? -3.961  -21.531 -0.081  1.00 42.31  ? 1061 GLN B N   1 
ATOM   1229 C CA  . GLN B 1 61 ? -3.343  -22.359 -1.080  1.00 42.09  ? 1061 GLN B CA  1 
ATOM   1230 C C   . GLN B 1 61 ? -3.792  -21.995 -2.480  1.00 40.67  ? 1061 GLN B C   1 
ATOM   1231 O O   . GLN B 1 61 ? -3.938  -22.882 -3.326  1.00 40.79  ? 1061 GLN B O   1 
ATOM   1232 C CB  . GLN B 1 61 ? -3.684  -23.829 -0.806  1.00 46.72  ? 1061 GLN B CB  1 
ATOM   1233 C CG  . GLN B 1 61 ? -3.772  -24.177 0.682   1.00 55.66  ? 1061 GLN B CG  1 
ATOM   1234 C CD  . GLN B 1 61 ? -2.435  -24.053 1.393   1.00 61.79  ? 1061 GLN B CD  1 
ATOM   1235 O OE1 . GLN B 1 61 ? -1.534  -24.875 1.199   1.00 67.55  ? 1061 GLN B OE1 1 
ATOM   1236 N NE2 . GLN B 1 61 ? -2.296  -23.018 2.213   1.00 64.39  ? 1061 GLN B NE2 1 
ATOM   1237 N N   . ILE B 1 62 ? -4.044  -20.713 -2.746  1.00 38.16  ? 1062 ILE B N   1 
ATOM   1238 C CA  . ILE B 1 62 ? -4.484  -20.313 -4.094  1.00 33.88  ? 1062 ILE B CA  1 
ATOM   1239 C C   . ILE B 1 62 ? -3.262  -20.047 -4.959  1.00 31.73  ? 1062 ILE B C   1 
ATOM   1240 O O   . ILE B 1 62 ? -2.382  -19.277 -4.576  1.00 29.04  ? 1062 ILE B O   1 
ATOM   1241 C CB  . ILE B 1 62 ? -5.355  -19.024 -4.051  1.00 35.43  ? 1062 ILE B CB  1 
ATOM   1242 C CG1 . ILE B 1 62 ? -6.703  -19.306 -3.371  1.00 36.79  ? 1062 ILE B CG1 1 
ATOM   1243 C CG2 . ILE B 1 62 ? -5.543  -18.451 -5.454  1.00 32.88  ? 1062 ILE B CG2 1 
ATOM   1244 C CD1 . ILE B 1 62 ? -7.480  -20.527 -3.918  1.00 40.29  ? 1062 ILE B CD1 1 
ATOM   1245 N N   . LEU B 1 63 ? -3.183  -20.661 -6.143  1.00 28.48  ? 1063 LEU B N   1 
ATOM   1246 C CA  . LEU B 1 63 ? -2.036  -20.408 -7.037  1.00 27.26  ? 1063 LEU B CA  1 
ATOM   1247 C C   . LEU B 1 63 ? -2.205  -19.117 -7.826  1.00 27.61  ? 1063 LEU B C   1 
ATOM   1248 O O   . LEU B 1 63 ? -3.259  -18.914 -8.444  1.00 29.23  ? 1063 LEU B O   1 
ATOM   1249 C CB  . LEU B 1 63 ? -1.891  -21.542 -8.084  1.00 28.28  ? 1063 LEU B CB  1 
ATOM   1250 C CG  . LEU B 1 63 ? -0.791  -21.358 -9.133  1.00 29.31  ? 1063 LEU B CG  1 
ATOM   1251 C CD1 . LEU B 1 63 ? 0.570   -21.301 -8.480  1.00 31.71  ? 1063 LEU B CD1 1 
ATOM   1252 C CD2 . LEU B 1 63 ? -0.839  -22.523 -10.170 1.00 32.39  ? 1063 LEU B CD2 1 
ATOM   1253 N N   . ILE B 1 64 ? -1.183  -18.269 -7.870  1.00 27.57  ? 1064 ILE B N   1 
ATOM   1254 C CA  . ILE B 1 64 ? -1.274  -17.014 -8.652  1.00 28.24  ? 1064 ILE B CA  1 
ATOM   1255 C C   . ILE B 1 64 ? 0.016   -16.791 -9.424  1.00 29.13  ? 1064 ILE B C   1 
ATOM   1256 O O   . ILE B 1 64 ? 1.096   -17.159 -8.949  1.00 31.95  ? 1064 ILE B O   1 
ATOM   1257 C CB  . ILE B 1 64 ? -1.505  -15.769 -7.730  1.00 31.20  ? 1064 ILE B CB  1 
ATOM   1258 C CG1 . ILE B 1 64 ? -2.694  -16.003 -6.830  1.00 32.86  ? 1064 ILE B CG1 1 
ATOM   1259 C CG2 . ILE B 1 64 ? -1.807  -14.522 -8.551  1.00 30.28  ? 1064 ILE B CG2 1 
ATOM   1260 C CD1 . ILE B 1 64 ? -3.247  -14.729 -6.264  1.00 41.42  ? 1064 ILE B CD1 1 
ATOM   1261 N N   . GLU B 1 65 ? -0.064  -16.257 -10.631 1.00 26.92  ? 1065 GLU B N   1 
ATOM   1262 C CA  . GLU B 1 65 ? 1.123   -15.954 -11.392 1.00 29.44  ? 1065 GLU B CA  1 
ATOM   1263 C C   . GLU B 1 65 ? 1.190   -14.460 -11.473 1.00 31.04  ? 1065 GLU B C   1 
ATOM   1264 O O   . GLU B 1 65 ? 0.268   -13.817 -11.981 1.00 29.15  ? 1065 GLU B O   1 
ATOM   1265 C CB  . GLU B 1 65 ? 1.058   -16.531 -12.797 1.00 35.28  ? 1065 GLU B CB  1 
ATOM   1266 C CG  . GLU B 1 65 ? 1.060   -18.040 -12.812 1.00 47.79  ? 1065 GLU B CG  1 
ATOM   1267 C CD  . GLU B 1 65 ? 1.400   -18.597 -14.187 1.00 54.49  ? 1065 GLU B CD  1 
ATOM   1268 O OE1 . GLU B 1 65 ? 2.424   -18.136 -14.742 1.00 59.11  ? 1065 GLU B OE1 1 
ATOM   1269 O OE2 . GLU B 1 65 ? 0.656   -19.479 -14.694 1.00 57.50  ? 1065 GLU B OE2 1 
ATOM   1270 N N   . ILE B 1 66 ? 2.271   -13.881 -10.953 1.00 31.90  ? 1066 ILE B N   1 
ATOM   1271 C CA  . ILE B 1 66 ? 2.429   -12.412 -10.964 1.00 34.76  ? 1066 ILE B CA  1 
ATOM   1272 C C   . ILE B 1 66 ? 3.576   -12.108 -11.895 1.00 37.91  ? 1066 ILE B C   1 
ATOM   1273 O O   . ILE B 1 66 ? 4.718   -12.518 -11.640 1.00 38.26  ? 1066 ILE B O   1 
ATOM   1274 C CB  . ILE B 1 66 ? 2.728   -11.897 -9.533  1.00 35.72  ? 1066 ILE B CB  1 
ATOM   1275 C CG1 . ILE B 1 66 ? 1.640   -12.329 -8.570  1.00 36.68  ? 1066 ILE B CG1 1 
ATOM   1276 C CG2 . ILE B 1 66 ? 2.711   -10.385 -9.483  1.00 34.27  ? 1066 ILE B CG2 1 
ATOM   1277 C CD1 . ILE B 1 66 ? 1.975   -12.022 -7.116  1.00 43.27  ? 1066 ILE B CD1 1 
ATOM   1278 N N   . CYS B 1 67 ? 3.284   -11.422 -12.994 1.00 41.22  ? 1067 CYS B N   1 
ATOM   1279 C CA  . CYS B 1 67 ? 4.326   -11.131 -13.972 1.00 45.02  ? 1067 CYS B CA  1 
ATOM   1280 C C   . CYS B 1 67 ? 5.152   -12.372 -14.301 1.00 46.02  ? 1067 CYS B C   1 
ATOM   1281 O O   . CYS B 1 67 ? 6.375   -12.284 -14.369 1.00 46.45  ? 1067 CYS B O   1 
ATOM   1282 C CB  . CYS B 1 67 ? 5.294   -10.084 -13.437 1.00 47.81  ? 1067 CYS B CB  1 
ATOM   1283 S SG  . CYS B 1 67 ? 4.655   -8.453  -13.531 1.00 57.82  ? 1067 CYS B SG  1 
ATOM   1284 N N   . GLY B 1 68 ? 4.517   -13.525 -14.484 1.00 46.46  ? 1068 GLY B N   1 
ATOM   1285 C CA  . GLY B 1 68 ? 5.303   -14.721 -14.812 1.00 45.62  ? 1068 GLY B CA  1 
ATOM   1286 C C   . GLY B 1 68 ? 5.849   -15.537 -13.650 1.00 45.63  ? 1068 GLY B C   1 
ATOM   1287 O O   . GLY B 1 68 ? 6.256   -16.694 -13.853 1.00 46.95  ? 1068 GLY B O   1 
ATOM   1288 N N   . HIS B 1 69 ? 5.874   -14.962 -12.444 1.00 43.86  ? 1069 HIS B N   1 
ATOM   1289 C CA  . HIS B 1 69 ? 6.363   -15.647 -11.246 1.00 41.64  ? 1069 HIS B CA  1 
ATOM   1290 C C   . HIS B 1 69 ? 5.199   -16.255 -10.487 1.00 39.88  ? 1069 HIS B C   1 
ATOM   1291 O O   . HIS B 1 69 ? 4.276   -15.554 -10.079 1.00 37.37  ? 1069 HIS B O   1 
ATOM   1292 C CB  . HIS B 1 69 ? 7.082   -14.673 -10.321 1.00 45.35  ? 1069 HIS B CB  1 
ATOM   1293 C CG  . HIS B 1 69 ? 8.368   -14.158 -10.879 1.00 49.96  ? 1069 HIS B CG  1 
ATOM   1294 N ND1 . HIS B 1 69 ? 8.446   -13.496 -12.078 1.00 51.88  ? 1069 HIS B ND1 1 
ATOM   1295 C CD2 . HIS B 1 69 ? 9.638   -14.266 -10.412 1.00 51.81  ? 1069 HIS B CD2 1 
ATOM   1296 C CE1 . HIS B 1 69 ? 9.716   -13.218 -12.346 1.00 53.46  ? 1069 HIS B CE1 1 
ATOM   1297 N NE2 . HIS B 1 69 ? 10.452  -13.675 -11.350 1.00 54.43  ? 1069 HIS B NE2 1 
ATOM   1298 N N   . LYS B 1 70 ? 5.265   -17.564 -10.290 1.00 37.42  ? 1070 LYS B N   1 
ATOM   1299 C CA  . LYS B 1 70 ? 4.246   -18.286 -9.589  1.00 37.04  ? 1070 LYS B CA  1 
ATOM   1300 C C   . LYS B 1 70 ? 4.402   -18.168 -8.068  1.00 37.53  ? 1070 LYS B C   1 
ATOM   1301 O O   . LYS B 1 70 ? 5.510   -18.026 -7.538  1.00 37.10  ? 1070 LYS B O   1 
ATOM   1302 C CB  . LYS B 1 70 ? 4.285   -19.757 -10.015 1.00 39.39  ? 1070 LYS B CB  1 
ATOM   1303 C CG  . LYS B 1 70 ? 3.984   -19.947 -11.508 1.00 38.92  ? 1070 LYS B CG  1 
ATOM   1304 C CD  . LYS B 1 70 ? 4.007   -21.425 -11.893 1.00 45.49  ? 1070 LYS B CD  1 
ATOM   1305 C CE  . LYS B 1 70 ? 3.503   -21.639 -13.318 1.00 46.18  ? 1070 LYS B CE  1 
ATOM   1306 N NZ  . LYS B 1 70 ? 4.301   -20.857 -14.290 1.00 53.71  ? 1070 LYS B NZ  1 
ATOM   1307 N N   . ALA B 1 71 ? 3.269   -18.218 -7.386  1.00 36.67  ? 1071 ALA B N   1 
ATOM   1308 C CA  . ALA B 1 71 ? 3.208   -18.149 -5.941  1.00 35.02  ? 1071 ALA B CA  1 
ATOM   1309 C C   . ALA B 1 71 ? 1.943   -18.820 -5.469  1.00 34.72  ? 1071 ALA B C   1 
ATOM   1310 O O   . ALA B 1 71 ? 0.918   -18.871 -6.188  1.00 33.07  ? 1071 ALA B O   1 
ATOM   1311 C CB  . ALA B 1 71 ? 3.237   -16.666 -5.475  1.00 35.32  ? 1071 ALA B CB  1 
ATOM   1312 N N   . ILE B 1 72 ? 1.982   -19.359 -4.252  1.00 32.02  ? 1072 ILE B N   1 
ATOM   1313 C CA  . ILE B 1 72 ? 0.805   -19.962 -3.701  1.00 31.66  ? 1072 ILE B CA  1 
ATOM   1314 C C   . ILE B 1 72 ? 0.586   -19.351 -2.370  1.00 32.45  ? 1072 ILE B C   1 
ATOM   1315 O O   . ILE B 1 72 ? 1.546   -19.193 -1.598  1.00 36.36  ? 1072 ILE B O   1 
ATOM   1316 C CB  . ILE B 1 72 ? 0.938   -21.470 -3.490  1.00 33.47  ? 1072 ILE B CB  1 
ATOM   1317 C CG1 . ILE B 1 72 ? 0.900   -22.197 -4.833  1.00 34.15  ? 1072 ILE B CG1 1 
ATOM   1318 C CG2 . ILE B 1 72 ? -0.213  -21.959 -2.637  1.00 30.48  ? 1072 ILE B CG2 1 
ATOM   1319 C CD1 . ILE B 1 72 ? 0.879   -23.731 -4.659  1.00 37.83  ? 1072 ILE B CD1 1 
ATOM   1320 N N   . GLY B 1 73 ? -0.653  -18.989 -2.082  1.00 30.44  ? 1073 GLY B N   1 
ATOM   1321 C CA  . GLY B 1 73 ? -0.918  -18.402 -0.803  1.00 30.45  ? 1073 GLY B CA  1 
ATOM   1322 C C   . GLY B 1 73 ? -2.359  -18.010 -0.628  1.00 30.90  ? 1073 GLY B C   1 
ATOM   1323 O O   . GLY B 1 73 ? -3.253  -18.317 -1.423  1.00 30.16  ? 1073 GLY B O   1 
ATOM   1324 N N   . THR B 1 74 ? -2.592  -17.274 0.442   1.00 28.18  ? 1074 THR B N   1 
ATOM   1325 C CA  . THR B 1 74 ? -3.914  -16.849 0.747   1.00 26.62  ? 1074 THR B CA  1 
ATOM   1326 C C   . THR B 1 74 ? -4.252  -15.663 -0.056  1.00 25.96  ? 1074 THR B C   1 
ATOM   1327 O O   . THR B 1 74 ? -3.462  -14.740 -0.214  1.00 24.27  ? 1074 THR B O   1 
ATOM   1328 C CB  . THR B 1 74 ? -4.030  -16.475 2.228   1.00 28.07  ? 1074 THR B CB  1 
ATOM   1329 O OG1 . THR B 1 74 ? -3.777  -17.646 3.029   1.00 32.97  ? 1074 THR B OG1 1 
ATOM   1330 C CG2 . THR B 1 74 ? -5.389  -15.905 2.528   1.00 31.70  ? 1074 THR B CG2 1 
ATOM   1331 N N   . VAL B 1 75 ? -5.482  -15.667 -0.500  1.00 26.35  ? 1075 VAL B N   1 
ATOM   1332 C CA  . VAL B 1 75 ? -6.006  -14.631 -1.303  1.00 24.15  ? 1075 VAL B CA  1 
ATOM   1333 C C   . VAL B 1 75 ? -7.351  -14.295 -0.716  1.00 26.02  ? 1075 VAL B C   1 
ATOM   1334 O O   . VAL B 1 75 ? -8.118  -15.201 -0.404  1.00 29.26  ? 1075 VAL B O   1 
ATOM   1335 C CB  . VAL B 1 75 ? -6.186  -15.146 -2.765  1.00 25.75  ? 1075 VAL B CB  1 
ATOM   1336 C CG1 . VAL B 1 75 ? -7.078  -14.182 -3.537  1.00 29.09  ? 1075 VAL B CG1 1 
ATOM   1337 C CG2 . VAL B 1 75 ? -4.801  -15.230 -3.404  1.00 23.00  ? 1075 VAL B CG2 1 
ATOM   1338 N N   . LEU B 1 76 ? -7.625  -13.011 -0.519  1.00 24.96  ? 1076 LEU B N   1 
ATOM   1339 C CA  . LEU B 1 76 ? -8.934  -12.579 -0.005  1.00 25.48  ? 1076 LEU B CA  1 
ATOM   1340 C C   . LEU B 1 76 ? -9.725  -12.033 -1.173  1.00 26.86  ? 1076 LEU B C   1 
ATOM   1341 O O   . LEU B 1 76 ? -9.164  -11.470 -2.123  1.00 26.82  ? 1076 LEU B O   1 
ATOM   1342 C CB  . LEU B 1 76 ? -8.789  -11.485 1.084   1.00 26.64  ? 1076 LEU B CB  1 
ATOM   1343 C CG  . LEU B 1 76 ? -7.728  -11.859 2.113   1.00 27.80  ? 1076 LEU B CG  1 
ATOM   1344 C CD1 . LEU B 1 76 ? -7.630  -10.726 3.182   1.00 30.63  ? 1076 LEU B CD1 1 
ATOM   1345 C CD2 . LEU B 1 76 ? -8.090  -13.193 2.732   1.00 25.16  ? 1076 LEU B CD2 1 
ATOM   1346 N N   . VAL B 1 77 ? -11.045 -12.214 -1.142  1.00 27.46  ? 1077 VAL B N   1 
ATOM   1347 C CA  . VAL B 1 77 ? -11.905 -11.763 -2.223  1.00 28.76  ? 1077 VAL B CA  1 
ATOM   1348 C C   . VAL B 1 77 ? -13.060 -11.013 -1.595  1.00 31.18  ? 1077 VAL B C   1 
ATOM   1349 O O   . VAL B 1 77 ? -13.726 -11.563 -0.715  1.00 32.60  ? 1077 VAL B O   1 
ATOM   1350 C CB  . VAL B 1 77 ? -12.488 -13.007 -3.037  1.00 27.16  ? 1077 VAL B CB  1 
ATOM   1351 C CG1 . VAL B 1 77 ? -13.385 -12.511 -4.161  1.00 28.75  ? 1077 VAL B CG1 1 
ATOM   1352 C CG2 . VAL B 1 77 ? -11.340 -13.862 -3.578  1.00 27.97  ? 1077 VAL B CG2 1 
ATOM   1353 N N   . GLY B 1 78 ? -13.297 -9.777  -2.024  1.00 31.10  ? 1078 GLY B N   1 
ATOM   1354 C CA  . GLY B 1 78 ? -14.382 -9.001  -1.445  1.00 33.89  ? 1078 GLY B CA  1 
ATOM   1355 C C   . GLY B 1 78 ? -14.545 -7.644  -2.105  1.00 35.22  ? 1078 GLY B C   1 
ATOM   1356 O O   . GLY B 1 78 ? -13.967 -7.420  -3.160  1.00 36.07  ? 1078 GLY B O   1 
ATOM   1357 N N   . PRO B 1 79 ? -15.247 -6.677  -1.478  1.00 37.09  ? 1079 PRO B N   1 
ATOM   1358 C CA  . PRO B 1 79 ? -15.441 -5.362  -2.099  1.00 38.03  ? 1079 PRO B CA  1 
ATOM   1359 C C   . PRO B 1 79 ? -14.291 -4.365  -2.137  1.00 38.04  ? 1079 PRO B C   1 
ATOM   1360 O O   . PRO B 1 79 ? -14.506 -3.164  -1.921  1.00 37.93  ? 1079 PRO B O   1 
ATOM   1361 C CB  . PRO B 1 79 ? -16.671 -4.812  -1.346  1.00 39.01  ? 1079 PRO B CB  1 
ATOM   1362 C CG  . PRO B 1 79 ? -16.411 -5.269  0.033   1.00 40.25  ? 1079 PRO B CG  1 
ATOM   1363 C CD  . PRO B 1 79 ? -15.948 -6.738  -0.184  1.00 39.16  ? 1079 PRO B CD  1 
ATOM   1364 N N   . THR B 1 80 ? -13.073 -4.824  -2.439  1.00 37.16  ? 1080 THR B N   1 
ATOM   1365 C CA  . THR B 1 80 ? -11.950 -3.895  -2.520  1.00 36.03  ? 1080 THR B CA  1 
ATOM   1366 C C   . THR B 1 80 ? -12.039 -3.136  -3.831  1.00 36.99  ? 1080 THR B C   1 
ATOM   1367 O O   . THR B 1 80 ? -12.340 -3.724  -4.859  1.00 37.44  ? 1080 THR B O   1 
ATOM   1368 C CB  . THR B 1 80 ? -10.564 -4.605  -2.488  1.00 35.34  ? 1080 THR B CB  1 
ATOM   1369 O OG1 . THR B 1 80 ? -9.539  -3.618  -2.671  1.00 29.79  ? 1080 THR B OG1 1 
ATOM   1370 C CG2 . THR B 1 80 ? -10.443 -5.625  -3.618  1.00 29.40  ? 1080 THR B CG2 1 
ATOM   1371 N N   . PRO B 1 81 ? -11.748 -1.825  -3.810  1.00 37.84  ? 1081 PRO B N   1 
ATOM   1372 C CA  . PRO B 1 81 ? -11.784 -0.951  -5.004  1.00 37.53  ? 1081 PRO B CA  1 
ATOM   1373 C C   . PRO B 1 81 ? -10.844 -1.464  -6.097  1.00 36.13  ? 1081 PRO B C   1 
ATOM   1374 O O   . PRO B 1 81 ? -11.115 -1.306  -7.288  1.00 36.08  ? 1081 PRO B O   1 
ATOM   1375 C CB  . PRO B 1 81 ? -11.348 0.410   -4.452  1.00 38.25  ? 1081 PRO B CB  1 
ATOM   1376 C CG  . PRO B 1 81 ? -10.570 0.033   -3.191  1.00 39.79  ? 1081 PRO B CG  1 
ATOM   1377 C CD  . PRO B 1 81 ? -11.386 -1.050  -2.614  1.00 36.82  ? 1081 PRO B CD  1 
ATOM   1378 N N   . VAL B 1 82 ? -9.733  -2.081  -5.700  1.00 33.35  ? 1082 VAL B N   1 
ATOM   1379 C CA  . VAL B 1 82 ? -8.785  -2.593  -6.692  1.00 30.26  ? 1082 VAL B CA  1 
ATOM   1380 C C   . VAL B 1 82 ? -8.060  -3.815  -6.208  1.00 26.44  ? 1082 VAL B C   1 
ATOM   1381 O O   . VAL B 1 82 ? -8.054  -4.103  -5.003  1.00 22.04  ? 1082 VAL B O   1 
ATOM   1382 C CB  . VAL B 1 82 ? -7.785  -1.530  -7.110  1.00 35.23  ? 1082 VAL B CB  1 
ATOM   1383 C CG1 . VAL B 1 82 ? -8.488  -0.510  -7.994  1.00 41.21  ? 1082 VAL B CG1 1 
ATOM   1384 C CG2 . VAL B 1 82 ? -7.217  -0.823  -5.891  1.00 39.66  ? 1082 VAL B CG2 1 
ATOM   1385 N N   . ASN B 1 83 ? -7.506  -4.575  -7.159  1.00 22.72  ? 1083 ASN B N   1 
ATOM   1386 C CA  . ASN B 1 83 ? -6.829  -5.812  -6.848  1.00 20.51  ? 1083 ASN B CA  1 
ATOM   1387 C C   . ASN B 1 83 ? -5.496  -5.418  -6.266  1.00 18.28  ? 1083 ASN B C   1 
ATOM   1388 O O   . ASN B 1 83 ? -4.823  -4.597  -6.815  1.00 20.67  ? 1083 ASN B O   1 
ATOM   1389 C CB  . ASN B 1 83 ? -6.557  -6.659  -8.087  1.00 19.88  ? 1083 ASN B CB  1 
ATOM   1390 C CG  . ASN B 1 83 ? -7.855  -7.141  -8.743  1.00 24.84  ? 1083 ASN B CG  1 
ATOM   1391 O OD1 . ASN B 1 83 ? -8.794  -7.578  -8.036  1.00 26.60  ? 1083 ASN B OD1 1 
ATOM   1392 N ND2 . ASN B 1 83 ? -7.931  -7.053  -10.061 1.00 22.92  ? 1083 ASN B ND2 1 
ATOM   1393 N N   . ILE B 1 84 ? -5.233  -5.953  -5.096  1.00 17.54  ? 1084 ILE B N   1 
ATOM   1394 C CA  . ILE B 1 84 ? -4.008  -5.634  -4.412  1.00 17.23  ? 1084 ILE B CA  1 
ATOM   1395 C C   . ILE B 1 84 ? -3.180  -6.884  -4.131  1.00 18.17  ? 1084 ILE B C   1 
ATOM   1396 O O   . ILE B 1 84 ? -3.679  -7.871  -3.568  1.00 19.43  ? 1084 ILE B O   1 
ATOM   1397 C CB  . ILE B 1 84 ? -4.298  -4.979  -3.069  1.00 20.65  ? 1084 ILE B CB  1 
ATOM   1398 C CG1 . ILE B 1 84 ? -4.874  -3.544  -3.272  1.00 21.28  ? 1084 ILE B CG1 1 
ATOM   1399 C CG2 . ILE B 1 84 ? -2.979  -4.960  -2.259  1.00 21.91  ? 1084 ILE B CG2 1 
ATOM   1400 C CD1 . ILE B 1 84 ? -5.692  -3.076  -2.042  1.00 33.02  ? 1084 ILE B CD1 1 
ATOM   1401 N N   . ILE B 1 85 ? -1.894  -6.827  -4.472  1.00 16.16  ? 1085 ILE B N   1 
ATOM   1402 C CA  . ILE B 1 85 ? -0.982  -7.931  -4.174  1.00 18.47  ? 1085 ILE B CA  1 
ATOM   1403 C C   . ILE B 1 85 ? -0.212  -7.464  -2.931  1.00 17.32  ? 1085 ILE B C   1 
ATOM   1404 O O   . ILE B 1 85 ? 0.586   -6.479  -3.010  1.00 19.16  ? 1085 ILE B O   1 
ATOM   1405 C CB  . ILE B 1 85 ? -0.008  -8.153  -5.239  1.00 19.73  ? 1085 ILE B CB  1 
ATOM   1406 C CG1 . ILE B 1 85 ? -0.766  -8.373  -6.582  1.00 18.17  ? 1085 ILE B CG1 1 
ATOM   1407 C CG2 . ILE B 1 85 ? 0.800   -9.340  -4.936  1.00 21.36  ? 1085 ILE B CG2 1 
ATOM   1408 C CD1 . ILE B 1 85 ? -1.670  -9.556  -6.541  1.00 21.36  ? 1085 ILE B CD1 1 
ATOM   1409 N N   . GLY B 1 86 ? -0.425  -8.184  -1.855  1.00 18.86  ? 1086 GLY B N   1 
ATOM   1410 C CA  . GLY B 1 86 ? 0.191   -7.833  -0.578  1.00 18.10  ? 1086 GLY B CA  1 
ATOM   1411 C C   . GLY B 1 86 ? 1.459   -8.604  -0.273  1.00 18.18  ? 1086 GLY B C   1 
ATOM   1412 O O   . GLY B 1 86 ? 1.940   -9.431  -1.026  1.00 18.69  ? 1086 GLY B O   1 
ATOM   1413 N N   . ARG B 1 87 ? 2.061   -8.289  0.867   1.00 19.17  ? 1087 ARG B N   1 
ATOM   1414 C CA  . ARG B 1 87 ? 3.342   -8.882  1.180   1.00 19.52  ? 1087 ARG B CA  1 
ATOM   1415 C C   . ARG B 1 87 ? 3.391   -10.390 1.267   1.00 19.81  ? 1087 ARG B C   1 
ATOM   1416 O O   . ARG B 1 87 ? 4.451   -10.997 1.006   1.00 21.66  ? 1087 ARG B O   1 
ATOM   1417 C CB  . ARG B 1 87 ? 3.884   -8.286  2.501   1.00 20.12  ? 1087 ARG B CB  1 
ATOM   1418 C CG  . ARG B 1 87 ? 4.247   -6.743  2.364   1.00 20.48  ? 1087 ARG B CG  1 
ATOM   1419 C CD  . ARG B 1 87 ? 4.872   -6.187  3.712   1.00 23.53  ? 1087 ARG B CD  1 
ATOM   1420 N NE  . ARG B 1 87 ? 3.980   -6.398  4.841   1.00 21.27  ? 1087 ARG B NE  1 
ATOM   1421 C CZ  . ARG B 1 87 ? 4.092   -7.388  5.714   1.00 21.31  ? 1087 ARG B CZ  1 
ATOM   1422 N NH1 . ARG B 1 87 ? 5.093   -8.286  5.623   1.00 23.20  ? 1087 ARG B NH1 1 
ATOM   1423 N NH2 . ARG B 1 87 ? 3.174   -7.499  6.627   1.00 25.30  ? 1087 ARG B NH2 1 
ATOM   1424 N N   . ASN B 1 88 ? 2.263   -10.972 1.613   1.00 20.95  ? 1088 ASN B N   1 
ATOM   1425 C CA  . ASN B 1 88 ? 2.181   -12.430 1.736   1.00 23.80  ? 1088 ASN B CA  1 
ATOM   1426 C C   . ASN B 1 88 ? 2.591   -13.087 0.416   1.00 24.29  ? 1088 ASN B C   1 
ATOM   1427 O O   . ASN B 1 88 ? 3.147   -14.209 0.424   1.00 25.28  ? 1088 ASN B O   1 
ATOM   1428 C CB  . ASN B 1 88 ? 0.774   -12.815 2.169   1.00 22.23  ? 1088 ASN B CB  1 
ATOM   1429 C CG  . ASN B 1 88 ? -0.228  -12.702 1.030   1.00 26.00  ? 1088 ASN B CG  1 
ATOM   1430 O OD1 . ASN B 1 88 ? -0.536  -11.586 0.576   1.00 23.97  ? 1088 ASN B OD1 1 
ATOM   1431 N ND2 . ASN B 1 88 ? -0.732  -13.845 0.550   1.00 25.57  ? 1088 ASN B ND2 1 
ATOM   1432 N N   . LEU B 1 89 ? 2.358   -12.382 -0.711  1.00 22.16  ? 1089 LEU B N   1 
ATOM   1433 C CA  . LEU B 1 89 ? 2.734   -12.880 -2.013  1.00 22.26  ? 1089 LEU B CA  1 
ATOM   1434 C C   . LEU B 1 89 ? 3.971   -12.194 -2.526  1.00 20.48  ? 1089 LEU B C   1 
ATOM   1435 O O   . LEU B 1 89 ? 4.767   -12.777 -3.243  1.00 22.45  ? 1089 LEU B O   1 
ATOM   1436 C CB  . LEU B 1 89 ? 1.538   -12.734 -2.985  1.00 21.71  ? 1089 LEU B CB  1 
ATOM   1437 C CG  . LEU B 1 89 ? 0.463   -13.771 -2.625  1.00 22.43  ? 1089 LEU B CG  1 
ATOM   1438 C CD1 . LEU B 1 89 ? -0.756  -13.629 -3.627  1.00 25.07  ? 1089 LEU B CD1 1 
ATOM   1439 C CD2 . LEU B 1 89 ? 1.073   -15.174 -2.744  1.00 26.06  ? 1089 LEU B CD2 1 
ATOM   1440 N N   . LEU B 1 90 ? 4.158   -10.904 -2.190  1.00 20.58  ? 1090 LEU B N   1 
ATOM   1441 C CA  . LEU B 1 90 ? 5.320   -10.190 -2.628  1.00 21.78  ? 1090 LEU B CA  1 
ATOM   1442 C C   . LEU B 1 90 ? 6.678   -10.892 -2.232  1.00 23.00  ? 1090 LEU B C   1 
ATOM   1443 O O   . LEU B 1 90 ? 7.622   -10.926 -3.026  1.00 23.50  ? 1090 LEU B O   1 
ATOM   1444 C CB  . LEU B 1 90 ? 5.243   -8.737  -2.098  1.00 21.51  ? 1090 LEU B CB  1 
ATOM   1445 C CG  . LEU B 1 90 ? 4.080   -7.934  -2.763  1.00 18.08  ? 1090 LEU B CG  1 
ATOM   1446 C CD1 . LEU B 1 90 ? 4.014   -6.489  -2.160  1.00 23.63  ? 1090 LEU B CD1 1 
ATOM   1447 C CD2 . LEU B 1 90 ? 4.334   -7.850  -4.273  1.00 19.30  ? 1090 LEU B CD2 1 
ATOM   1448 N N   . THR B 1 91 ? 6.720   -11.482 -1.060  1.00 26.87  ? 1091 THR B N   1 
ATOM   1449 C CA  . THR B 1 91 ? 7.930   -12.157 -0.571  1.00 29.70  ? 1091 THR B CA  1 
ATOM   1450 C C   . THR B 1 91 ? 8.221   -13.416 -1.472  1.00 33.06  ? 1091 THR B C   1 
ATOM   1451 O O   . THR B 1 91 ? 9.404   -13.720 -1.779  1.00 33.20  ? 1091 THR B O   1 
ATOM   1452 C CB  . THR B 1 91 ? 7.734   -12.560 0.912   1.00 31.54  ? 1091 THR B CB  1 
ATOM   1453 O OG1 . THR B 1 91 ? 6.476   -13.206 1.093   1.00 30.69  ? 1091 THR B OG1 1 
ATOM   1454 C CG2 . THR B 1 91 ? 7.706   -11.317 1.831   1.00 31.34  ? 1091 THR B CG2 1 
ATOM   1455 N N   . GLN B 1 92 ? 7.143   -14.061 -1.954  1.00 34.21  ? 1092 GLN B N   1 
ATOM   1456 C CA  . GLN B 1 92 ? 7.287   -15.235 -2.815  1.00 35.36  ? 1092 GLN B CA  1 
ATOM   1457 C C   . GLN B 1 92 ? 7.893   -14.941 -4.162  1.00 36.00  ? 1092 GLN B C   1 
ATOM   1458 O O   . GLN B 1 92 ? 8.487   -15.809 -4.781  1.00 38.35  ? 1092 GLN B O   1 
ATOM   1459 C CB  . GLN B 1 92 ? 5.967   -15.946 -2.996  1.00 38.42  ? 1092 GLN B CB  1 
ATOM   1460 C CG  . GLN B 1 92 ? 5.793   -17.139 -2.115  1.00 44.58  ? 1092 GLN B CG  1 
ATOM   1461 C CD  . GLN B 1 92 ? 5.163   -16.819 -0.783  1.00 50.35  ? 1092 GLN B CD  1 
ATOM   1462 O OE1 . GLN B 1 92 ? 4.028   -16.345 -0.738  1.00 54.45  ? 1092 GLN B OE1 1 
ATOM   1463 N NE2 . GLN B 1 92 ? 5.886   -17.082 0.315   1.00 51.99  ? 1092 GLN B NE2 1 
ATOM   1464 N N   . ILE B 1 93 ? 7.770   -13.730 -4.655  1.00 34.39  ? 1093 ILE B N   1 
ATOM   1465 C CA  . ILE B 1 93 ? 8.348   -13.443 -5.925  1.00 35.26  ? 1093 ILE B CA  1 
ATOM   1466 C C   . ILE B 1 93 ? 9.615   -12.615 -5.771  1.00 35.52  ? 1093 ILE B C   1 
ATOM   1467 O O   . ILE B 1 93 ? 10.082  -12.029 -6.744  1.00 36.87  ? 1093 ILE B O   1 
ATOM   1468 C CB  . ILE B 1 93 ? 7.326   -12.729 -6.825  1.00 35.77  ? 1093 ILE B CB  1 
ATOM   1469 C CG1 . ILE B 1 93 ? 7.047   -11.314 -6.301  1.00 37.17  ? 1093 ILE B CG1 1 
ATOM   1470 C CG2 . ILE B 1 93 ? 6.050   -13.591 -6.911  1.00 35.77  ? 1093 ILE B CG2 1 
ATOM   1471 C CD1 . ILE B 1 93 ? 6.287   -10.441 -7.259  1.00 37.53  ? 1093 ILE B CD1 1 
ATOM   1472 N N   . GLY B 1 94 ? 10.173  -12.566 -4.551  1.00 35.95  ? 1094 GLY B N   1 
ATOM   1473 C CA  . GLY B 1 94 ? 11.395  -11.783 -4.302  1.00 34.61  ? 1094 GLY B CA  1 
ATOM   1474 C C   . GLY B 1 94 ? 11.357  -10.251 -4.512  1.00 35.99  ? 1094 GLY B C   1 
ATOM   1475 O O   . GLY B 1 94 ? 12.367  -9.639  -4.878  1.00 35.07  ? 1094 GLY B O   1 
ATOM   1476 N N   . MET B 1 95 ? 10.221  -9.606  -4.257  1.00 33.74  ? 1095 MET B N   1 
ATOM   1477 C CA  . MET B 1 95 ? 10.163  -8.175  -4.457  1.00 34.74  ? 1095 MET B CA  1 
ATOM   1478 C C   . MET B 1 95 ? 10.930  -7.487  -3.342  1.00 34.19  ? 1095 MET B C   1 
ATOM   1479 O O   . MET B 1 95 ? 10.866  -7.945  -2.221  1.00 34.54  ? 1095 MET B O   1 
ATOM   1480 C CB  . MET B 1 95 ? 8.703   -7.682  -4.403  1.00 33.25  ? 1095 MET B CB  1 
ATOM   1481 N N   . THR B 1 96 ? 11.549  -6.349  -3.655  1.00 36.16  ? 1096 THR B N   1 
ATOM   1482 C CA  . THR B 1 96 ? 12.224  -5.552  -2.641  1.00 34.69  ? 1096 THR B CA  1 
ATOM   1483 C C   . THR B 1 96 ? 12.108  -4.102  -3.000  1.00 35.71  ? 1096 THR B C   1 
ATOM   1484 O O   . THR B 1 96 ? 11.861  -3.763  -4.141  1.00 34.82  ? 1096 THR B O   1 
ATOM   1485 C CB  . THR B 1 96 ? 13.732  -5.960  -2.505  1.00 36.96  ? 1096 THR B CB  1 
ATOM   1486 O OG1 . THR B 1 96 ? 14.349  -5.832  -3.791  1.00 38.15  ? 1096 THR B OG1 1 
ATOM   1487 C CG2 . THR B 1 96 ? 13.870  -7.365  -1.992  1.00 36.72  ? 1096 THR B CG2 1 
ATOM   1488 N N   . LEU B 1 97 ? 12.288  -3.216  -2.016  1.00 34.50  ? 1097 LEU B N   1 
ATOM   1489 C CA  . LEU B 1 97 ? 12.248  -1.772  -2.274  1.00 36.14  ? 1097 LEU B CA  1 
ATOM   1490 C C   . LEU B 1 97 ? 13.692  -1.283  -2.284  1.00 36.63  ? 1097 LEU B C   1 
ATOM   1491 O O   . LEU B 1 97 ? 14.461  -1.732  -1.510  1.00 37.64  ? 1097 LEU B O   1 
ATOM   1492 C CB  . LEU B 1 97 ? 11.527  -1.070  -1.146  1.00 35.67  ? 1097 LEU B CB  1 
ATOM   1493 C CG  . LEU B 1 97 ? 10.048  -1.200  -1.154  1.00 33.45  ? 1097 LEU B CG  1 
ATOM   1494 C CD1 . LEU B 1 97 ? 9.422   -0.753  0.191   1.00 28.46  ? 1097 LEU B CD1 1 
ATOM   1495 C CD2 . LEU B 1 97 ? 9.587   -0.341  -2.282  1.00 33.77  ? 1097 LEU B CD2 1 
ATOM   1496 N N   . ASN B 1 98 ? 14.040  -0.314  -3.127  1.00 41.13  ? 1098 ASN B N   1 
ATOM   1497 C CA  . ASN B 1 98 ? 15.415  0.139   -3.162  1.00 45.10  ? 1098 ASN B CA  1 
ATOM   1498 C C   . ASN B 1 98 ? 15.502  1.635   -3.148  1.00 47.60  ? 1098 ASN B C   1 
ATOM   1499 O O   . ASN B 1 98 ? 14.904  2.284   -4.008  1.00 47.35  ? 1098 ASN B O   1 
ATOM   1500 C CB  . ASN B 1 98 ? 16.071  -0.392  -4.427  1.00 45.65  ? 1098 ASN B CB  1 
ATOM   1501 C CG  . ASN B 1 98 ? 15.989  -1.885  -4.518  1.00 46.45  ? 1098 ASN B CG  1 
ATOM   1502 O OD1 . ASN B 1 98 ? 16.869  -2.578  -4.017  1.00 49.96  ? 1098 ASN B OD1 1 
ATOM   1503 N ND2 . ASN B 1 98 ? 14.910  -2.401  -5.135  1.00 44.75  ? 1098 ASN B ND2 1 
ATOM   1504 N N   . PHE B 1 99 ? 16.255  2.182   -2.187  1.00 50.00  ? 1099 PHE B N   1 
ATOM   1505 C CA  . PHE B 1 99 ? 16.389  3.627   -2.077  1.00 52.42  ? 1099 PHE B CA  1 
ATOM   1506 C C   . PHE B 1 99 ? 17.731  4.008   -1.414  1.00 53.88  ? 1099 PHE B C   1 
ATOM   1507 O O   . PHE B 1 99 ? 18.486  3.069   -1.025  1.00 53.28  ? 1099 PHE B O   1 
ATOM   1508 C CB  . PHE B 1 99 ? 15.191  4.187   -1.285  1.00 53.86  ? 1099 PHE B CB  1 
ATOM   1509 C CG  . PHE B 1 99 ? 15.255  3.952   0.205   1.00 56.98  ? 1099 PHE B CG  1 
ATOM   1510 C CD1 . PHE B 1 99 ? 15.463  5.018   1.073   1.00 58.28  ? 1099 PHE B CD1 1 
ATOM   1511 C CD2 . PHE B 1 99 ? 15.141  2.677   0.740   1.00 58.40  ? 1099 PHE B CD2 1 
ATOM   1512 C CE1 . PHE B 1 99 ? 15.536  4.823   2.447   1.00 60.79  ? 1099 PHE B CE1 1 
ATOM   1513 C CE2 . PHE B 1 99 ? 15.211  2.472   2.109   1.00 60.52  ? 1099 PHE B CE2 1 
ATOM   1514 C CZ  . PHE B 1 99 ? 15.421  3.550   2.965   1.00 61.85  ? 1099 PHE B CZ  1 
ATOM   1515 O OXT . PHE B 1 99 ? 18.021  5.237   -1.299  1.00 56.35  ? 1099 PHE B OXT 1 
ATOM   1516 N N   . ALA C 2 1  ? -5.626  11.376  -3.655  1.00 73.25  ? 1    ALA S N   1 
ATOM   1517 C CA  . ALA C 2 1  ? -5.948  10.297  -4.641  1.00 72.54  ? 1    ALA S CA  1 
ATOM   1518 C C   . ALA C 2 1  ? -6.499  9.032   -3.966  1.00 72.19  ? 1    ALA S C   1 
ATOM   1519 O O   . ALA C 2 1  ? -7.631  9.028   -3.475  1.00 72.37  ? 1    ALA S O   1 
ATOM   1520 C CB  . ALA C 2 1  ? -4.707  9.959   -5.469  1.00 73.45  ? 1    ALA S CB  1 
ATOM   1521 N N   . GLU C 2 2  ? -5.700  7.967   -3.939  1.00 70.96  ? 2    GLU S N   1 
ATOM   1522 C CA  . GLU C 2 2  ? -6.129  6.701   -3.344  1.00 70.09  ? 2    GLU S CA  1 
ATOM   1523 C C   . GLU C 2 2  ? -4.981  5.930   -2.671  1.00 67.93  ? 2    GLU S C   1 
ATOM   1524 O O   . GLU C 2 2  ? -3.963  5.602   -3.298  1.00 66.60  ? 2    GLU S O   1 
ATOM   1525 C CB  . GLU C 2 2  ? -6.796  5.848   -4.426  1.00 72.94  ? 2    GLU S CB  1 
ATOM   1526 C CG  . GLU C 2 2  ? -7.950  6.565   -5.123  1.00 78.29  ? 2    GLU S CG  1 
ATOM   1527 C CD  . GLU C 2 2  ? -8.010  6.303   -6.615  1.00 81.85  ? 2    GLU S CD  1 
ATOM   1528 O OE1 . GLU C 2 2  ? -8.392  5.182   -7.012  1.00 85.61  ? 2    GLU S OE1 1 
ATOM   1529 O OE2 . GLU C 2 2  ? -7.670  7.221   -7.395  1.00 84.00  ? 2    GLU S OE2 1 
ATOM   1530 N N   . THR C 2 3  ? -5.163  5.657   -1.386  1.00 66.34  ? 3    THR S N   1 
ATOM   1531 C CA  . THR C 2 3  ? -4.166  4.956   -0.587  1.00 65.04  ? 3    THR S CA  1 
ATOM   1532 C C   . THR C 2 3  ? -4.531  3.487   -0.437  1.00 64.78  ? 3    THR S C   1 
ATOM   1533 O O   . THR C 2 3  ? -4.940  3.021   0.633   1.00 64.25  ? 3    THR S O   1 
ATOM   1534 C CB  . THR C 2 3  ? -4.058  5.611   0.785   1.00 64.83  ? 3    THR S CB  1 
ATOM   1535 O OG1 . THR C 2 3  ? -3.881  7.017   0.599   1.00 64.80  ? 3    THR S OG1 1 
ATOM   1536 C CG2 . THR C 2 3  ? -2.878  5.062   1.561   1.00 63.45  ? 3    THR S CG2 1 
ATOM   1537 N N   . PHE C 2 4  ? -4.377  2.764   -1.538  1.00 64.25  ? 4    PHE S N   1 
ATOM   1538 C CA  . PHE C 2 4  ? -4.698  1.347   -1.595  1.00 63.65  ? 4    PHE S CA  1 
ATOM   1539 C C   . PHE C 2 4  ? -3.601  0.484   -1.029  1.00 64.82  ? 4    PHE S C   1 
ATOM   1540 O O   . PHE C 2 4  ? -2.438  0.944   -0.978  1.00 66.03  ? 4    PHE S O   1 
ATOM   1541 C CB  . PHE C 2 4  ? -4.920  0.945   -3.036  1.00 60.49  ? 4    PHE S CB  1 
ATOM   1542 C CG  . PHE C 2 4  ? -6.061  1.636   -3.675  1.00 55.48  ? 4    PHE S CG  1 
ATOM   1543 C CD1 . PHE C 2 4  ? -5.899  2.291   -4.882  1.00 50.38  ? 4    PHE S CD1 1 
ATOM   1544 C CD2 . PHE C 2 4  ? -7.318  1.604   -3.091  1.00 51.26  ? 4    PHE S CD2 1 
ATOM   1545 C CE1 . PHE C 2 4  ? -6.990  2.878   -5.518  1.00 48.00  ? 4    PHE S CE1 1 
ATOM   1546 C CE2 . PHE C 2 4  ? -8.404  2.192   -3.723  1.00 48.18  ? 4    PHE S CE2 1 
ATOM   1547 C CZ  . PHE C 2 4  ? -8.242  2.830   -4.928  1.00 46.44  ? 4    PHE S CZ  1 
ATOM   1548 O OXT . PHE C 2 4  ? -3.927  -0.665  -0.674  1.00 65.83  ? 4    PHE S OXT 1 
ATOM   1549 N N   . TYR D 3 1  ? -2.561  0.452   1.433   1.00 47.82  ? 5    TYR T N   1 
ATOM   1550 C CA  . TYR D 3 1  ? -2.595  -0.042  2.837   1.00 47.05  ? 5    TYR T CA  1 
ATOM   1551 C C   . TYR D 3 1  ? -3.703  -1.045  3.151   1.00 47.07  ? 5    TYR T C   1 
ATOM   1552 O O   . TYR D 3 1  ? -4.916  -0.739  3.074   1.00 45.44  ? 5    TYR T O   1 
ATOM   1553 C CB  . TYR D 3 1  ? -2.711  1.116   3.827   1.00 45.81  ? 5    TYR T CB  1 
ATOM   1554 C CG  . TYR D 3 1  ? -2.795  0.632   5.266   1.00 44.35  ? 5    TYR T CG  1 
ATOM   1555 C CD1 . TYR D 3 1  ? -3.843  1.038   6.092   1.00 43.82  ? 5    TYR T CD1 1 
ATOM   1556 C CD2 . TYR D 3 1  ? -1.827  -0.252  5.790   1.00 41.84  ? 5    TYR T CD2 1 
ATOM   1557 C CE1 . TYR D 3 1  ? -3.942  0.588   7.404   1.00 40.47  ? 5    TYR T CE1 1 
ATOM   1558 C CE2 . TYR D 3 1  ? -1.913  -0.726  7.117   1.00 39.38  ? 5    TYR T CE2 1 
ATOM   1559 C CZ  . TYR D 3 1  ? -2.981  -0.286  7.917   1.00 42.11  ? 5    TYR T CZ  1 
ATOM   1560 O OH  . TYR D 3 1  ? -3.088  -0.684  9.228   1.00 38.34  ? 5    TYR T OH  1 
ATOM   1561 N N   . VAL D 3 2  ? -3.266  -2.256  3.497   1.00 46.65  ? 6    VAL T N   1 
ATOM   1562 C CA  . VAL D 3 2  ? -4.179  -3.332  3.890   1.00 48.20  ? 6    VAL T CA  1 
ATOM   1563 C C   . VAL D 3 2  ? -3.698  -3.879  5.238   1.00 49.43  ? 6    VAL T C   1 
ATOM   1564 O O   . VAL D 3 2  ? -2.526  -4.268  5.440   1.00 48.32  ? 6    VAL T O   1 
ATOM   1565 C CB  . VAL D 3 2  ? -4.253  -4.480  2.843   1.00 47.41  ? 6    VAL T CB  1 
ATOM   1566 C CG1 . VAL D 3 2  ? -5.137  -5.581  3.373   1.00 49.40  ? 6    VAL T CG1 1 
ATOM   1567 C CG2 . VAL D 3 2  ? -4.820  -3.951  1.518   1.00 46.39  ? 6    VAL T CG2 1 
ATOM   1568 N N   . ASP D 3 3  ? -4.617  -3.870  6.182   1.00 51.67  ? 7    ASP T N   1 
ATOM   1569 C CA  . ASP D 3 3  ? -4.315  -4.317  7.519   1.00 55.45  ? 7    ASP T CA  1 
ATOM   1570 C C   . ASP D 3 3  ? -5.035  -5.607  7.862   1.00 57.91  ? 7    ASP T C   1 
ATOM   1571 O O   . ASP D 3 3  ? -6.262  -5.616  8.031   1.00 57.90  ? 7    ASP T O   1 
ATOM   1572 C CB  . ASP D 3 3  ? -4.693  -3.215  8.508   1.00 57.02  ? 7    ASP T CB  1 
ATOM   1573 C CG  . ASP D 3 3  ? -4.579  -3.656  9.949   1.00 59.83  ? 7    ASP T CG  1 
ATOM   1574 O OD1 . ASP D 3 3  ? -3.588  -4.342  10.279  1.00 61.80  ? 7    ASP T OD1 1 
ATOM   1575 O OD2 . ASP D 3 3  ? -5.475  -3.298  10.749  1.00 63.56  ? 7    ASP T OD2 1 
ATOM   1576 N N   . GLY D 3 4  ? -4.264  -6.690  7.953   1.00 61.13  ? 8    GLY T N   1 
ATOM   1577 C CA  . GLY D 3 4  ? -4.835  -7.976  8.306   1.00 65.32  ? 8    GLY T CA  1 
ATOM   1578 C C   . GLY D 3 4  ? -5.288  -7.988  9.758   1.00 68.55  ? 8    GLY T C   1 
ATOM   1579 O O   . GLY D 3 4  ? -4.627  -8.600  10.610  1.00 69.57  ? 8    GLY T O   1 
ATOM   1580 N N   . ALA D 3 5  ? -6.404  -7.301  10.035  1.00 70.61  ? 9    ALA T N   1 
ATOM   1581 C CA  . ALA D 3 5  ? -7.004  -7.202  11.371  1.00 72.76  ? 9    ALA T CA  1 
ATOM   1582 C C   . ALA D 3 5  ? -8.537  -7.177  11.290  1.00 73.69  ? 9    ALA T C   1 
ATOM   1583 O O   . ALA D 3 5  ? -9.181  -7.904  12.078  1.00 74.56  ? 9    ALA T O   1 
ATOM   1584 C CB  . ALA D 3 5  ? -6.509  -5.952  12.086  1.00 73.60  ? 9    ALA T CB  1 
ATOM   1585 O OXT . ALA D 3 5  ? -9.079  -6.420  10.452  1.00 74.67  ? 9    ALA T OXT 1 
HETATM 1586 O O   . HOH E 4 .  ? 11.528  -3.636  7.009   1.00 51.06  ? 309  HOH A O   1 
HETATM 1587 O O   . HOH E 4 .  ? 3.342   -1.875  12.343  1.00 37.58  ? 310  HOH A O   1 
HETATM 1588 O O   . HOH E 4 .  ? 14.330  4.246   9.188   1.00 34.57  ? 311  HOH A O   1 
HETATM 1589 O O   . HOH E 4 .  ? 8.545   -4.035  10.458  1.00 27.65  ? 313  HOH A O   1 
HETATM 1590 O O   . HOH E 4 .  ? 14.570  10.104  8.874   1.00 41.38  ? 316  HOH A O   1 
HETATM 1591 O O   . HOH E 4 .  ? 11.429  18.550  10.593  1.00 27.18  ? 317  HOH A O   1 
HETATM 1592 O O   . HOH E 4 .  ? 12.138  17.162  8.378   1.00 32.26  ? 318  HOH A O   1 
HETATM 1593 O O   . HOH E 4 .  ? 10.393  11.565  19.856  1.00 46.69  ? 320  HOH A O   1 
HETATM 1594 O O   . HOH E 4 .  ? 8.639   19.478  8.217   1.00 28.79  ? 321  HOH A O   1 
HETATM 1595 O O   . HOH E 4 .  ? 15.893  15.172  10.563  1.00 58.50  ? 322  HOH A O   1 
HETATM 1596 O O   . HOH E 4 .  ? 1.049   13.380  16.240  1.00 44.61  ? 323  HOH A O   1 
HETATM 1597 O O   . HOH E 4 .  ? 2.073   16.568  16.744  1.00 34.54  ? 324  HOH A O   1 
HETATM 1598 O O   . HOH E 4 .  ? 5.532   21.104  13.420  1.00 29.99  ? 326  HOH A O   1 
HETATM 1599 O O   . HOH E 4 .  ? 1.275   7.263   18.207  1.00 54.38  ? 328  HOH A O   1 
HETATM 1600 O O   . HOH E 4 .  ? 4.668   15.527  -3.801  1.00 41.70  ? 333  HOH A O   1 
HETATM 1601 O O   . HOH E 4 .  ? 0.386   13.402  -0.301  1.00 24.72  ? 334  HOH A O   1 
HETATM 1602 O O   . HOH E 4 .  ? 3.416   19.857  -2.398  1.00 36.73  ? 337  HOH A O   1 
HETATM 1603 O O   . HOH E 4 .  ? -2.518  3.424   -5.727  1.00 30.64  ? 338  HOH A O   1 
HETATM 1604 O O   . HOH E 4 .  ? 0.325   3.325   -6.058  1.00 21.47  ? 339  HOH A O   1 
HETATM 1605 O O   . HOH E 4 .  ? -5.557  7.972   13.495  1.00 39.39  ? 340  HOH A O   1 
HETATM 1606 O O   . HOH E 4 .  ? -10.901 31.267  15.101  1.00 59.55  ? 341  HOH A O   1 
HETATM 1607 O O   . HOH E 4 .  ? -4.741  10.636  15.512  1.00 61.83  ? 342  HOH A O   1 
HETATM 1608 O O   . HOH E 4 .  ? 2.072   22.348  18.561  1.00 55.39  ? 344  HOH A O   1 
HETATM 1609 O O   . HOH E 4 .  ? 4.422   23.009  18.913  1.00 32.22  ? 345  HOH A O   1 
HETATM 1610 O O   . HOH E 4 .  ? -1.405  23.948  10.173  1.00 43.83  ? 346  HOH A O   1 
HETATM 1611 O O   . HOH E 4 .  ? -16.623 12.649  10.164  1.00 55.91  ? 348  HOH A O   1 
HETATM 1612 O O   . HOH E 4 .  ? -19.221 18.068  6.323   1.00 53.70  ? 350  HOH A O   1 
HETATM 1613 O O   . HOH E 4 .  ? -21.183 10.430  13.423  1.00 61.30  ? 351  HOH A O   1 
HETATM 1614 O O   . HOH E 4 .  ? 13.874  15.074  -2.772  1.00 36.98  ? 353  HOH A O   1 
HETATM 1615 O O   . HOH E 4 .  ? 2.364   4.642   11.728  1.00 36.27  ? 356  HOH A O   1 
HETATM 1616 O O   . HOH E 4 .  ? 4.964   7.226   14.921  1.00 29.93  ? 357  HOH A O   1 
HETATM 1617 O O   . HOH E 4 .  ? 6.726   13.864  -6.465  1.00 60.10  ? 358  HOH A O   1 
HETATM 1618 O O   . HOH E 4 .  ? 2.471   -0.659  11.220  1.00 57.32  ? 370  HOH A O   1 
HETATM 1619 O O   . HOH E 4 .  ? 5.740   -6.594  10.406  1.00 34.70  ? 371  HOH A O   1 
HETATM 1620 O O   . HOH E 4 .  ? 13.654  0.963   8.373   1.00 50.26  ? 397  HOH A O   1 
HETATM 1621 O O   . HOH E 4 .  ? 8.026   23.045  12.298  1.00 45.28  ? 398  HOH A O   1 
HETATM 1622 O O   . HOH E 4 .  ? 3.816   11.477  16.871  1.00 37.48  ? 399  HOH A O   1 
HETATM 1623 O O   . HOH E 4 .  ? 9.088   13.822  18.144  1.00 30.79  ? 400  HOH A O   1 
HETATM 1624 O O   . HOH E 4 .  ? 2.010   9.328   14.628  1.00 55.35  ? 401  HOH A O   1 
HETATM 1625 O O   . HOH E 4 .  ? 12.022  13.204  19.832  1.00 52.74  ? 402  HOH A O   1 
HETATM 1626 O O   . HOH E 4 .  ? -3.393  7.298   15.501  1.00 43.10  ? 403  HOH A O   1 
HETATM 1627 O O   . HOH E 4 .  ? 1.016   11.377  12.695  1.00 37.31  ? 404  HOH A O   1 
HETATM 1628 O O   . HOH E 4 .  ? -3.297  4.473   14.550  1.00 43.65  ? 405  HOH A O   1 
HETATM 1629 O O   . HOH E 4 .  ? -1.473  11.769  15.832  1.00 49.12  ? 406  HOH A O   1 
HETATM 1630 O O   . HOH E 4 .  ? -6.326  21.163  13.385  1.00 52.56  ? 408  HOH A O   1 
HETATM 1631 O O   . HOH E 4 .  ? -12.487 17.811  -1.581  1.00 51.19  ? 409  HOH A O   1 
HETATM 1632 O O   . HOH E 4 .  ? 0.766   26.058  -2.948  1.00 61.93  ? 414  HOH A O   1 
HETATM 1633 O O   . HOH E 4 .  ? 20.643  -2.717  4.003   1.00 76.42  ? 415  HOH A O   1 
HETATM 1634 O O   . HOH E 4 .  ? 16.255  -3.243  4.855   1.00 45.97  ? 417  HOH A O   1 
HETATM 1635 O O   . HOH E 4 .  ? 6.819   21.717  7.868   1.00 45.89  ? 418  HOH A O   1 
HETATM 1636 O O   . HOH E 4 .  ? 8.431   21.779  6.098   1.00 35.03  ? 419  HOH A O   1 
HETATM 1637 O O   . HOH E 4 .  ? -1.383  21.201  12.726  1.00 42.80  ? 420  HOH A O   1 
HETATM 1638 O O   . HOH E 4 .  ? -6.213  27.046  3.614   1.00 51.97  ? 421  HOH A O   1 
HETATM 1639 O O   . HOH E 4 .  ? -15.590 26.166  5.466   1.00 55.83  ? 423  HOH A O   1 
HETATM 1640 O O   . HOH E 4 .  ? -12.199 19.353  -1.434  1.00 50.41  ? 424  HOH A O   1 
HETATM 1641 O O   . HOH E 4 .  ? -18.949 22.984  7.600   1.00 60.12  ? 425  HOH A O   1 
HETATM 1642 O O   . HOH E 4 .  ? 21.356  2.759   1.128   1.00 64.71  ? 440  HOH A O   1 
HETATM 1643 O O   . HOH E 4 .  ? 2.763   28.198  4.666   1.00 61.16  ? 441  HOH A O   1 
HETATM 1644 O O   . HOH E 4 .  ? 14.796  -5.072  5.148   1.00 46.76  ? 444  HOH A O   1 
HETATM 1645 O O   . HOH E 4 .  ? 13.184  6.435   -8.228  1.00 40.44  ? 447  HOH A O   1 
HETATM 1646 O O   . HOH E 4 .  ? 10.853  5.215   -7.882  1.00 35.20  ? 450  HOH A O   1 
HETATM 1647 O O   . HOH E 4 .  ? 10.227  -4.803  5.224   1.00 29.38  ? 453  HOH A O   1 
HETATM 1648 O O   . HOH E 4 .  ? 12.045  -7.884  5.611   1.00 35.80  ? 454  HOH A O   1 
HETATM 1649 O O   . HOH E 4 .  ? 3.625   -12.013 5.131   1.00 50.58  ? 455  HOH A O   1 
HETATM 1650 O O   . HOH E 4 .  ? 8.487   -14.238 8.412   1.00 40.21  ? 459  HOH A O   1 
HETATM 1651 O O   . HOH E 4 .  ? 6.747   -13.708 10.292  1.00 46.63  ? 460  HOH A O   1 
HETATM 1652 O O   . HOH E 4 .  ? -11.325 15.616  -2.729  1.00 55.90  ? 466  HOH A O   1 
HETATM 1653 O O   . HOH E 4 .  ? -10.101 29.884  0.072   1.00 58.66  ? 467  HOH A O   1 
HETATM 1654 O O   . HOH E 4 .  ? -13.088 10.759  8.013   1.00 57.48  ? 468  HOH A O   1 
HETATM 1655 O O   . HOH E 4 .  ? -12.987 11.848  7.188   1.00 55.54  ? 469  HOH A O   1 
HETATM 1656 O O   . HOH E 4 .  ? -15.006 15.680  5.848   1.00 52.18  ? 470  HOH A O   1 
HETATM 1657 O O   . HOH E 4 .  ? 5.842   11.008  -8.039  1.00 52.75  ? 471  HOH A O   1 
HETATM 1658 O O   . HOH E 4 .  ? 5.481   28.330  -2.734  1.00 55.83  ? 482  HOH A O   1 
HETATM 1659 O O   . HOH E 4 .  ? 7.905   27.397  -0.771  1.00 54.62  ? 484  HOH A O   1 
HETATM 1660 O O   . HOH E 4 .  ? 15.885  -9.830  -11.260 1.00 49.57  ? 487  HOH A O   1 
HETATM 1661 O O   . HOH E 4 .  ? 5.399   21.395  -9.219  1.00 49.27  ? 496  HOH A O   1 
HETATM 1662 O O   . HOH E 4 .  ? -19.143 19.934  1.467   1.00 51.72  ? 497  HOH A O   1 
HETATM 1663 O O   . HOH E 4 .  ? -18.975 13.602  2.778   1.00 55.65  ? 498  HOH A O   1 
HETATM 1664 O O   . HOH E 4 .  ? -15.737 9.977   8.467   1.00 50.51  ? 499  HOH A O   1 
HETATM 1665 O O   . HOH E 4 .  ? 14.992  -7.185  7.689   1.00 67.80  ? 500  HOH A O   1 
HETATM 1666 O O   . HOH E 4 .  ? 5.028   -12.496 9.161   1.00 51.87  ? 502  HOH A O   1 
HETATM 1667 O O   . HOH E 4 .  ? 6.472   -12.656 6.566   1.00 53.39  ? 503  HOH A O   1 
HETATM 1668 O O   . HOH F 4 .  ? 18.655  2.319   -8.217  1.00 55.58  ? 305  HOH B O   1 
HETATM 1669 O O   . HOH F 4 .  ? 1.322   -13.306 -14.795 1.00 34.52  ? 314  HOH B O   1 
HETATM 1670 O O   . HOH F 4 .  ? -1.499  -5.153  -15.935 1.00 73.35  ? 319  HOH B O   1 
HETATM 1671 O O   . HOH F 4 .  ? -2.228  -19.763 -12.756 1.00 63.40  ? 330  HOH B O   1 
HETATM 1672 O O   . HOH F 4 .  ? -0.085  5.579   -12.404 1.00 31.00  ? 332  HOH B O   1 
HETATM 1673 O O   . HOH F 4 .  ? 11.364  -17.598 0.125   1.00 53.95  ? 352  HOH B O   1 
HETATM 1674 O O   . HOH F 4 .  ? -15.107 -8.319  -9.958  1.00 49.91  ? 355  HOH B O   1 
HETATM 1675 O O   . HOH F 4 .  ? 1.374   -23.287 1.749   1.00 55.89  ? 359  HOH B O   1 
HETATM 1676 O O   . HOH F 4 .  ? -14.588 -13.845 -12.270 1.00 32.95  ? 360  HOH B O   1 
HETATM 1677 O O   . HOH F 4 .  ? 11.593  -3.583  -15.415 1.00 51.28  ? 363  HOH B O   1 
HETATM 1678 O O   . HOH F 4 .  ? 5.589   1.573   -11.087 1.00 31.67  ? 364  HOH B O   1 
HETATM 1679 O O   . HOH F 4 .  ? 7.519   4.122   -12.771 1.00 32.23  ? 365  HOH B O   1 
HETATM 1680 O O   . HOH F 4 .  ? 11.486  5.207   -14.164 1.00 32.39  ? 366  HOH B O   1 
HETATM 1681 O O   . HOH F 4 .  ? 9.424   2.146   -15.881 1.00 60.26  ? 367  HOH B O   1 
HETATM 1682 O O   . HOH F 4 .  ? -4.750  -19.712 -13.043 1.00 26.37  ? 368  HOH B O   1 
HETATM 1683 O O   . HOH F 4 .  ? -0.162  7.243   -16.739 1.00 49.44  ? 369  HOH B O   1 
HETATM 1684 O O   . HOH F 4 .  ? 8.964   0.107   -13.861 1.00 45.39  ? 372  HOH B O   1 
HETATM 1685 O O   . HOH F 4 .  ? -0.774  -4.187  -15.950 1.00 45.70  ? 373  HOH B O   1 
HETATM 1686 O O   . HOH F 4 .  ? -8.341  -6.490  -13.716 1.00 33.94  ? 375  HOH B O   1 
HETATM 1687 O O   . HOH F 4 .  ? 0.528   -2.977  6.420   1.00 32.62  ? 376  HOH B O   1 
HETATM 1688 O O   . HOH F 4 .  ? 2.879   -3.835  4.904   1.00 26.28  ? 377  HOH B O   1 
HETATM 1689 O O   . HOH F 4 .  ? -5.310  -20.089 -9.465  1.00 32.24  ? 380  HOH B O   1 
HETATM 1690 O O   . HOH F 4 .  ? -2.444  -18.805 -11.910 1.00 37.88  ? 381  HOH B O   1 
HETATM 1691 O O   . HOH F 4 .  ? -0.487  -16.393 2.174   1.00 27.36  ? 385  HOH B O   1 
HETATM 1692 O O   . HOH F 4 .  ? -3.834  -12.651 1.509   1.00 23.31  ? 386  HOH B O   1 
HETATM 1693 O O   . HOH F 4 .  ? -14.988 -3.814  -5.937  1.00 41.68  ? 387  HOH B O   1 
HETATM 1694 O O   . HOH F 4 .  ? -20.456 -15.945 -3.960  1.00 52.58  ? 389  HOH B O   1 
HETATM 1695 O O   . HOH F 4 .  ? 2.775   -21.391 -0.100  1.00 60.22  ? 390  HOH B O   1 
HETATM 1696 O O   . HOH F 4 .  ? -2.814  -19.939 2.141   1.00 37.17  ? 391  HOH B O   1 
HETATM 1697 O O   . HOH F 4 .  ? 11.528  -12.459 -0.344  1.00 68.65  ? 393  HOH B O   1 
HETATM 1698 O O   . HOH F 4 .  ? 6.406   -18.207 3.983   1.00 56.16  ? 394  HOH B O   1 
HETATM 1699 O O   . HOH F 4 .  ? 10.907  -8.879  -0.334  1.00 37.24  ? 395  HOH B O   1 
HETATM 1700 O O   . HOH F 4 .  ? 20.472  5.281   -0.440  1.00 55.96  ? 396  HOH B O   1 
HETATM 1701 O O   . HOH F 4 .  ? 15.329  -12.721 -13.746 1.00 50.19  ? 442  HOH B O   1 
HETATM 1702 O O   . HOH F 4 .  ? 22.859  2.169   -2.982  1.00 75.13  ? 443  HOH B O   1 
HETATM 1703 O O   . HOH F 4 .  ? 11.640  0.253   -12.410 1.00 65.40  ? 445  HOH B O   1 
HETATM 1704 O O   . HOH F 4 .  ? 14.642  1.854   -11.771 1.00 63.56  ? 446  HOH B O   1 
HETATM 1705 O O   . HOH F 4 .  ? 4.907   0.232   -13.408 1.00 53.30  ? 448  HOH B O   1 
HETATM 1706 O O   . HOH F 4 .  ? 6.854   3.641   -14.837 1.00 51.22  ? 449  HOH B O   1 
HETATM 1707 O O   . HOH F 4 .  ? 1.718   8.854   -10.423 1.00 39.55  ? 451  HOH B O   1 
HETATM 1708 O O   . HOH F 4 .  ? -0.027  9.051   -12.111 1.00 53.90  ? 452  HOH B O   1 
HETATM 1709 O O   . HOH F 4 .  ? 4.409   -19.389 -2.731  1.00 37.32  ? 456  HOH B O   1 
HETATM 1710 O O   . HOH F 4 .  ? 1.830   -10.949 5.420   1.00 36.93  ? 458  HOH B O   1 
HETATM 1711 O O   . HOH F 4 .  ? 4.101   -15.723 2.443   1.00 62.78  ? 461  HOH B O   1 
HETATM 1712 O O   . HOH F 4 .  ? 6.380   -19.285 -4.657  1.00 40.89  ? 462  HOH B O   1 
HETATM 1713 O O   . HOH F 4 .  ? -1.217  -20.487 1.802   1.00 48.19  ? 463  HOH B O   1 
HETATM 1714 O O   . HOH F 4 .  ? -1.142  -15.634 4.386   1.00 50.30  ? 464  HOH B O   1 
HETATM 1715 O O   . HOH F 4 .  ? -4.619  2.214   -11.875 1.00 41.90  ? 465  HOH B O   1 
HETATM 1716 O O   . HOH F 4 .  ? -9.403  -13.717 -18.146 1.00 31.37  ? 472  HOH B O   1 
HETATM 1717 O O   . HOH F 4 .  ? 2.803   12.076  -14.473 1.00 66.51  ? 473  HOH B O   1 
HETATM 1718 O O   . HOH F 4 .  ? 2.965   -7.652  -15.538 1.00 35.51  ? 474  HOH B O   1 
HETATM 1719 O O   . HOH F 4 .  ? 2.303   -8.240  -19.715 1.00 70.42  ? 475  HOH B O   1 
HETATM 1720 O O   . HOH F 4 .  ? 1.557   10.236  -15.310 1.00 43.57  ? 476  HOH B O   1 
HETATM 1721 O O   . HOH F 4 .  ? -9.465  -11.778 -19.961 1.00 56.23  ? 477  HOH B O   1 
HETATM 1722 O O   . HOH F 4 .  ? -11.705 -9.323  -14.846 1.00 47.69  ? 478  HOH B O   1 
HETATM 1723 O O   . HOH F 4 .  ? -12.073 -8.273  -10.495 1.00 59.18  ? 479  HOH B O   1 
HETATM 1724 O O   . HOH F 4 .  ? -7.646  -3.666  -9.948  1.00 39.13  ? 480  HOH B O   1 
HETATM 1725 O O   . HOH F 4 .  ? -14.670 -9.177  -15.374 1.00 52.35  ? 481  HOH B O   1 
HETATM 1726 O O   . HOH F 4 .  ? 7.650   -18.990 -11.463 1.00 42.86  ? 483  HOH B O   1 
HETATM 1727 O O   . HOH F 4 .  ? 18.971  -1.865  -3.735  1.00 50.65  ? 485  HOH B O   1 
HETATM 1728 O O   . HOH F 4 .  ? 9.538   -10.499 -15.116 1.00 67.97  ? 486  HOH B O   1 
HETATM 1729 O O   . HOH F 4 .  ? 5.939   -7.364  -14.578 1.00 49.30  ? 488  HOH B O   1 
HETATM 1730 O O   . HOH F 4 .  ? 12.702  -11.972 -11.653 1.00 43.77  ? 489  HOH B O   1 
HETATM 1731 O O   . HOH F 4 .  ? -11.562 -12.003 -17.928 1.00 64.31  ? 490  HOH B O   1 
HETATM 1732 O O   . HOH F 4 .  ? -10.333 -7.453  -11.826 1.00 32.79  ? 491  HOH B O   1 
HETATM 1733 O O   . HOH F 4 .  ? -20.962 -27.027 0.622   1.00 55.40  ? 492  HOH B O   1 
HETATM 1734 O O   . HOH F 4 .  ? -21.109 -11.546 -9.016  1.00 70.89  ? 493  HOH B O   1 
HETATM 1735 O O   . HOH F 4 .  ? -16.907 -18.297 -13.621 1.00 53.42  ? 494  HOH B O   1 
HETATM 1736 O O   . HOH F 4 .  ? 6.782   -20.218 0.436   1.00 46.19  ? 495  HOH B O   1 
HETATM 1737 O O   . HOH F 4 .  ? 23.316  5.747   -0.262  1.00 51.92  ? 501  HOH B O   1 
HETATM 1738 O O   . HOH F 4 .  ? -16.678 -10.959 9.447   1.00 53.16  ? 504  HOH B O   1 
HETATM 1739 O O   . HOH F 4 .  ? -14.107 -13.897 10.820  1.00 48.48  ? 506  HOH B O   1 
HETATM 1740 O O   . HOH G 4 .  ? -6.335  1.091   2.215   1.00 30.40  ? 301  HOH T O   1 
HETATM 1741 O O   . HOH G 4 .  ? -11.385 -10.322 11.609  1.00 62.09  ? 388  HOH T O   1 
# 
